data_5NXB
#
_entry.id   5NXB
#
_cell.length_a   187.183
_cell.length_b   187.183
_cell.length_c   360.240
_cell.angle_alpha   90.00
_cell.angle_beta   90.00
_cell.angle_gamma   120.00
#
_symmetry.space_group_name_H-M   'P 62 2 2'
#
loop_
_entity.id
_entity.type
_entity.pdbx_description
1 polymer Galactocerebrosidase
2 polymer Prosaposin
3 branched 2-acetamido-2-deoxy-beta-D-glucopyranose-(1-4)-2-acetamido-2-deoxy-beta-D-glucopyranose
4 branched beta-D-mannopyranose-(1-4)-2-acetamido-2-deoxy-beta-D-glucopyranose-(1-4)-2-acetamido-2-deoxy-beta-D-glucopyranose
5 non-polymer 2-acetamido-2-deoxy-beta-D-glucopyranose
6 non-polymer 'CALCIUM ION'
#
loop_
_entity_poly.entity_id
_entity_poly.type
_entity_poly.pdbx_seq_one_letter_code
_entity_poly.pdbx_strand_id
1 'polypeptide(L)'
;HHHHHHIEGRGAYVLDDSDGLGREFDGIGAVSGGGATSRLLVNYPEPYRSEILDYLFKPNFGASLHILKVEIGGDGQTTD
GTEPSHMHYELDENYFRGYEWWLMKEAKKRNPDIILMGLPWSFPGWLGKGFSWPYVNLQLTAYYVVRWILGAKHYHDLDI
DYIGIWNERPFDANYIKELRKMLDYQGLQRVRIIASDNLWEPISSSLLLDQELWKVVDVIGAHYPGTYTVWNAKMSGKKL
WSSEDFSTINSNVGAGCWSRILNQNYINGNMTSTIAWNLVASYYEELPYGRSGLMTAQEPWSGHYVVASPIWVSAHTTQF
TQPGWYYLKTVGHLEKGGSYVALTDGLGNLTIIIETMSHQHSMCIRPYLPYYNVSHQLATFTLKGSLREIQELQVWYTKL
GTPQQRLHFKQLDTLWLLDGSGSFTLELEEDEIFTLTTLTTGRKGSYPPPPSSKPFPTNYKDDFNVEYPLFSEAPNFADQ
TGVFEYYMNNEDREHRFTLRQVLNQRPITWAADASSTISVIGDHHWTNMTVQCDVYIETPRSGGVFIAGRVNKGGILIRS
ATGVFFWIFANGSYRVTADLGGWITYASGHADVTAKRWYTLTLGIKGYFAFGMLNGTILWKNVRVKYPGHGWAAIGTHTF
EFAQFDNFRVEAAR
;
A,B
2 'polypeptide(L)'
;MGKSLPCDICKTVVTEAGNLLKDNATQEEILHYLEKTCEWIHDSSLSASCKEVVDSYLPVILDMIKGEMSNPGEVCSALN
LCQSLQE
;
C,D
#
loop_
_chem_comp.id
_chem_comp.type
_chem_comp.name
_chem_comp.formula
BMA D-saccharide, beta linking beta-D-mannopyranose 'C6 H12 O6'
CA non-polymer 'CALCIUM ION' 'Ca 2'
NAG D-saccharide, beta linking 2-acetamido-2-deoxy-beta-D-glucopyranose 'C8 H15 N O6'
#
# COMPACT_ATOMS: atom_id res chain seq x y z
N GLY A 11 -10.27 46.59 5.92
CA GLY A 11 -10.02 45.64 6.99
C GLY A 11 -9.04 46.16 8.01
N ALA A 12 -9.54 46.47 9.23
CA ALA A 12 -8.71 46.95 10.32
C ALA A 12 -8.55 45.84 11.37
N TYR A 13 -7.31 45.48 11.72
CA TYR A 13 -7.02 44.44 12.72
C TYR A 13 -6.47 45.07 13.99
N VAL A 14 -7.18 44.88 15.11
CA VAL A 14 -6.78 45.45 16.39
C VAL A 14 -5.81 44.58 17.15
N LEU A 15 -4.67 45.15 17.56
CA LEU A 15 -3.70 44.47 18.41
C LEU A 15 -3.74 45.16 19.77
N ASP A 16 -4.03 44.40 20.84
CA ASP A 16 -4.21 44.97 22.17
C ASP A 16 -3.89 43.99 23.31
N ASP A 17 -3.38 44.52 24.42
CA ASP A 17 -3.05 43.75 25.62
C ASP A 17 -3.93 44.21 26.79
N SER A 18 -4.98 45.00 26.52
CA SER A 18 -5.85 45.56 27.54
C SER A 18 -6.74 44.54 28.22
N ASP A 19 -7.19 43.52 27.47
CA ASP A 19 -8.00 42.47 28.05
C ASP A 19 -7.14 41.30 28.58
N GLY A 20 -5.82 41.51 28.59
CA GLY A 20 -4.89 40.49 29.04
C GLY A 20 -4.14 39.82 27.91
N LEU A 21 -3.47 38.70 28.21
CA LEU A 21 -2.63 38.00 27.25
C LEU A 21 -3.10 36.61 26.88
N GLY A 22 -2.56 36.10 25.77
CA GLY A 22 -2.80 34.74 25.30
C GLY A 22 -1.92 33.75 26.05
N ARG A 23 -1.56 32.66 25.38
CA ARG A 23 -0.72 31.64 26.00
C ARG A 23 0.76 32.00 25.97
N GLU A 24 1.53 31.42 26.90
CA GLU A 24 2.98 31.60 26.95
C GLU A 24 3.63 30.84 25.78
N PHE A 25 4.48 31.52 25.02
CA PHE A 25 5.23 30.95 23.89
C PHE A 25 6.37 30.08 24.45
N ASP A 26 6.51 28.85 23.94
CA ASP A 26 7.50 27.90 24.45
C ASP A 26 8.75 27.70 23.58
N GLY A 27 8.71 28.15 22.33
CA GLY A 27 9.89 28.09 21.47
C GLY A 27 9.76 27.29 20.20
N ILE A 28 10.67 27.55 19.26
CA ILE A 28 10.76 26.82 17.99
C ILE A 28 12.00 25.92 18.05
N GLY A 29 11.85 24.67 17.61
CA GLY A 29 12.96 23.73 17.60
C GLY A 29 13.04 22.81 16.41
N ALA A 30 13.99 21.88 16.44
CA ALA A 30 14.21 20.87 15.41
C ALA A 30 14.71 19.53 16.01
N VAL A 31 14.54 18.44 15.25
CA VAL A 31 14.93 17.10 15.70
C VAL A 31 16.21 16.60 15.03
N SER A 32 17.13 16.08 15.85
CA SER A 32 18.28 15.34 15.33
C SER A 32 18.03 13.89 15.78
N GLY A 33 17.81 13.01 14.82
CA GLY A 33 17.51 11.62 15.10
C GLY A 33 16.29 11.15 14.38
N GLY A 34 15.93 9.89 14.60
CA GLY A 34 14.83 9.23 13.92
C GLY A 34 14.93 9.32 12.39
N GLY A 35 16.03 8.86 11.79
CA GLY A 35 17.17 8.21 12.45
C GLY A 35 18.46 8.43 11.70
N ALA A 36 19.55 8.76 12.41
CA ALA A 36 20.88 9.02 11.82
C ALA A 36 20.83 10.19 10.81
N THR A 37 20.03 11.24 11.12
CA THR A 37 19.86 12.41 10.24
C THR A 37 21.07 13.34 10.25
N SER A 38 21.85 13.28 11.33
CA SER A 38 23.05 14.12 11.48
C SER A 38 24.33 13.34 11.17
N ARG A 39 24.20 12.12 10.64
CA ARG A 39 25.29 11.17 10.40
C ARG A 39 26.53 11.74 9.69
N LEU A 40 26.32 12.47 8.58
CA LEU A 40 27.42 13.00 7.75
C LEU A 40 27.95 14.38 8.17
N LEU A 41 27.39 14.96 9.23
CA LEU A 41 27.84 16.27 9.66
C LEU A 41 29.15 16.20 10.42
N VAL A 42 29.32 15.15 11.22
CA VAL A 42 30.45 14.98 12.13
C VAL A 42 31.83 15.04 11.46
N ASN A 43 31.94 14.55 10.22
CA ASN A 43 33.23 14.51 9.51
C ASN A 43 33.43 15.66 8.51
N TYR A 44 32.68 16.77 8.67
CA TYR A 44 32.91 17.96 7.86
C TYR A 44 34.22 18.59 8.32
N PRO A 45 35.03 19.08 7.36
CA PRO A 45 36.26 19.77 7.75
C PRO A 45 35.92 21.14 8.33
N GLU A 46 36.82 21.68 9.15
CA GLU A 46 36.64 23.04 9.64
C GLU A 46 37.08 23.95 8.50
N PRO A 47 36.54 25.17 8.38
CA PRO A 47 35.61 25.86 9.29
C PRO A 47 34.15 25.54 9.04
N TYR A 48 33.87 24.80 7.98
CA TYR A 48 32.53 24.52 7.50
C TYR A 48 31.62 23.90 8.51
N ARG A 49 32.13 22.88 9.26
CA ARG A 49 31.33 22.22 10.29
C ARG A 49 30.81 23.26 11.31
N SER A 50 31.72 24.13 11.78
CA SER A 50 31.42 25.17 12.77
C SER A 50 30.50 26.25 12.20
N GLU A 51 30.61 26.54 10.90
CA GLU A 51 29.76 27.51 10.20
C GLU A 51 28.33 27.00 10.17
N ILE A 52 28.15 25.72 9.78
CA ILE A 52 26.85 25.06 9.74
C ILE A 52 26.18 25.15 11.11
N LEU A 53 26.93 24.82 12.17
CA LEU A 53 26.43 24.85 13.53
C LEU A 53 25.96 26.25 13.93
N ASP A 54 26.66 27.29 13.46
CA ASP A 54 26.29 28.69 13.69
C ASP A 54 24.97 29.08 13.00
N TYR A 55 24.81 28.69 11.72
CA TYR A 55 23.57 28.94 11.00
C TYR A 55 22.37 28.32 11.73
N LEU A 56 22.61 27.22 12.46
CA LEU A 56 21.57 26.52 13.20
C LEU A 56 21.33 27.07 14.60
N PHE A 57 22.41 27.32 15.37
CA PHE A 57 22.29 27.60 16.78
C PHE A 57 22.74 28.96 17.28
N LYS A 58 23.62 29.65 16.54
CA LYS A 58 24.10 30.97 16.96
C LYS A 58 22.97 31.99 16.99
N PRO A 59 22.78 32.61 18.19
CA PRO A 59 21.73 33.64 18.36
C PRO A 59 21.95 34.85 17.48
N ASN A 60 20.85 35.45 16.97
CA ASN A 60 20.88 36.64 16.09
C ASN A 60 21.82 36.44 14.90
N PHE A 61 21.73 35.29 14.25
CA PHE A 61 22.56 34.94 13.11
C PHE A 61 21.74 34.23 12.02
N GLY A 62 21.38 32.97 12.29
CA GLY A 62 20.60 32.16 11.37
C GLY A 62 19.28 31.71 11.97
N ALA A 63 19.04 30.39 11.93
CA ALA A 63 17.81 29.80 12.46
C ALA A 63 17.66 30.07 13.94
N SER A 64 18.78 30.35 14.66
CA SER A 64 18.78 30.75 16.06
C SER A 64 17.76 29.95 16.88
N LEU A 65 17.78 28.60 16.78
CA LEU A 65 16.80 27.70 17.38
C LEU A 65 16.76 27.77 18.91
N HIS A 66 15.53 27.73 19.46
CA HIS A 66 15.23 27.77 20.91
C HIS A 66 15.29 26.37 21.55
N ILE A 67 15.02 25.33 20.75
CA ILE A 67 14.91 23.94 21.21
C ILE A 67 15.68 22.97 20.32
N LEU A 68 16.35 21.98 20.94
CA LEU A 68 16.99 20.87 20.22
C LEU A 68 16.47 19.56 20.80
N LYS A 69 15.81 18.75 19.97
CA LYS A 69 15.27 17.46 20.38
C LYS A 69 16.12 16.34 19.75
N VAL A 70 16.62 15.42 20.58
CA VAL A 70 17.47 14.33 20.10
C VAL A 70 16.87 12.95 20.35
N GLU A 71 17.22 11.97 19.50
CA GLU A 71 16.82 10.59 19.70
C GLU A 71 17.74 9.98 20.77
N ILE A 72 17.15 9.19 21.68
CA ILE A 72 17.92 8.39 22.63
C ILE A 72 18.12 7.05 21.90
N GLY A 73 19.28 6.90 21.26
CA GLY A 73 19.62 5.72 20.46
C GLY A 73 19.28 4.40 21.13
N GLY A 74 18.66 3.49 20.37
CA GLY A 74 18.26 2.20 20.90
C GLY A 74 18.76 1.01 20.12
N ASP A 75 19.73 1.25 19.19
CA ASP A 75 20.39 0.26 18.31
C ASP A 75 19.55 -0.20 17.11
N GLY A 76 18.30 0.25 17.03
CA GLY A 76 17.42 -0.12 15.93
C GLY A 76 17.41 0.88 14.80
N GLN A 77 16.92 0.45 13.61
CA GLN A 77 16.78 1.31 12.43
C GLN A 77 15.63 2.29 12.73
N THR A 78 15.87 3.62 12.57
CA THR A 78 14.85 4.57 12.97
C THR A 78 14.48 5.64 11.92
N THR A 79 14.78 5.38 10.60
CA THR A 79 14.34 6.06 9.35
C THR A 79 15.45 6.16 8.29
N ASP A 80 16.63 6.64 8.66
CA ASP A 80 17.76 6.78 7.72
C ASP A 80 19.02 6.10 8.25
N GLY A 81 18.83 5.17 9.18
CA GLY A 81 19.91 4.44 9.80
C GLY A 81 19.64 4.06 11.24
N THR A 82 20.62 3.40 11.88
CA THR A 82 20.52 3.01 13.29
C THR A 82 21.30 4.04 14.12
N GLU A 83 20.94 4.19 15.41
CA GLU A 83 21.67 5.08 16.33
C GLU A 83 22.10 4.28 17.57
N PRO A 84 23.40 4.37 17.96
CA PRO A 84 23.92 3.54 19.06
C PRO A 84 23.36 3.87 20.43
N SER A 85 23.06 2.82 21.20
CA SER A 85 22.53 2.94 22.55
C SER A 85 23.66 3.08 23.56
N HIS A 86 23.35 3.63 24.75
CA HIS A 86 24.32 3.73 25.85
C HIS A 86 24.47 2.38 26.55
N MET A 87 23.52 1.45 26.31
CA MET A 87 23.53 0.11 26.89
C MET A 87 23.22 -0.95 25.83
N HIS A 88 24.24 -1.41 25.09
CA HIS A 88 24.06 -2.43 24.04
C HIS A 88 23.55 -3.73 24.64
N TYR A 89 24.05 -4.07 25.84
CA TYR A 89 23.71 -5.30 26.55
C TYR A 89 23.42 -4.95 28.00
N GLU A 90 22.81 -5.84 28.77
CA GLU A 90 22.66 -5.57 30.21
C GLU A 90 24.08 -5.55 30.74
N LEU A 91 24.36 -4.76 31.78
CA LEU A 91 25.70 -4.63 32.37
C LEU A 91 26.67 -3.81 31.50
N ASP A 92 26.19 -3.28 30.38
CA ASP A 92 27.02 -2.43 29.55
C ASP A 92 26.59 -0.99 29.70
N GLU A 93 27.54 -0.08 29.93
CA GLU A 93 27.23 1.36 30.00
C GLU A 93 28.34 2.15 29.33
N ASN A 94 27.97 3.01 28.36
CA ASN A 94 28.93 3.84 27.65
C ASN A 94 28.24 5.11 27.22
N TYR A 95 28.73 6.25 27.69
CA TYR A 95 28.05 7.52 27.42
C TYR A 95 28.78 8.37 26.37
N PHE A 96 29.53 7.69 25.48
CA PHE A 96 30.33 8.36 24.47
C PHE A 96 30.14 7.79 23.04
N ARG A 97 29.04 7.08 22.82
CA ARG A 97 28.76 6.55 21.49
C ARG A 97 27.94 7.55 20.69
N GLY A 98 28.06 7.51 19.36
CA GLY A 98 27.25 8.36 18.50
C GLY A 98 27.63 9.83 18.46
N TYR A 99 26.69 10.65 18.02
CA TYR A 99 26.93 12.07 17.78
C TYR A 99 25.96 13.02 18.47
N GLU A 100 24.95 12.49 19.17
CA GLU A 100 23.98 13.35 19.83
C GLU A 100 24.57 14.10 21.02
N TRP A 101 25.50 13.48 21.77
CA TRP A 101 26.16 14.14 22.89
C TRP A 101 26.93 15.34 22.37
N TRP A 102 27.73 15.13 21.31
CA TRP A 102 28.54 16.17 20.66
C TRP A 102 27.65 17.30 20.15
N LEU A 103 26.54 16.94 19.48
CA LEU A 103 25.63 17.94 18.93
C LEU A 103 25.03 18.82 20.00
N MET A 104 24.54 18.20 21.09
CA MET A 104 23.96 18.94 22.21
C MET A 104 24.98 19.90 22.82
N LYS A 105 26.25 19.46 22.96
CA LYS A 105 27.31 20.31 23.50
C LYS A 105 27.65 21.48 22.56
N GLU A 106 27.62 21.25 21.24
CA GLU A 106 27.89 22.29 20.26
C GLU A 106 26.79 23.33 20.27
N ALA A 107 25.54 22.86 20.42
CA ALA A 107 24.36 23.73 20.47
C ALA A 107 24.43 24.59 21.72
N LYS A 108 24.76 23.94 22.85
CA LYS A 108 24.83 24.60 24.14
C LYS A 108 25.95 25.66 24.21
N LYS A 109 27.09 25.41 23.53
CA LYS A 109 28.20 26.38 23.47
C LYS A 109 27.76 27.68 22.82
N ARG A 110 26.92 27.58 21.76
CA ARG A 110 26.43 28.73 21.00
C ARG A 110 25.29 29.42 21.73
N ASN A 111 24.37 28.62 22.26
CA ASN A 111 23.24 29.13 22.98
C ASN A 111 23.04 28.36 24.28
N PRO A 112 23.56 28.91 25.38
CA PRO A 112 23.43 28.24 26.70
C PRO A 112 22.00 28.13 27.22
N ASP A 113 21.09 28.95 26.68
CA ASP A 113 19.68 28.93 27.06
C ASP A 113 18.84 28.01 26.15
N ILE A 114 19.51 27.22 25.31
CA ILE A 114 18.79 26.30 24.45
C ILE A 114 18.07 25.23 25.29
N ILE A 115 16.88 24.81 24.86
CA ILE A 115 16.10 23.79 25.55
C ILE A 115 16.44 22.41 24.96
N LEU A 116 16.73 21.43 25.84
CA LEU A 116 17.10 20.09 25.41
C LEU A 116 16.02 19.03 25.69
N MET A 117 15.72 18.20 24.68
CA MET A 117 14.74 17.13 24.78
C MET A 117 15.32 15.81 24.27
N GLY A 118 14.94 14.72 24.95
CA GLY A 118 15.33 13.36 24.57
C GLY A 118 14.10 12.50 24.39
N LEU A 119 14.16 11.55 23.43
CA LEU A 119 13.05 10.65 23.15
C LEU A 119 13.52 9.35 22.50
N PRO A 120 13.13 8.18 23.05
CA PRO A 120 13.49 6.91 22.39
C PRO A 120 12.57 6.55 21.20
N TRP A 121 13.18 6.01 20.13
CA TRP A 121 12.45 5.45 18.98
C TRP A 121 12.49 3.92 19.16
N SER A 122 13.72 3.35 19.33
CA SER A 122 13.93 1.92 19.52
C SER A 122 14.56 1.68 20.90
N PHE A 123 14.61 0.41 21.30
CA PHE A 123 15.23 0.01 22.56
C PHE A 123 16.07 -1.23 22.33
N PRO A 124 17.17 -1.42 23.08
CA PRO A 124 17.95 -2.66 22.92
C PRO A 124 17.08 -3.87 23.30
N GLY A 125 17.24 -4.96 22.56
CA GLY A 125 16.43 -6.16 22.73
C GLY A 125 16.40 -6.77 24.13
N TRP A 126 17.52 -6.63 24.88
CA TRP A 126 17.60 -7.20 26.23
C TRP A 126 16.57 -6.65 27.20
N LEU A 127 16.08 -5.43 26.98
CA LEU A 127 15.08 -4.82 27.85
C LEU A 127 13.73 -5.54 27.74
N GLY A 128 13.57 -6.32 26.67
CA GLY A 128 12.32 -7.02 26.38
C GLY A 128 12.18 -8.33 27.12
N LYS A 129 13.30 -8.87 27.61
CA LYS A 129 13.32 -10.13 28.35
C LYS A 129 12.55 -11.25 27.65
N GLY A 130 12.75 -11.37 26.34
CA GLY A 130 12.07 -12.40 25.57
C GLY A 130 10.99 -11.90 24.62
N PHE A 131 10.58 -10.64 24.78
CA PHE A 131 9.56 -10.05 23.93
C PHE A 131 10.06 -8.80 23.26
N SER A 132 9.44 -8.42 22.15
CA SER A 132 9.81 -7.17 21.49
C SER A 132 8.86 -6.08 22.08
N TRP A 133 8.96 -5.86 23.40
CA TRP A 133 8.06 -4.95 24.10
C TRP A 133 8.76 -4.27 25.28
N PRO A 134 8.72 -2.92 25.33
CA PRO A 134 9.43 -2.18 26.39
C PRO A 134 8.66 -2.03 27.72
N TYR A 135 7.44 -2.53 27.77
CA TYR A 135 6.64 -2.43 28.97
C TYR A 135 6.58 -3.73 29.75
N VAL A 136 7.54 -4.65 29.50
CA VAL A 136 7.61 -5.93 30.22
C VAL A 136 7.99 -5.68 31.70
N ASN A 137 8.97 -4.79 31.94
CA ASN A 137 9.37 -4.38 33.29
C ASN A 137 9.49 -2.87 33.23
N LEU A 138 8.44 -2.19 33.72
CA LEU A 138 8.35 -0.73 33.72
C LEU A 138 9.52 -0.07 34.37
N GLN A 139 9.87 -0.53 35.57
CA GLN A 139 10.96 0.04 36.36
C GLN A 139 12.28 -0.06 35.60
N LEU A 140 12.53 -1.21 34.96
CA LEU A 140 13.77 -1.45 34.23
C LEU A 140 13.91 -0.51 33.02
N THR A 141 12.84 -0.39 32.23
CA THR A 141 12.83 0.52 31.09
C THR A 141 13.03 1.97 31.55
N ALA A 142 12.36 2.36 32.66
CA ALA A 142 12.51 3.71 33.19
C ALA A 142 13.94 3.95 33.69
N TYR A 143 14.55 2.92 34.29
CA TYR A 143 15.93 3.00 34.75
C TYR A 143 16.90 3.21 33.56
N TYR A 144 16.68 2.49 32.44
CA TYR A 144 17.47 2.64 31.21
C TYR A 144 17.42 4.11 30.71
N VAL A 145 16.19 4.66 30.58
CA VAL A 145 15.99 6.03 30.11
C VAL A 145 16.63 7.05 31.07
N VAL A 146 16.37 6.90 32.37
CA VAL A 146 16.88 7.84 33.38
C VAL A 146 18.41 7.81 33.43
N ARG A 147 19.04 6.63 33.15
CA ARG A 147 20.50 6.52 33.08
C ARG A 147 21.04 7.43 32.00
N TRP A 148 20.32 7.52 30.87
CA TRP A 148 20.72 8.40 29.79
C TRP A 148 20.73 9.86 30.24
N ILE A 149 19.69 10.27 30.99
CA ILE A 149 19.55 11.64 31.47
C ILE A 149 20.67 11.97 32.42
N LEU A 150 20.95 11.05 33.35
CA LEU A 150 22.02 11.21 34.35
C LEU A 150 23.39 11.29 33.70
N GLY A 151 23.61 10.44 32.68
CA GLY A 151 24.85 10.42 31.90
C GLY A 151 25.10 11.74 31.20
N ALA A 152 24.02 12.34 30.63
CA ALA A 152 24.09 13.63 29.95
C ALA A 152 24.66 14.68 30.90
N LYS A 153 24.18 14.68 32.14
CA LYS A 153 24.66 15.58 33.16
C LYS A 153 26.07 15.23 33.62
N HIS A 154 26.29 13.99 34.05
CA HIS A 154 27.54 13.56 34.63
C HIS A 154 28.74 13.59 33.69
N TYR A 155 28.56 13.21 32.42
CA TYR A 155 29.69 13.14 31.51
C TYR A 155 29.81 14.32 30.57
N HIS A 156 28.73 15.05 30.33
CA HIS A 156 28.77 16.12 29.35
C HIS A 156 28.30 17.49 29.86
N ASP A 157 27.90 17.58 31.15
CA ASP A 157 27.37 18.79 31.77
C ASP A 157 26.13 19.29 31.02
N LEU A 158 25.25 18.36 30.63
CA LEU A 158 24.03 18.69 29.91
C LEU A 158 22.82 18.48 30.79
N ASP A 159 21.95 19.51 30.85
CA ASP A 159 20.69 19.39 31.57
C ASP A 159 19.59 19.10 30.57
N ILE A 160 19.02 17.89 30.66
CA ILE A 160 17.90 17.53 29.78
C ILE A 160 16.64 18.15 30.39
N ASP A 161 15.92 18.96 29.59
CA ASP A 161 14.73 19.67 30.07
C ASP A 161 13.45 18.86 29.95
N TYR A 162 13.32 18.09 28.87
CA TYR A 162 12.13 17.28 28.59
C TYR A 162 12.43 15.85 28.24
N ILE A 163 11.60 14.92 28.71
CA ILE A 163 11.71 13.49 28.38
C ILE A 163 10.38 12.98 27.78
N GLY A 164 10.48 12.21 26.72
CA GLY A 164 9.33 11.62 26.05
C GLY A 164 9.11 10.17 26.43
N ILE A 165 8.13 9.52 25.80
CA ILE A 165 7.78 8.14 26.14
C ILE A 165 8.32 7.15 25.11
N TRP A 166 7.59 6.93 23.99
CA TRP A 166 7.99 6.03 22.92
C TRP A 166 7.47 6.59 21.59
N ASN A 167 8.41 7.12 20.77
CA ASN A 167 8.08 7.82 19.51
C ASN A 167 7.08 7.12 18.61
N GLU A 168 5.91 7.75 18.44
CA GLU A 168 4.84 7.28 17.56
C GLU A 168 4.41 5.86 17.86
N ARG A 169 4.50 5.46 19.12
CA ARG A 169 4.16 4.11 19.55
C ARG A 169 3.28 4.21 20.80
N PRO A 170 2.59 3.11 21.19
CA PRO A 170 1.70 3.20 22.36
C PRO A 170 2.39 3.59 23.65
N PHE A 171 1.66 4.30 24.51
CA PHE A 171 2.18 4.65 25.82
C PHE A 171 1.56 3.72 26.85
N ASP A 172 2.19 3.60 28.02
CA ASP A 172 1.63 2.83 29.12
C ASP A 172 1.47 3.84 30.25
N ALA A 173 0.25 4.01 30.76
CA ALA A 173 -0.01 5.01 31.80
C ALA A 173 0.82 4.78 33.04
N ASN A 174 0.98 3.51 33.42
CA ASN A 174 1.77 3.11 34.57
C ASN A 174 3.24 3.39 34.33
N TYR A 175 3.74 3.20 33.10
CA TYR A 175 5.13 3.52 32.79
C TYR A 175 5.35 5.01 33.01
N ILE A 176 4.43 5.86 32.49
CA ILE A 176 4.57 7.31 32.63
C ILE A 176 4.69 7.69 34.10
N LYS A 177 3.80 7.11 34.92
CA LYS A 177 3.79 7.36 36.35
C LYS A 177 5.09 6.89 37.01
N GLU A 178 5.57 5.70 36.64
CA GLU A 178 6.80 5.09 37.18
C GLU A 178 8.01 5.92 36.80
N LEU A 179 8.03 6.46 35.55
CA LEU A 179 9.09 7.32 35.03
C LEU A 179 9.18 8.59 35.87
N ARG A 180 8.02 9.18 36.24
CA ARG A 180 7.99 10.40 37.08
C ARG A 180 8.59 10.10 38.45
N LYS A 181 8.23 8.98 39.03
CA LYS A 181 8.71 8.53 40.34
C LYS A 181 10.23 8.37 40.32
N MET A 182 10.72 7.67 39.30
CA MET A 182 12.14 7.38 39.06
C MET A 182 12.94 8.67 38.91
N LEU A 183 12.42 9.63 38.11
CA LEU A 183 13.08 10.92 37.87
C LEU A 183 13.23 11.66 39.19
N ASP A 184 12.14 11.76 39.95
CA ASP A 184 12.14 12.46 41.23
C ASP A 184 13.12 11.81 42.19
N TYR A 185 13.12 10.47 42.25
CA TYR A 185 14.02 9.72 43.12
C TYR A 185 15.50 10.01 42.83
N GLN A 186 15.82 10.23 41.55
CA GLN A 186 17.18 10.49 41.13
C GLN A 186 17.54 11.98 41.17
N GLY A 187 16.69 12.78 41.81
CA GLY A 187 16.89 14.22 41.94
C GLY A 187 16.65 15.02 40.67
N LEU A 188 15.87 14.47 39.75
CA LEU A 188 15.59 15.13 38.49
C LEU A 188 14.15 15.65 38.46
N GLN A 189 13.73 16.32 39.55
CA GLN A 189 12.37 16.88 39.67
C GLN A 189 12.15 17.96 38.63
N ARG A 190 13.23 18.63 38.20
CA ARG A 190 13.18 19.69 37.20
C ARG A 190 12.86 19.17 35.79
N VAL A 191 13.14 17.88 35.53
CA VAL A 191 12.89 17.30 34.21
C VAL A 191 11.38 17.17 34.00
N ARG A 192 10.89 17.68 32.87
CA ARG A 192 9.46 17.59 32.56
C ARG A 192 9.14 16.46 31.56
N ILE A 193 7.91 15.92 31.65
CA ILE A 193 7.44 14.82 30.79
C ILE A 193 6.50 15.32 29.71
N ILE A 194 6.76 14.91 28.45
CA ILE A 194 5.92 15.20 27.30
C ILE A 194 5.35 13.87 26.77
N ALA A 195 4.05 13.85 26.50
CA ALA A 195 3.39 12.66 25.99
C ALA A 195 2.35 12.98 24.88
N SER A 196 2.11 12.04 23.94
CA SER A 196 2.77 10.74 23.85
C SER A 196 3.56 10.64 22.55
N ASP A 197 3.86 11.81 21.92
CA ASP A 197 4.59 11.92 20.66
C ASP A 197 3.95 11.06 19.58
N ASN A 198 2.62 11.19 19.48
CA ASN A 198 1.81 10.46 18.53
C ASN A 198 0.62 11.36 18.13
N LEU A 199 -0.63 10.90 18.30
CA LEU A 199 -1.80 11.71 17.97
C LEU A 199 -2.36 12.37 19.23
N TRP A 200 -3.40 13.23 19.09
CA TRP A 200 -4.04 13.87 20.24
C TRP A 200 -4.66 12.85 21.16
N GLU A 201 -5.13 11.76 20.57
CA GLU A 201 -5.72 10.67 21.32
C GLU A 201 -4.88 9.39 21.20
N PRO A 202 -4.90 8.51 22.22
CA PRO A 202 -5.74 8.53 23.43
C PRO A 202 -5.18 9.33 24.60
N ILE A 203 -4.01 10.01 24.44
CA ILE A 203 -3.41 10.73 25.55
C ILE A 203 -4.34 11.81 26.17
N SER A 204 -4.99 12.64 25.32
CA SER A 204 -5.84 13.74 25.77
C SER A 204 -7.00 13.29 26.66
N SER A 205 -7.75 12.28 26.22
CA SER A 205 -8.85 11.75 27.00
C SER A 205 -8.37 11.04 28.26
N SER A 206 -7.22 10.35 28.19
CA SER A 206 -6.63 9.64 29.34
C SER A 206 -6.31 10.62 30.48
N LEU A 207 -5.83 11.82 30.12
CA LEU A 207 -5.53 12.87 31.08
C LEU A 207 -6.80 13.39 31.77
N LEU A 208 -7.94 13.38 31.07
CA LEU A 208 -9.20 13.87 31.65
C LEU A 208 -9.84 12.84 32.55
N LEU A 209 -9.55 11.58 32.32
CA LEU A 209 -10.12 10.48 33.08
C LEU A 209 -9.28 10.03 34.26
N ASP A 210 -8.00 10.43 34.29
CA ASP A 210 -7.08 10.00 35.33
C ASP A 210 -6.33 11.19 35.93
N GLN A 211 -6.73 11.60 37.14
CA GLN A 211 -6.14 12.72 37.87
C GLN A 211 -4.64 12.49 38.10
N GLU A 212 -4.25 11.27 38.47
CA GLU A 212 -2.84 10.94 38.73
C GLU A 212 -1.97 11.08 37.49
N LEU A 213 -2.50 10.68 36.33
CA LEU A 213 -1.78 10.80 35.07
C LEU A 213 -1.70 12.26 34.68
N TRP A 214 -2.81 13.00 34.88
CA TRP A 214 -2.86 14.41 34.59
C TRP A 214 -1.74 15.15 35.34
N LYS A 215 -1.54 14.81 36.61
CA LYS A 215 -0.51 15.46 37.40
C LYS A 215 0.92 15.26 36.89
N VAL A 216 1.24 14.08 36.33
CA VAL A 216 2.63 13.75 35.91
C VAL A 216 3.00 14.17 34.48
N VAL A 217 2.00 14.48 33.63
CA VAL A 217 2.26 14.90 32.25
C VAL A 217 2.27 16.42 32.16
N ASP A 218 3.39 17.01 31.73
CA ASP A 218 3.51 18.46 31.67
C ASP A 218 3.05 19.04 30.34
N VAL A 219 3.33 18.32 29.24
CA VAL A 219 3.03 18.79 27.89
C VAL A 219 2.41 17.68 27.04
N ILE A 220 1.38 18.04 26.23
CA ILE A 220 0.80 17.11 25.25
C ILE A 220 1.50 17.40 23.92
N GLY A 221 2.30 16.44 23.46
CA GLY A 221 3.05 16.58 22.21
C GLY A 221 2.45 15.73 21.11
N ALA A 222 1.95 16.38 20.05
CA ALA A 222 1.33 15.70 18.93
C ALA A 222 2.16 15.84 17.66
N HIS A 223 2.07 14.85 16.77
CA HIS A 223 2.82 14.86 15.52
C HIS A 223 1.96 15.20 14.32
N TYR A 224 2.50 16.02 13.39
CA TYR A 224 1.88 16.43 12.12
C TYR A 224 0.36 16.72 12.28
N PRO A 225 0.00 17.69 13.16
CA PRO A 225 -1.42 17.94 13.47
C PRO A 225 -2.22 18.68 12.42
N GLY A 226 -1.52 19.26 11.43
CA GLY A 226 -2.15 20.09 10.41
C GLY A 226 -2.76 21.34 10.98
N THR A 227 -2.03 21.99 11.93
CA THR A 227 -2.35 23.25 12.63
C THR A 227 -3.52 23.16 13.63
N TYR A 228 -4.21 22.01 13.72
CA TYR A 228 -5.34 21.88 14.63
C TYR A 228 -5.11 20.96 15.79
N THR A 229 -5.90 21.18 16.86
CA THR A 229 -5.93 20.35 18.05
C THR A 229 -7.34 19.74 18.20
N VAL A 230 -7.63 19.14 19.36
CA VAL A 230 -8.92 18.52 19.65
C VAL A 230 -9.50 19.12 20.93
N TRP A 231 -10.81 18.97 21.16
CA TRP A 231 -11.45 19.52 22.34
C TRP A 231 -10.83 19.07 23.65
N ASN A 232 -10.60 17.77 23.81
CA ASN A 232 -10.01 17.21 25.01
C ASN A 232 -8.66 17.80 25.36
N ALA A 233 -7.86 18.16 24.35
CA ALA A 233 -6.54 18.74 24.59
C ALA A 233 -6.63 20.18 25.11
N LYS A 234 -7.54 21.00 24.53
CA LYS A 234 -7.76 22.38 24.99
C LYS A 234 -8.19 22.34 26.44
N MET A 235 -9.16 21.45 26.74
CA MET A 235 -9.75 21.24 28.05
C MET A 235 -8.81 20.78 29.12
N SER A 236 -7.76 20.05 28.74
CA SER A 236 -6.78 19.54 29.70
C SER A 236 -6.07 20.67 30.42
N GLY A 237 -5.97 21.82 29.77
CA GLY A 237 -5.27 22.96 30.33
C GLY A 237 -3.76 22.81 30.25
N LYS A 238 -3.29 21.76 29.55
CA LYS A 238 -1.86 21.52 29.36
C LYS A 238 -1.34 22.30 28.19
N LYS A 239 -0.02 22.52 28.20
CA LYS A 239 0.68 23.12 27.08
C LYS A 239 0.55 22.12 25.93
N LEU A 240 0.30 22.63 24.73
CA LEU A 240 0.16 21.79 23.54
C LEU A 240 1.25 22.13 22.58
N TRP A 241 2.04 21.12 22.16
CA TRP A 241 3.13 21.33 21.23
C TRP A 241 2.97 20.47 20.01
N SER A 242 3.40 20.97 18.85
CA SER A 242 3.51 20.16 17.66
C SER A 242 4.94 19.61 17.81
N SER A 243 5.09 18.50 18.59
CA SER A 243 6.41 17.96 18.95
C SER A 243 7.19 17.32 17.76
N GLU A 244 6.54 17.16 16.60
CA GLU A 244 7.17 16.76 15.35
C GLU A 244 6.32 17.24 14.18
N ASP A 245 6.91 18.03 13.28
CA ASP A 245 6.23 18.59 12.11
C ASP A 245 7.22 18.76 10.96
N PHE A 246 6.79 19.42 9.87
CA PHE A 246 7.61 19.71 8.68
C PHE A 246 7.87 18.46 7.79
N SER A 247 9.05 17.81 7.90
CA SER A 247 9.42 16.62 7.14
C SER A 247 9.23 16.76 5.63
N THR A 248 9.40 17.99 5.11
CA THR A 248 9.23 18.28 3.68
C THR A 248 10.56 18.73 3.08
N ILE A 249 10.81 18.45 1.78
CA ILE A 249 12.04 18.90 1.08
C ILE A 249 12.25 20.40 1.27
N ASN A 250 13.48 20.79 1.63
CA ASN A 250 13.81 22.18 1.96
C ASN A 250 13.88 23.12 0.74
N SER A 251 12.98 22.93 -0.24
CA SER A 251 12.80 23.82 -1.38
C SER A 251 12.00 25.05 -0.89
N ASN A 252 11.57 25.92 -1.82
CA ASN A 252 10.75 27.08 -1.47
C ASN A 252 9.37 26.59 -0.97
N VAL A 253 8.89 25.44 -1.50
CA VAL A 253 7.62 24.83 -1.11
C VAL A 253 7.71 24.40 0.36
N GLY A 254 8.81 23.73 0.71
CA GLY A 254 9.09 23.32 2.09
C GLY A 254 9.14 24.53 3.02
N ALA A 255 9.78 25.63 2.56
CA ALA A 255 9.87 26.86 3.32
C ALA A 255 8.49 27.51 3.57
N GLY A 256 7.60 27.42 2.58
CA GLY A 256 6.24 27.95 2.69
C GLY A 256 5.43 27.21 3.72
N CYS A 257 5.52 25.87 3.68
CA CYS A 257 4.87 24.94 4.61
C CYS A 257 5.25 25.32 6.04
N TRP A 258 6.56 25.49 6.28
CA TRP A 258 7.14 25.84 7.57
C TRP A 258 6.65 27.22 8.03
N SER A 259 6.67 28.19 7.12
CA SER A 259 6.17 29.55 7.39
C SER A 259 4.73 29.55 7.89
N ARG A 260 3.85 28.88 7.12
CA ARG A 260 2.42 28.82 7.43
C ARG A 260 2.10 28.13 8.74
N ILE A 261 2.74 26.96 9.00
CA ILE A 261 2.43 26.22 10.22
C ILE A 261 2.98 26.90 11.45
N LEU A 262 4.10 27.62 11.32
CA LEU A 262 4.69 28.33 12.46
C LEU A 262 3.68 29.31 13.07
N ASN A 263 2.96 30.06 12.22
CA ASN A 263 1.90 30.96 12.66
C ASN A 263 0.63 30.22 13.05
N GLN A 264 0.10 29.41 12.13
CA GLN A 264 -1.21 28.80 12.29
C GLN A 264 -1.30 27.66 13.32
N ASN A 265 -0.16 27.07 13.75
CA ASN A 265 -0.22 26.04 14.81
C ASN A 265 -0.76 26.67 16.10
N TYR A 266 -0.38 27.94 16.36
CA TYR A 266 -0.92 28.63 17.53
C TYR A 266 -2.32 29.15 17.25
N ILE A 267 -2.49 29.88 16.14
CA ILE A 267 -3.78 30.44 15.78
C ILE A 267 -4.90 29.40 15.77
N ASN A 268 -4.69 28.29 15.04
CA ASN A 268 -5.71 27.27 14.87
C ASN A 268 -5.72 26.20 15.93
N GLY A 269 -4.57 25.89 16.50
CA GLY A 269 -4.50 24.78 17.44
C GLY A 269 -3.98 25.05 18.84
N ASN A 270 -3.79 26.34 19.23
CA ASN A 270 -3.32 26.72 20.56
C ASN A 270 -1.96 26.09 20.89
N MET A 271 -1.19 25.75 19.85
CA MET A 271 0.11 25.13 20.02
C MET A 271 1.18 26.19 20.23
N THR A 272 1.88 26.11 21.37
CA THR A 272 2.85 27.12 21.78
C THR A 272 4.31 26.75 21.45
N SER A 273 4.51 25.60 20.78
CA SER A 273 5.80 25.17 20.25
C SER A 273 5.64 24.29 19.02
N THR A 274 6.56 24.45 18.04
CA THR A 274 6.62 23.63 16.82
C THR A 274 8.06 23.18 16.64
N ILE A 275 8.24 21.85 16.45
CA ILE A 275 9.56 21.22 16.31
C ILE A 275 9.66 20.51 14.95
N ALA A 276 10.62 20.94 14.12
CA ALA A 276 10.79 20.37 12.79
C ALA A 276 11.61 19.09 12.74
N TRP A 277 11.12 18.08 12.01
CA TRP A 277 11.95 16.94 11.66
C TRP A 277 12.36 17.25 10.20
N ASN A 278 13.65 17.40 9.90
CA ASN A 278 14.77 17.27 10.84
C ASN A 278 15.65 18.54 10.87
N LEU A 279 16.62 18.57 11.80
CA LEU A 279 17.53 19.70 12.00
C LEU A 279 18.33 20.10 10.76
N VAL A 280 19.02 19.14 10.15
CA VAL A 280 19.86 19.35 8.98
C VAL A 280 19.94 18.04 8.24
N ALA A 281 19.81 18.10 6.90
CA ALA A 281 19.90 16.89 6.09
C ALA A 281 21.36 16.48 5.90
N SER A 282 21.90 15.71 6.87
CA SER A 282 23.25 15.19 6.82
C SER A 282 23.20 13.65 6.68
N TYR A 283 22.45 13.17 5.69
CA TYR A 283 22.32 11.74 5.39
C TYR A 283 22.18 11.61 3.87
N TYR A 284 22.66 10.49 3.30
CA TYR A 284 22.59 10.25 1.85
C TYR A 284 21.18 10.57 1.34
N GLU A 285 21.08 11.47 0.33
CA GLU A 285 19.81 11.96 -0.22
C GLU A 285 18.88 10.85 -0.75
N GLU A 286 19.46 9.74 -1.18
CA GLU A 286 18.74 8.58 -1.71
C GLU A 286 18.15 7.70 -0.61
N LEU A 287 18.45 8.00 0.66
CA LEU A 287 17.82 7.33 1.80
C LEU A 287 16.42 7.99 1.97
N PRO A 288 15.46 7.33 2.69
CA PRO A 288 14.10 7.90 2.80
C PRO A 288 14.03 9.36 3.25
N TYR A 289 13.14 10.16 2.63
CA TYR A 289 12.92 11.57 2.95
C TYR A 289 14.18 12.45 2.80
N GLY A 290 14.98 12.18 1.77
CA GLY A 290 16.19 12.95 1.50
C GLY A 290 15.93 14.46 1.42
N ARG A 291 16.90 15.26 1.91
CA ARG A 291 16.83 16.74 1.92
C ARG A 291 15.61 17.34 2.68
N SER A 292 15.16 16.67 3.75
CA SER A 292 14.04 17.16 4.55
C SER A 292 14.47 17.79 5.90
N GLY A 293 15.59 18.53 5.87
CA GLY A 293 16.09 19.26 7.03
C GLY A 293 15.96 20.76 6.80
N LEU A 294 16.14 21.58 7.87
CA LEU A 294 16.05 23.04 7.71
C LEU A 294 17.10 23.58 6.74
N MET A 295 18.22 22.85 6.63
CA MET A 295 19.29 23.11 5.66
C MET A 295 19.91 21.80 5.20
N THR A 296 20.87 21.87 4.25
CA THR A 296 21.52 20.68 3.70
C THR A 296 23.03 20.65 3.94
N ALA A 297 23.55 19.50 4.42
CA ALA A 297 24.98 19.29 4.64
C ALA A 297 25.29 17.80 4.46
N GLN A 298 25.20 17.32 3.21
CA GLN A 298 25.37 15.90 2.89
C GLN A 298 26.66 15.55 2.14
N GLU A 299 27.67 16.43 2.21
CA GLU A 299 28.94 16.21 1.48
C GLU A 299 30.16 16.56 2.34
N PRO A 300 30.45 15.77 3.42
CA PRO A 300 31.62 16.09 4.24
C PRO A 300 32.95 16.02 3.48
N TRP A 301 32.99 15.19 2.44
CA TRP A 301 34.17 15.01 1.59
C TRP A 301 34.48 16.27 0.78
N SER A 302 33.48 17.11 0.51
CA SER A 302 33.70 18.34 -0.26
C SER A 302 33.63 19.63 0.57
N GLY A 303 32.84 19.61 1.64
CA GLY A 303 32.64 20.76 2.51
C GLY A 303 31.46 21.59 2.06
N HIS A 304 30.85 21.19 0.94
CA HIS A 304 29.70 21.87 0.37
C HIS A 304 28.45 21.71 1.26
N TYR A 305 27.81 22.85 1.57
CA TYR A 305 26.55 22.88 2.30
C TYR A 305 25.63 23.95 1.70
N VAL A 306 24.32 23.83 1.97
CA VAL A 306 23.33 24.78 1.44
C VAL A 306 22.52 25.38 2.59
N VAL A 307 22.54 26.72 2.71
CA VAL A 307 21.71 27.41 3.71
C VAL A 307 20.34 27.57 3.06
N ALA A 308 19.50 26.55 3.20
CA ALA A 308 18.18 26.50 2.58
C ALA A 308 17.19 27.53 3.14
N SER A 309 16.15 27.87 2.33
CA SER A 309 15.09 28.81 2.67
C SER A 309 14.50 28.64 4.09
N PRO A 310 14.20 27.39 4.58
CA PRO A 310 13.59 27.28 5.91
C PRO A 310 14.40 27.93 7.02
N ILE A 311 15.72 28.05 6.85
CA ILE A 311 16.59 28.72 7.82
C ILE A 311 16.10 30.15 8.05
N TRP A 312 15.76 30.87 6.97
CA TRP A 312 15.33 32.27 7.06
C TRP A 312 13.89 32.40 7.47
N VAL A 313 13.06 31.42 7.13
CA VAL A 313 11.68 31.39 7.58
C VAL A 313 11.71 31.27 9.13
N SER A 314 12.61 30.43 9.67
CA SER A 314 12.78 30.24 11.11
C SER A 314 13.15 31.57 11.77
N ALA A 315 14.18 32.27 11.21
CA ALA A 315 14.68 33.54 11.70
C ALA A 315 13.58 34.58 11.94
N HIS A 316 12.58 34.66 11.03
CA HIS A 316 11.46 35.58 11.15
C HIS A 316 10.73 35.49 12.50
N THR A 317 10.81 34.31 13.16
CA THR A 317 10.21 34.12 14.47
C THR A 317 11.29 34.05 15.55
N THR A 318 12.25 33.12 15.41
CA THR A 318 13.28 32.84 16.42
C THR A 318 14.15 34.03 16.82
N GLN A 319 14.50 34.91 15.87
CA GLN A 319 15.34 36.07 16.18
C GLN A 319 14.59 37.17 16.94
N PHE A 320 13.25 37.08 16.93
CA PHE A 320 12.43 38.16 17.49
C PHE A 320 11.46 37.71 18.58
N THR A 321 11.59 36.46 19.03
CA THR A 321 10.82 35.87 20.12
C THR A 321 11.75 35.01 20.94
N GLN A 322 11.34 34.70 22.17
CA GLN A 322 12.10 33.81 23.05
C GLN A 322 11.12 33.07 23.92
N PRO A 323 11.41 31.79 24.27
CA PRO A 323 10.55 31.06 25.22
C PRO A 323 10.34 31.93 26.48
N GLY A 324 9.09 32.11 26.89
CA GLY A 324 8.78 32.96 28.03
C GLY A 324 8.01 34.18 27.64
N TRP A 325 8.09 34.59 26.36
CA TRP A 325 7.27 35.67 25.83
C TRP A 325 5.83 35.15 25.83
N TYR A 326 4.85 36.06 25.68
CA TYR A 326 3.44 35.67 25.62
C TYR A 326 2.80 36.11 24.32
N TYR A 327 1.94 35.26 23.77
CA TYR A 327 1.15 35.61 22.60
C TYR A 327 0.09 36.60 23.10
N LEU A 328 -0.37 37.50 22.23
CA LEU A 328 -1.46 38.41 22.58
C LEU A 328 -2.76 37.67 22.36
N LYS A 329 -3.86 38.19 22.93
CA LYS A 329 -5.17 37.61 22.70
C LYS A 329 -5.56 37.91 21.24
N THR A 330 -5.00 38.99 20.67
CA THR A 330 -5.30 39.46 19.33
C THR A 330 -4.43 38.87 18.23
N VAL A 331 -4.78 37.66 17.79
CA VAL A 331 -4.09 37.02 16.65
C VAL A 331 -5.20 36.48 15.74
N GLY A 332 -4.90 36.25 14.46
CA GLY A 332 -5.92 35.71 13.56
C GLY A 332 -5.56 35.59 12.10
N HIS A 333 -6.57 35.33 11.28
CA HIS A 333 -6.42 35.21 9.85
C HIS A 333 -6.67 36.54 9.14
N LEU A 334 -6.17 36.67 7.91
CA LEU A 334 -6.38 37.87 7.08
C LEU A 334 -7.57 37.71 6.16
N GLU A 335 -8.30 38.81 5.90
CA GLU A 335 -9.53 38.83 5.09
C GLU A 335 -9.43 38.10 3.76
N LYS A 336 -8.34 38.28 3.03
CA LYS A 336 -8.13 37.65 1.72
C LYS A 336 -7.09 36.51 1.76
N GLY A 337 -6.84 35.97 2.95
CA GLY A 337 -5.90 34.86 3.11
C GLY A 337 -4.62 35.22 3.81
N GLY A 338 -4.07 34.28 4.56
CA GLY A 338 -2.86 34.48 5.34
C GLY A 338 -3.20 34.71 6.79
N SER A 339 -2.20 34.96 7.61
CA SER A 339 -2.40 35.10 9.03
C SER A 339 -1.39 36.02 9.69
N TYR A 340 -1.66 36.40 10.95
CA TYR A 340 -0.78 37.24 11.72
C TYR A 340 -0.79 36.78 13.18
N VAL A 341 0.40 36.75 13.79
CA VAL A 341 0.55 36.50 15.23
C VAL A 341 1.28 37.71 15.81
N ALA A 342 1.11 37.94 17.11
CA ALA A 342 1.79 39.04 17.79
C ALA A 342 2.14 38.62 19.20
N LEU A 343 3.35 38.94 19.64
CA LEU A 343 3.84 38.53 20.96
C LEU A 343 4.57 39.67 21.64
N THR A 344 4.60 39.65 22.96
CA THR A 344 5.30 40.63 23.78
C THR A 344 6.14 39.89 24.83
N ASP A 345 7.08 40.58 25.44
CA ASP A 345 7.93 40.00 26.47
C ASP A 345 7.53 40.50 27.87
N GLY A 346 6.49 41.34 27.91
CA GLY A 346 6.01 41.99 29.12
C GLY A 346 6.92 43.12 29.54
N LEU A 347 7.94 43.46 28.72
CA LEU A 347 8.88 44.54 29.00
C LEU A 347 8.76 45.68 27.99
N GLY A 348 7.62 45.73 27.30
CA GLY A 348 7.36 46.76 26.32
C GLY A 348 7.74 46.42 24.91
N ASN A 349 8.36 45.27 24.71
CA ASN A 349 8.67 44.87 23.35
C ASN A 349 7.48 44.20 22.68
N LEU A 350 7.44 44.26 21.34
CA LEU A 350 6.35 43.68 20.57
C LEU A 350 6.89 43.13 19.25
N THR A 351 6.43 41.94 18.87
CA THR A 351 6.81 41.30 17.60
C THR A 351 5.54 40.90 16.87
N ILE A 352 5.48 41.19 15.56
CA ILE A 352 4.34 40.91 14.71
C ILE A 352 4.84 40.10 13.51
N ILE A 353 4.28 38.91 13.32
CA ILE A 353 4.71 38.03 12.24
C ILE A 353 3.53 37.80 11.33
N ILE A 354 3.68 38.16 10.04
CA ILE A 354 2.62 38.03 9.04
C ILE A 354 3.06 37.12 7.89
N GLU A 355 2.19 36.19 7.48
CA GLU A 355 2.48 35.31 6.35
C GLU A 355 1.30 35.28 5.37
N THR A 356 1.59 35.10 4.07
CA THR A 356 0.55 35.07 3.05
C THR A 356 0.82 33.90 2.10
N MET A 357 1.23 32.75 2.66
CA MET A 357 1.59 31.55 1.91
C MET A 357 0.44 31.01 1.08
N SER A 358 0.61 31.00 -0.25
CA SER A 358 -0.38 30.45 -1.17
C SER A 358 -0.46 28.93 -0.97
N HIS A 359 -1.65 28.36 -1.20
CA HIS A 359 -1.86 26.93 -1.06
C HIS A 359 -0.88 26.11 -1.91
N GLN A 360 -0.67 26.52 -3.16
CA GLN A 360 0.19 25.82 -4.11
C GLN A 360 1.67 25.80 -3.69
N HIS A 361 2.14 26.80 -2.93
CA HIS A 361 3.55 26.91 -2.51
C HIS A 361 3.81 26.70 -1.03
N SER A 362 2.94 25.93 -0.36
CA SER A 362 3.10 25.70 1.08
C SER A 362 2.59 24.34 1.54
N MET A 363 2.50 23.36 0.62
CA MET A 363 2.02 22.02 0.94
C MET A 363 3.09 21.22 1.68
N CYS A 364 2.72 20.67 2.84
CA CYS A 364 3.60 19.81 3.63
C CYS A 364 3.31 18.39 3.19
N ILE A 365 4.13 17.41 3.63
CA ILE A 365 3.92 15.98 3.33
C ILE A 365 2.71 15.46 4.14
N ARG A 366 2.55 15.99 5.36
CA ARG A 366 1.52 15.53 6.29
C ARG A 366 0.89 16.70 7.03
N PRO A 367 -0.44 16.80 6.97
CA PRO A 367 -1.37 15.87 6.32
C PRO A 367 -1.86 16.42 4.99
N TYR A 368 -3.13 16.12 4.59
CA TYR A 368 -3.74 16.66 3.37
C TYR A 368 -4.12 18.13 3.64
N LEU A 369 -3.69 19.05 2.76
CA LEU A 369 -4.07 20.47 2.89
C LEU A 369 -5.22 20.84 1.93
N PRO A 370 -6.37 21.28 2.48
CA PRO A 370 -7.50 21.63 1.61
C PRO A 370 -7.30 23.00 0.99
N TYR A 371 -7.69 23.17 -0.30
CA TYR A 371 -7.53 24.44 -1.00
C TYR A 371 -8.05 25.64 -0.24
N TYR A 372 -7.33 26.77 -0.38
CA TYR A 372 -7.68 28.08 0.15
C TYR A 372 -7.09 29.13 -0.80
N ASN A 373 -7.83 30.20 -1.03
CA ASN A 373 -7.38 31.24 -1.94
C ASN A 373 -6.60 32.30 -1.18
N VAL A 374 -5.61 32.89 -1.84
CA VAL A 374 -4.81 34.02 -1.33
C VAL A 374 -4.69 35.01 -2.47
N SER A 375 -5.05 36.26 -2.22
CA SER A 375 -4.94 37.30 -3.25
C SER A 375 -4.47 38.61 -2.65
N HIS A 376 -4.02 39.53 -3.50
CA HIS A 376 -3.54 40.84 -3.09
C HIS A 376 -4.55 41.53 -2.19
N GLN A 377 -4.07 42.15 -1.10
CA GLN A 377 -4.92 42.80 -0.12
C GLN A 377 -4.17 43.86 0.63
N LEU A 378 -4.91 44.64 1.41
CA LEU A 378 -4.35 45.66 2.27
C LEU A 378 -4.77 45.33 3.70
N ALA A 379 -3.84 45.47 4.65
CA ALA A 379 -4.14 45.23 6.05
C ALA A 379 -3.79 46.44 6.91
N THR A 380 -4.73 46.90 7.74
CA THR A 380 -4.48 48.02 8.64
C THR A 380 -4.37 47.50 10.07
N PHE A 381 -3.32 47.88 10.78
CA PHE A 381 -3.17 47.44 12.15
C PHE A 381 -3.24 48.61 13.10
N THR A 382 -4.01 48.46 14.18
CA THR A 382 -4.12 49.48 15.20
C THR A 382 -3.65 48.95 16.54
N LEU A 383 -2.73 49.66 17.18
CA LEU A 383 -2.19 49.29 18.47
C LEU A 383 -2.95 49.97 19.59
N LYS A 384 -3.86 49.21 20.23
CA LYS A 384 -4.62 49.69 21.38
C LYS A 384 -3.83 49.29 22.65
N GLY A 385 -4.39 49.61 23.81
CA GLY A 385 -3.75 49.34 25.10
C GLY A 385 -2.36 49.95 25.22
N SER A 386 -1.45 49.23 25.91
CA SER A 386 -0.06 49.67 26.13
C SER A 386 0.78 49.67 24.87
N LEU A 387 0.23 49.13 23.77
CA LEU A 387 0.94 49.06 22.52
C LEU A 387 0.91 50.40 21.80
N ARG A 388 -0.09 51.24 22.14
CA ARG A 388 -0.26 52.57 21.57
C ARG A 388 0.98 53.44 21.77
N GLU A 389 1.66 53.26 22.90
CA GLU A 389 2.85 54.01 23.28
C GLU A 389 4.09 53.71 22.41
N ILE A 390 4.01 52.75 21.48
CA ILE A 390 5.12 52.37 20.59
C ILE A 390 5.16 53.26 19.39
N GLN A 391 6.30 53.91 19.17
CA GLN A 391 6.42 54.85 18.06
C GLN A 391 7.11 54.30 16.86
N GLU A 392 7.89 53.22 17.06
CA GLU A 392 8.77 52.72 16.02
C GLU A 392 8.86 51.20 15.91
N LEU A 393 8.97 50.70 14.68
CA LEU A 393 9.10 49.28 14.41
C LEU A 393 10.16 48.98 13.35
N GLN A 394 10.99 47.99 13.61
CA GLN A 394 11.94 47.45 12.63
C GLN A 394 11.15 46.50 11.72
N VAL A 395 11.54 46.43 10.44
CA VAL A 395 10.84 45.61 9.46
C VAL A 395 11.77 44.61 8.76
N TRP A 396 11.35 43.34 8.72
CA TRP A 396 12.07 42.27 8.03
C TRP A 396 11.14 41.61 7.02
N TYR A 397 11.69 41.27 5.86
CA TYR A 397 10.89 40.77 4.74
C TYR A 397 11.51 39.59 4.01
N THR A 398 10.64 38.66 3.58
CA THR A 398 11.00 37.50 2.78
C THR A 398 9.95 37.28 1.69
N LYS A 399 10.42 36.94 0.48
CA LYS A 399 9.55 36.63 -0.63
C LYS A 399 9.98 35.29 -1.20
N LEU A 400 9.10 34.30 -1.09
CA LEU A 400 9.39 32.96 -1.60
C LEU A 400 8.93 32.83 -3.05
N GLY A 401 9.61 31.97 -3.81
CA GLY A 401 9.21 31.69 -5.18
C GLY A 401 10.31 31.33 -6.15
N THR A 402 10.12 31.81 -7.38
CA THR A 402 11.03 31.61 -8.50
C THR A 402 12.35 32.40 -8.28
N PRO A 403 13.51 32.01 -8.92
CA PRO A 403 14.77 32.74 -8.70
C PRO A 403 14.71 34.23 -9.02
N GLN A 404 13.88 34.61 -10.00
CA GLN A 404 13.65 35.99 -10.43
C GLN A 404 13.05 36.81 -9.29
N GLN A 405 12.33 36.14 -8.35
CA GLN A 405 11.65 36.78 -7.24
C GLN A 405 11.92 36.20 -5.82
N ARG A 406 13.05 35.51 -5.56
CA ARG A 406 13.31 35.05 -4.19
C ARG A 406 14.24 36.00 -3.43
N LEU A 407 13.78 36.54 -2.29
CA LEU A 407 14.53 37.47 -1.42
C LEU A 407 14.37 36.96 -0.01
N HIS A 408 15.50 36.70 0.68
CA HIS A 408 15.42 36.12 2.02
C HIS A 408 15.91 37.02 3.13
N PHE A 409 15.09 37.14 4.18
CA PHE A 409 15.40 37.88 5.41
C PHE A 409 16.05 39.24 5.19
N LYS A 410 15.46 40.02 4.28
CA LYS A 410 15.94 41.35 3.93
C LYS A 410 15.32 42.38 4.84
N GLN A 411 16.15 43.21 5.47
CA GLN A 411 15.64 44.27 6.34
C GLN A 411 15.16 45.45 5.49
N LEU A 412 13.95 45.95 5.79
CA LEU A 412 13.35 47.09 5.10
C LEU A 412 13.39 48.35 5.96
N ASP A 413 12.89 49.46 5.40
CA ASP A 413 12.85 50.75 6.06
C ASP A 413 11.98 50.71 7.31
N THR A 414 12.52 51.22 8.43
CA THR A 414 11.85 51.32 9.72
C THR A 414 10.48 52.02 9.56
N LEU A 415 9.49 51.56 10.33
CA LEU A 415 8.13 52.12 10.35
C LEU A 415 7.96 53.01 11.61
N TRP A 416 7.38 54.21 11.44
CA TRP A 416 7.15 55.17 12.52
C TRP A 416 5.69 55.47 12.68
N LEU A 417 5.20 55.52 13.93
CA LEU A 417 3.79 55.75 14.26
C LEU A 417 3.61 57.01 15.10
N LEU A 418 4.50 57.98 14.84
CA LEU A 418 4.61 59.26 15.53
C LEU A 418 3.32 60.10 15.54
N ASP A 419 2.42 59.86 14.58
CA ASP A 419 1.16 60.62 14.45
C ASP A 419 0.13 60.38 15.56
N GLY A 420 0.55 59.72 16.65
CA GLY A 420 -0.27 59.37 17.80
C GLY A 420 -1.42 58.42 17.53
N SER A 421 -1.66 58.10 16.24
CA SER A 421 -2.74 57.22 15.80
C SER A 421 -2.59 55.81 16.31
N GLY A 422 -1.34 55.37 16.41
CA GLY A 422 -1.00 54.02 16.81
C GLY A 422 -1.48 53.04 15.76
N SER A 423 -1.47 53.50 14.50
CA SER A 423 -1.96 52.71 13.39
C SER A 423 -1.04 52.78 12.17
N PHE A 424 -1.05 51.69 11.38
CA PHE A 424 -0.27 51.56 10.15
C PHE A 424 -0.95 50.61 9.17
N THR A 425 -0.57 50.70 7.88
CA THR A 425 -1.16 49.89 6.80
C THR A 425 -0.12 49.20 5.92
N LEU A 426 -0.41 47.99 5.43
CA LEU A 426 0.51 47.24 4.58
C LEU A 426 -0.15 46.76 3.30
N GLU A 427 0.62 46.76 2.22
CA GLU A 427 0.22 46.20 0.95
C GLU A 427 0.84 44.79 0.92
N LEU A 428 -0.02 43.79 0.91
CA LEU A 428 0.46 42.41 0.96
C LEU A 428 0.12 41.63 -0.28
N GLU A 429 1.11 40.95 -0.85
CA GLU A 429 0.88 40.06 -1.97
C GLU A 429 0.96 38.62 -1.44
N GLU A 430 1.17 37.65 -2.31
CA GLU A 430 1.21 36.25 -1.92
C GLU A 430 2.62 35.79 -1.64
N ASP A 431 2.76 34.73 -0.84
CA ASP A 431 4.05 34.10 -0.53
C ASP A 431 5.04 35.07 0.11
N GLU A 432 4.55 35.91 1.02
CA GLU A 432 5.37 36.87 1.73
C GLU A 432 5.36 36.70 3.25
N ILE A 433 6.46 37.08 3.89
CA ILE A 433 6.58 37.11 5.36
C ILE A 433 7.06 38.49 5.76
N PHE A 434 6.41 39.07 6.76
CA PHE A 434 6.83 40.32 7.36
C PHE A 434 6.99 40.11 8.84
N THR A 435 8.11 40.58 9.39
CA THR A 435 8.28 40.61 10.84
C THR A 435 8.42 42.07 11.22
N LEU A 436 7.52 42.53 12.10
CA LEU A 436 7.50 43.90 12.59
C LEU A 436 7.78 43.83 14.07
N THR A 437 8.93 44.33 14.50
CA THR A 437 9.38 44.21 15.88
C THR A 437 10.03 45.47 16.40
N THR A 438 9.99 45.65 17.71
CA THR A 438 10.66 46.77 18.35
C THR A 438 12.17 46.43 18.46
N LEU A 439 12.50 45.13 18.56
CA LEU A 439 13.88 44.65 18.71
C LEU A 439 14.84 45.09 17.59
N THR A 440 16.03 45.52 18.00
CA THR A 440 17.07 46.04 17.10
C THR A 440 18.13 45.00 16.71
N THR A 441 18.10 43.84 17.40
CA THR A 441 19.09 42.76 17.33
C THR A 441 19.08 41.85 16.09
N GLY A 442 18.15 42.08 15.17
CA GLY A 442 18.03 41.26 13.97
C GLY A 442 19.30 41.25 13.14
N ARG A 443 19.60 40.11 12.50
CA ARG A 443 20.79 39.98 11.65
C ARG A 443 20.72 38.82 10.69
N LYS A 444 20.94 39.08 9.40
CA LYS A 444 21.05 37.98 8.46
C LYS A 444 22.54 37.56 8.48
N GLY A 445 22.83 36.51 9.22
CA GLY A 445 24.18 35.97 9.34
C GLY A 445 24.74 35.54 8.00
N SER A 446 26.06 35.72 7.84
CA SER A 446 26.73 35.38 6.59
C SER A 446 28.15 34.88 6.76
N TYR A 447 28.47 33.82 6.01
CA TYR A 447 29.80 33.26 5.85
C TYR A 447 30.03 33.16 4.37
N PRO A 448 31.31 33.23 3.92
CA PRO A 448 31.60 33.08 2.49
C PRO A 448 31.04 31.78 1.93
N PRO A 449 30.76 31.73 0.61
CA PRO A 449 30.22 30.50 0.01
C PRO A 449 31.14 29.29 0.21
N PRO A 450 30.55 28.13 0.55
CA PRO A 450 31.34 26.92 0.74
C PRO A 450 31.71 26.28 -0.60
N PRO A 451 32.68 25.34 -0.62
CA PRO A 451 33.07 24.66 -1.88
C PRO A 451 31.90 24.12 -2.70
N SER A 452 32.11 23.97 -4.01
CA SER A 452 31.10 23.45 -4.92
C SER A 452 30.77 22.00 -4.57
N SER A 453 29.59 21.53 -4.99
CA SER A 453 29.22 20.14 -4.76
C SER A 453 30.11 19.24 -5.62
N LYS A 454 30.47 18.06 -5.09
CA LYS A 454 31.27 17.07 -5.78
C LYS A 454 30.80 15.69 -5.38
N PRO A 455 30.78 14.71 -6.29
CA PRO A 455 30.36 13.34 -5.92
C PRO A 455 31.32 12.72 -4.92
N PHE A 456 30.87 11.63 -4.27
CA PHE A 456 31.69 10.86 -3.36
C PHE A 456 32.93 10.37 -4.13
N PRO A 457 34.13 10.47 -3.50
CA PRO A 457 35.38 10.00 -4.14
C PRO A 457 35.31 8.62 -4.83
N THR A 458 35.74 8.57 -6.11
CA THR A 458 35.73 7.34 -6.93
C THR A 458 36.76 6.31 -6.50
N ASN A 459 37.72 6.73 -5.67
CA ASN A 459 38.75 5.89 -5.06
C ASN A 459 38.78 6.23 -3.59
N TYR A 460 38.42 5.26 -2.74
CA TYR A 460 38.28 5.50 -1.32
C TYR A 460 38.80 4.33 -0.50
N LYS A 461 39.44 4.66 0.63
CA LYS A 461 39.96 3.64 1.52
C LYS A 461 39.90 4.08 2.97
N ASP A 462 39.69 3.12 3.87
CA ASP A 462 39.73 3.34 5.31
C ASP A 462 40.32 2.11 5.95
N ASP A 463 41.44 2.29 6.64
CA ASP A 463 42.12 1.21 7.32
C ASP A 463 41.75 1.17 8.80
N PHE A 464 40.86 2.10 9.23
CA PHE A 464 40.37 2.22 10.60
C PHE A 464 41.47 2.33 11.65
N ASN A 465 42.69 2.69 11.23
CA ASN A 465 43.82 2.80 12.15
C ASN A 465 43.79 4.14 12.85
N VAL A 466 42.87 4.26 13.81
CA VAL A 466 42.67 5.45 14.63
C VAL A 466 42.73 4.97 16.05
N GLU A 467 43.74 5.42 16.78
CA GLU A 467 43.95 4.95 18.14
C GLU A 467 42.95 5.52 19.12
N TYR A 468 42.75 6.83 19.07
CA TYR A 468 41.79 7.48 19.95
C TYR A 468 40.80 8.29 19.13
N PRO A 469 39.81 7.59 18.51
CA PRO A 469 38.84 8.29 17.65
C PRO A 469 37.97 9.25 18.40
N LEU A 470 37.56 10.32 17.71
CA LEU A 470 36.70 11.33 18.28
C LEU A 470 35.27 10.81 18.37
N PHE A 471 34.84 10.05 17.35
CA PHE A 471 33.52 9.44 17.29
C PHE A 471 33.60 7.92 17.32
N SER A 472 32.54 7.26 17.81
CA SER A 472 32.49 5.80 17.98
C SER A 472 32.54 4.97 16.68
N GLU A 473 32.23 5.58 15.53
CA GLU A 473 32.25 4.89 14.25
C GLU A 473 33.02 5.65 13.17
N ALA A 474 33.64 4.88 12.24
CA ALA A 474 34.34 5.41 11.08
C ALA A 474 33.41 6.29 10.22
N PRO A 475 33.95 7.35 9.58
CA PRO A 475 33.11 8.28 8.80
C PRO A 475 32.49 7.65 7.57
N ASN A 476 31.35 8.20 7.13
CA ASN A 476 30.64 7.84 5.91
C ASN A 476 29.96 6.46 5.92
N PHE A 477 30.25 5.59 6.90
CA PHE A 477 29.55 4.31 7.03
C PHE A 477 28.24 4.54 7.75
N ALA A 478 27.13 4.42 7.01
CA ALA A 478 25.79 4.61 7.56
C ALA A 478 25.14 3.25 7.83
N ASP A 479 25.09 2.86 9.11
CA ASP A 479 24.49 1.57 9.52
C ASP A 479 22.99 1.58 9.26
N GLN A 480 22.49 0.53 8.59
CA GLN A 480 21.07 0.42 8.26
C GLN A 480 20.38 -0.73 9.03
N THR A 481 21.16 -1.67 9.57
CA THR A 481 20.76 -2.73 10.50
C THR A 481 22.01 -3.13 11.25
N GLY A 482 21.91 -3.23 12.57
CA GLY A 482 23.06 -3.51 13.39
C GLY A 482 23.80 -2.22 13.69
N VAL A 483 24.91 -2.33 14.45
CA VAL A 483 25.72 -1.20 14.86
C VAL A 483 27.21 -1.55 14.67
N PHE A 484 27.94 -0.69 13.96
CA PHE A 484 29.36 -0.90 13.66
C PHE A 484 30.20 0.16 14.38
N GLU A 485 31.27 -0.29 15.04
CA GLU A 485 32.10 0.59 15.86
C GLU A 485 33.59 0.36 15.66
N TYR A 486 34.39 1.40 15.98
CA TYR A 486 35.84 1.26 15.97
C TYR A 486 36.14 0.22 17.04
N TYR A 487 37.14 -0.65 16.78
CA TYR A 487 37.51 -1.71 17.72
C TYR A 487 39.01 -1.88 17.77
N MET A 488 39.55 -2.05 18.98
CA MET A 488 40.98 -2.28 19.14
C MET A 488 41.24 -3.65 19.72
N ASN A 489 42.05 -4.44 19.02
CA ASN A 489 42.44 -5.75 19.48
C ASN A 489 43.96 -5.76 19.64
N ASN A 490 44.45 -5.57 20.88
CA ASN A 490 45.88 -5.54 21.20
C ASN A 490 46.57 -6.87 20.94
N GLU A 491 45.85 -7.98 21.20
CA GLU A 491 46.33 -9.36 21.04
C GLU A 491 46.75 -9.72 19.60
N ASP A 492 46.45 -8.83 18.63
CA ASP A 492 46.82 -9.00 17.23
C ASP A 492 47.55 -7.75 16.74
N ARG A 493 48.68 -7.95 16.07
CA ARG A 493 49.49 -6.86 15.52
C ARG A 493 49.11 -6.54 14.08
N GLU A 494 48.74 -7.58 13.30
CA GLU A 494 48.36 -7.44 11.89
C GLU A 494 46.98 -6.76 11.73
N HIS A 495 46.12 -6.90 12.74
CA HIS A 495 44.78 -6.32 12.70
C HIS A 495 44.44 -5.72 14.05
N ARG A 496 45.25 -4.74 14.48
CA ARG A 496 45.08 -4.10 15.79
C ARG A 496 43.87 -3.17 15.86
N PHE A 497 43.59 -2.45 14.77
CA PHE A 497 42.49 -1.49 14.72
C PHE A 497 41.55 -1.86 13.59
N THR A 498 40.32 -2.24 13.96
CA THR A 498 39.31 -2.70 12.99
C THR A 498 37.97 -2.02 13.21
N LEU A 499 36.97 -2.42 12.41
CA LEU A 499 35.58 -2.02 12.56
C LEU A 499 34.81 -3.28 12.93
N ARG A 500 34.01 -3.21 13.99
CA ARG A 500 33.29 -4.38 14.49
C ARG A 500 31.77 -4.19 14.59
N GLN A 501 31.00 -5.19 14.13
CA GLN A 501 29.54 -5.18 14.30
C GLN A 501 29.33 -5.70 15.73
N VAL A 502 28.65 -4.90 16.59
CA VAL A 502 28.56 -5.20 18.02
C VAL A 502 27.19 -5.69 18.52
N LEU A 503 26.15 -5.74 17.68
CA LEU A 503 24.86 -6.25 18.16
C LEU A 503 24.84 -7.77 18.19
N ASN A 504 24.41 -8.35 19.31
CA ASN A 504 24.31 -9.80 19.41
C ASN A 504 22.85 -10.27 19.49
N GLN A 505 21.90 -9.33 19.39
CA GLN A 505 20.46 -9.62 19.37
C GLN A 505 19.66 -8.49 18.76
N ARG A 506 18.53 -8.85 18.12
CA ARG A 506 17.65 -7.88 17.46
C ARG A 506 17.06 -6.93 18.49
N PRO A 507 17.10 -5.62 18.19
CA PRO A 507 16.50 -4.62 19.11
C PRO A 507 14.96 -4.76 19.24
N ILE A 508 14.35 -4.00 20.19
CA ILE A 508 12.91 -3.79 20.26
C ILE A 508 12.79 -2.72 19.17
N THR A 509 12.44 -3.19 17.97
CA THR A 509 12.46 -2.39 16.75
C THR A 509 11.38 -1.35 16.67
N TRP A 510 11.72 -0.25 15.99
CA TRP A 510 10.78 0.81 15.71
C TRP A 510 10.35 0.56 14.27
N ALA A 511 11.35 0.36 13.38
CA ALA A 511 11.14 0.05 11.96
C ALA A 511 11.22 -1.46 11.73
N ALA A 512 11.15 -1.88 10.45
CA ALA A 512 11.30 -3.29 10.07
C ALA A 512 12.76 -3.50 9.70
N ASP A 513 13.65 -3.65 10.72
CA ASP A 513 15.09 -3.87 10.48
C ASP A 513 15.30 -5.16 9.68
N ALA A 514 16.40 -5.25 8.89
CA ALA A 514 16.73 -6.47 8.15
C ALA A 514 17.07 -7.59 9.14
N SER A 515 17.13 -8.83 8.64
CA SER A 515 17.52 -9.94 9.51
C SER A 515 19.05 -10.16 9.51
N SER A 516 19.75 -9.45 8.60
CA SER A 516 21.20 -9.41 8.48
C SER A 516 21.64 -7.97 8.77
N THR A 517 22.84 -7.79 9.37
CA THR A 517 23.33 -6.43 9.63
C THR A 517 23.95 -5.87 8.34
N ILE A 518 23.97 -4.54 8.20
CA ILE A 518 24.49 -3.89 7.01
C ILE A 518 24.79 -2.42 7.24
N SER A 519 25.93 -1.97 6.68
CA SER A 519 26.32 -0.56 6.68
C SER A 519 26.65 -0.14 5.23
N VAL A 520 26.01 0.93 4.73
CA VAL A 520 26.21 1.42 3.35
C VAL A 520 27.13 2.63 3.32
N ILE A 521 27.82 2.83 2.18
CA ILE A 521 28.76 3.93 1.99
C ILE A 521 28.95 4.29 0.52
N GLY A 522 29.25 5.55 0.26
CA GLY A 522 29.61 6.04 -1.06
C GLY A 522 28.62 6.87 -1.83
N ASP A 523 28.50 6.54 -3.11
CA ASP A 523 27.65 7.25 -4.06
C ASP A 523 26.61 6.28 -4.62
N HIS A 524 25.33 6.56 -4.34
CA HIS A 524 24.21 5.73 -4.82
C HIS A 524 24.17 5.62 -6.36
N HIS A 525 24.79 6.59 -7.06
CA HIS A 525 24.84 6.59 -8.53
C HIS A 525 25.81 5.57 -9.11
N TRP A 526 26.77 5.09 -8.30
CA TRP A 526 27.79 4.13 -8.74
C TRP A 526 27.17 2.91 -9.42
N THR A 527 27.75 2.47 -10.53
CA THR A 527 27.22 1.32 -11.25
C THR A 527 28.30 0.24 -11.50
N ASN A 528 29.53 0.66 -11.84
CA ASN A 528 30.65 -0.27 -12.00
C ASN A 528 31.59 -0.04 -10.83
N MET A 529 31.89 -1.09 -10.06
CA MET A 529 32.71 -0.92 -8.88
C MET A 529 33.47 -2.15 -8.46
N THR A 530 34.54 -1.95 -7.69
CA THR A 530 35.33 -3.00 -7.09
C THR A 530 35.46 -2.72 -5.60
N VAL A 531 34.93 -3.62 -4.78
CA VAL A 531 34.96 -3.49 -3.33
C VAL A 531 35.90 -4.53 -2.75
N GLN A 532 36.74 -4.11 -1.81
CA GLN A 532 37.65 -5.02 -1.11
C GLN A 532 37.64 -4.75 0.39
N CYS A 533 37.73 -5.83 1.18
CA CYS A 533 37.75 -5.73 2.64
C CYS A 533 38.28 -7.01 3.25
N ASP A 534 39.04 -6.88 4.34
CA ASP A 534 39.50 -8.01 5.15
C ASP A 534 38.36 -8.28 6.11
N VAL A 535 37.95 -9.54 6.23
CA VAL A 535 36.84 -9.94 7.09
C VAL A 535 37.26 -11.01 8.11
N TYR A 536 36.53 -11.09 9.22
CA TYR A 536 36.82 -12.00 10.33
C TYR A 536 35.52 -12.44 11.01
N ILE A 537 35.20 -13.73 10.87
CA ILE A 537 33.97 -14.31 11.45
C ILE A 537 34.24 -14.77 12.87
N GLU A 538 33.51 -14.22 13.84
CA GLU A 538 33.73 -14.57 15.25
C GLU A 538 32.96 -15.82 15.70
N THR A 539 31.82 -16.11 15.07
CA THR A 539 30.98 -17.24 15.45
C THR A 539 31.34 -18.56 14.74
N PRO A 540 31.79 -19.57 15.51
CA PRO A 540 32.11 -20.87 14.90
C PRO A 540 30.91 -21.55 14.29
N ARG A 541 31.12 -22.25 13.17
CA ARG A 541 30.14 -23.06 12.44
C ARG A 541 29.04 -22.27 11.72
N SER A 542 28.32 -21.42 12.45
CA SER A 542 27.14 -20.70 11.97
C SER A 542 27.38 -19.30 11.40
N GLY A 543 28.54 -18.73 11.70
CA GLY A 543 28.87 -17.37 11.32
C GLY A 543 28.97 -17.10 9.84
N GLY A 544 28.67 -15.86 9.46
CA GLY A 544 28.72 -15.41 8.08
C GLY A 544 28.86 -13.92 7.94
N VAL A 545 29.55 -13.50 6.89
CA VAL A 545 29.77 -12.08 6.56
C VAL A 545 29.61 -11.84 5.06
N PHE A 546 29.49 -10.57 4.67
CA PHE A 546 29.42 -10.22 3.25
C PHE A 546 30.01 -8.85 2.94
N ILE A 547 30.28 -8.63 1.65
CA ILE A 547 30.61 -7.35 1.05
C ILE A 547 29.63 -7.23 -0.13
N ALA A 548 29.25 -6.00 -0.48
CA ALA A 548 28.24 -5.81 -1.50
C ALA A 548 28.42 -4.55 -2.33
N GLY A 549 27.77 -4.52 -3.50
CA GLY A 549 27.76 -3.38 -4.40
C GLY A 549 26.40 -3.22 -5.03
N ARG A 550 26.12 -2.00 -5.54
CA ARG A 550 24.84 -1.66 -6.18
C ARG A 550 23.65 -1.77 -5.20
N VAL A 551 23.90 -1.54 -3.90
CA VAL A 551 22.87 -1.58 -2.85
C VAL A 551 21.94 -0.38 -3.04
N ASN A 552 20.70 -0.63 -3.46
CA ASN A 552 19.82 0.43 -3.91
C ASN A 552 18.81 1.03 -2.93
N LYS A 553 18.60 0.41 -1.76
CA LYS A 553 17.63 0.91 -0.77
C LYS A 553 18.21 0.83 0.62
N GLY A 554 17.72 1.69 1.51
CA GLY A 554 18.09 1.68 2.92
C GLY A 554 17.02 2.29 3.80
N GLY A 555 17.40 2.65 5.01
CA GLY A 555 16.49 3.28 5.96
C GLY A 555 15.35 2.37 6.32
N ILE A 556 14.13 2.92 6.41
CA ILE A 556 12.96 2.09 6.74
C ILE A 556 12.68 1.02 5.66
N LEU A 557 13.26 1.17 4.46
CA LEU A 557 13.12 0.18 3.38
C LEU A 557 14.30 -0.79 3.24
N ILE A 558 15.17 -0.85 4.23
CA ILE A 558 16.39 -1.68 4.18
C ILE A 558 16.11 -3.14 3.81
N ARG A 559 14.98 -3.69 4.28
CA ARG A 559 14.59 -5.07 3.98
C ARG A 559 14.43 -5.32 2.47
N SER A 560 14.06 -4.28 1.72
CA SER A 560 13.79 -4.35 0.28
C SER A 560 15.05 -4.25 -0.60
N ALA A 561 16.23 -3.98 0.00
CA ALA A 561 17.48 -3.74 -0.72
C ALA A 561 17.91 -4.86 -1.67
N THR A 562 18.19 -4.47 -2.91
CA THR A 562 18.75 -5.35 -3.93
C THR A 562 20.18 -4.89 -4.21
N GLY A 563 20.91 -5.68 -4.99
CA GLY A 563 22.29 -5.39 -5.37
C GLY A 563 23.05 -6.66 -5.66
N VAL A 564 24.36 -6.68 -5.36
CA VAL A 564 25.16 -7.90 -5.53
C VAL A 564 25.84 -8.19 -4.20
N PHE A 565 25.44 -9.28 -3.54
CA PHE A 565 25.97 -9.62 -2.22
C PHE A 565 26.83 -10.88 -2.25
N PHE A 566 28.10 -10.73 -1.83
CA PHE A 566 29.09 -11.81 -1.78
C PHE A 566 29.25 -12.26 -0.33
N TRP A 567 28.63 -13.40 0.02
CA TRP A 567 28.66 -13.94 1.37
C TRP A 567 29.65 -15.09 1.52
N ILE A 568 30.32 -15.15 2.67
CA ILE A 568 31.16 -16.30 3.05
C ILE A 568 30.71 -16.77 4.42
N PHE A 569 30.74 -18.10 4.64
CA PHE A 569 30.26 -18.68 5.89
C PHE A 569 31.30 -19.57 6.54
N ALA A 570 31.26 -19.66 7.87
CA ALA A 570 32.22 -20.44 8.67
C ALA A 570 32.05 -21.95 8.55
N ASN A 571 31.09 -22.42 7.74
CA ASN A 571 30.89 -23.85 7.50
C ASN A 571 31.59 -24.28 6.19
N GLY A 572 32.41 -23.38 5.62
CA GLY A 572 33.13 -23.63 4.38
C GLY A 572 32.27 -23.49 3.14
N SER A 573 31.50 -22.41 3.06
CA SER A 573 30.64 -22.16 1.90
C SER A 573 30.60 -20.69 1.52
N TYR A 574 30.06 -20.41 0.32
CA TYR A 574 29.82 -19.06 -0.17
C TYR A 574 28.51 -19.01 -0.94
N ARG A 575 28.00 -17.79 -1.14
CA ARG A 575 26.77 -17.55 -1.87
C ARG A 575 26.81 -16.13 -2.41
N VAL A 576 26.29 -15.94 -3.61
CA VAL A 576 26.16 -14.64 -4.26
C VAL A 576 24.68 -14.41 -4.46
N THR A 577 24.13 -13.34 -3.87
CA THR A 577 22.70 -13.07 -4.00
C THR A 577 22.39 -11.72 -4.67
N ALA A 578 21.16 -11.59 -5.14
CA ALA A 578 20.68 -10.36 -5.76
C ALA A 578 20.02 -9.45 -4.71
N ASP A 579 19.70 -10.02 -3.55
CA ASP A 579 18.98 -9.34 -2.48
C ASP A 579 19.60 -9.54 -1.11
N LEU A 580 19.40 -8.56 -0.21
CA LEU A 580 19.90 -8.63 1.15
C LEU A 580 19.26 -9.82 1.88
N GLY A 581 18.01 -10.12 1.52
CA GLY A 581 17.22 -11.22 2.06
C GLY A 581 17.70 -12.59 1.63
N GLY A 582 18.52 -12.62 0.58
CA GLY A 582 19.09 -13.84 0.04
C GLY A 582 18.10 -14.80 -0.61
N TRP A 583 16.94 -14.31 -1.05
CA TRP A 583 15.90 -15.12 -1.69
C TRP A 583 16.31 -15.47 -3.13
N ILE A 584 17.15 -14.62 -3.75
CA ILE A 584 17.57 -14.78 -5.14
C ILE A 584 19.06 -15.07 -5.26
N THR A 585 19.40 -16.29 -5.71
CA THR A 585 20.79 -16.72 -5.86
C THR A 585 21.39 -16.50 -7.27
N TYR A 586 22.53 -15.81 -7.32
CA TYR A 586 23.30 -15.57 -8.55
C TYR A 586 24.34 -16.69 -8.70
N ALA A 587 24.92 -17.15 -7.57
CA ALA A 587 25.95 -18.21 -7.52
C ALA A 587 26.10 -18.73 -6.11
N SER A 588 26.61 -19.96 -5.96
CA SER A 588 26.84 -20.59 -4.66
C SER A 588 27.80 -21.75 -4.79
N GLY A 589 28.41 -22.13 -3.67
CA GLY A 589 29.34 -23.25 -3.65
C GLY A 589 30.15 -23.37 -2.37
N HIS A 590 31.27 -24.09 -2.47
CA HIS A 590 32.16 -24.34 -1.34
C HIS A 590 33.34 -23.40 -1.37
N ALA A 591 33.96 -23.17 -0.21
CA ALA A 591 35.13 -22.30 -0.05
C ALA A 591 35.90 -22.70 1.18
N ASP A 592 37.22 -22.47 1.18
CA ASP A 592 38.06 -22.78 2.34
C ASP A 592 37.95 -21.66 3.37
N VAL A 593 36.83 -21.64 4.10
CA VAL A 593 36.52 -20.61 5.07
C VAL A 593 36.10 -21.23 6.40
N THR A 594 36.68 -20.73 7.50
CA THR A 594 36.34 -21.14 8.86
C THR A 594 36.20 -19.88 9.74
N ALA A 595 35.76 -20.05 11.00
CA ALA A 595 35.66 -18.93 11.92
C ALA A 595 37.03 -18.60 12.50
N LYS A 596 37.15 -17.41 13.10
CA LYS A 596 38.35 -16.91 13.78
C LYS A 596 39.59 -16.94 12.88
N ARG A 597 39.40 -16.56 11.62
CA ARG A 597 40.47 -16.46 10.64
C ARG A 597 40.20 -15.28 9.73
N TRP A 598 41.25 -14.49 9.46
CA TRP A 598 41.19 -13.31 8.60
C TRP A 598 41.25 -13.67 7.11
N TYR A 599 40.29 -13.18 6.32
CA TYR A 599 40.28 -13.38 4.87
C TYR A 599 40.11 -12.05 4.13
N THR A 600 40.70 -11.93 2.94
CA THR A 600 40.52 -10.73 2.11
C THR A 600 39.46 -11.03 1.04
N LEU A 601 38.37 -10.27 1.06
CA LEU A 601 37.32 -10.44 0.06
C LEU A 601 37.38 -9.35 -1.01
N THR A 602 37.27 -9.76 -2.29
CA THR A 602 37.18 -8.82 -3.40
C THR A 602 35.93 -9.10 -4.23
N LEU A 603 35.16 -8.05 -4.52
CA LEU A 603 33.95 -8.14 -5.34
C LEU A 603 34.04 -7.13 -6.47
N GLY A 604 33.98 -7.61 -7.70
CA GLY A 604 34.03 -6.76 -8.88
C GLY A 604 32.74 -6.83 -9.67
N ILE A 605 32.16 -5.66 -9.98
CA ILE A 605 30.91 -5.59 -10.73
C ILE A 605 31.07 -4.65 -11.93
N LYS A 606 30.78 -5.16 -13.14
CA LYS A 606 30.86 -4.37 -14.37
C LYS A 606 29.81 -4.85 -15.36
N GLY A 607 28.91 -3.94 -15.71
CA GLY A 607 27.80 -4.24 -16.62
C GLY A 607 26.97 -5.41 -16.12
N TYR A 608 26.79 -6.41 -16.98
CA TYR A 608 26.00 -7.61 -16.70
C TYR A 608 26.76 -8.68 -15.91
N PHE A 609 28.05 -8.44 -15.58
CA PHE A 609 28.86 -9.48 -14.98
C PHE A 609 29.61 -9.11 -13.72
N ALA A 610 29.79 -10.12 -12.85
CA ALA A 610 30.49 -9.97 -11.57
C ALA A 610 31.42 -11.14 -11.30
N PHE A 611 32.42 -10.91 -10.45
CA PHE A 611 33.37 -11.91 -10.02
C PHE A 611 33.72 -11.66 -8.54
N GLY A 612 34.20 -12.70 -7.88
CA GLY A 612 34.60 -12.60 -6.49
C GLY A 612 35.93 -13.27 -6.21
N MET A 613 36.74 -12.68 -5.33
CA MET A 613 38.03 -13.24 -4.95
C MET A 613 38.17 -13.49 -3.46
N LEU A 614 38.88 -14.55 -3.12
CA LEU A 614 39.19 -14.91 -1.74
C LEU A 614 40.70 -14.96 -1.65
N ASN A 615 41.30 -14.09 -0.82
CA ASN A 615 42.76 -13.98 -0.65
C ASN A 615 43.50 -13.81 -1.98
N GLY A 616 42.94 -12.97 -2.86
CA GLY A 616 43.52 -12.72 -4.17
C GLY A 616 43.33 -13.80 -5.22
N THR A 617 42.69 -14.92 -4.85
CA THR A 617 42.43 -16.04 -5.75
C THR A 617 40.94 -16.06 -6.17
N ILE A 618 40.69 -16.23 -7.48
CA ILE A 618 39.33 -16.29 -8.02
C ILE A 618 38.50 -17.39 -7.39
N LEU A 619 37.34 -17.04 -6.86
CA LEU A 619 36.42 -18.02 -6.30
C LEU A 619 35.31 -18.27 -7.30
N TRP A 620 34.83 -17.19 -7.94
CA TRP A 620 33.78 -17.22 -8.96
C TRP A 620 33.97 -16.07 -9.94
N LYS A 621 33.59 -16.31 -11.20
CA LYS A 621 33.86 -15.38 -12.28
C LYS A 621 32.75 -15.41 -13.31
N ASN A 622 32.58 -14.28 -14.04
CA ASN A 622 31.59 -14.11 -15.11
C ASN A 622 30.18 -14.53 -14.72
N VAL A 623 29.78 -14.18 -13.49
CA VAL A 623 28.43 -14.49 -13.03
C VAL A 623 27.50 -13.38 -13.51
N ARG A 624 26.47 -13.75 -14.27
CA ARG A 624 25.52 -12.79 -14.82
C ARG A 624 24.65 -12.19 -13.73
N VAL A 625 24.60 -10.85 -13.68
CA VAL A 625 23.81 -10.08 -12.72
C VAL A 625 22.86 -9.16 -13.46
N LYS A 626 21.84 -8.63 -12.75
CA LYS A 626 20.90 -7.71 -13.37
C LYS A 626 21.62 -6.43 -13.75
N TYR A 627 21.30 -5.91 -14.92
CA TYR A 627 21.87 -4.69 -15.45
C TYR A 627 20.89 -4.03 -16.42
N PRO A 628 20.70 -2.71 -16.36
CA PRO A 628 21.37 -1.73 -15.48
C PRO A 628 20.98 -1.81 -14.02
N GLY A 629 21.87 -1.33 -13.18
CA GLY A 629 21.70 -1.28 -11.74
C GLY A 629 22.71 -0.34 -11.13
N HIS A 630 22.35 0.29 -10.02
CA HIS A 630 23.23 1.22 -9.32
C HIS A 630 22.91 1.28 -7.83
N GLY A 631 23.92 1.64 -7.04
CA GLY A 631 23.74 1.75 -5.59
C GLY A 631 25.05 1.80 -4.84
N TRP A 632 24.98 1.88 -3.51
CA TRP A 632 26.15 1.97 -2.63
C TRP A 632 26.93 0.68 -2.51
N ALA A 633 28.11 0.79 -1.91
CA ALA A 633 28.92 -0.34 -1.48
C ALA A 633 28.44 -0.63 -0.04
N ALA A 634 28.67 -1.85 0.46
CA ALA A 634 28.25 -2.22 1.80
C ALA A 634 29.04 -3.38 2.40
N ILE A 635 28.95 -3.53 3.72
CA ILE A 635 29.54 -4.61 4.50
C ILE A 635 28.47 -5.06 5.49
N GLY A 636 28.57 -6.28 5.98
CA GLY A 636 27.62 -6.77 6.97
C GLY A 636 27.83 -8.18 7.45
N THR A 637 26.89 -8.67 8.27
CA THR A 637 26.95 -10.00 8.87
C THR A 637 25.64 -10.75 8.63
N HIS A 638 25.71 -12.09 8.60
CA HIS A 638 24.54 -12.94 8.34
C HIS A 638 23.36 -12.70 9.32
N THR A 639 23.62 -12.66 10.63
CA THR A 639 22.59 -12.33 11.63
C THR A 639 23.14 -11.26 12.58
N PHE A 640 22.49 -11.03 13.75
CA PHE A 640 22.99 -10.13 14.78
C PHE A 640 24.08 -10.93 15.51
N GLU A 641 25.32 -10.83 14.99
CA GLU A 641 26.50 -11.58 15.45
C GLU A 641 27.77 -10.72 15.38
N PHE A 642 28.78 -11.04 16.20
CA PHE A 642 30.04 -10.30 16.17
C PHE A 642 30.88 -10.66 14.94
N ALA A 643 31.49 -9.65 14.32
CA ALA A 643 32.40 -9.82 13.18
C ALA A 643 33.27 -8.58 13.03
N GLN A 644 34.46 -8.73 12.44
CA GLN A 644 35.38 -7.61 12.25
C GLN A 644 35.74 -7.37 10.79
N PHE A 645 36.05 -6.12 10.47
CA PHE A 645 36.38 -5.68 9.12
C PHE A 645 37.60 -4.81 9.18
N ASP A 646 38.47 -4.90 8.16
CA ASP A 646 39.70 -4.11 8.13
C ASP A 646 40.12 -3.81 6.70
N ASN A 647 40.91 -2.73 6.51
CA ASN A 647 41.48 -2.33 5.23
C ASN A 647 40.45 -2.29 4.10
N PHE A 648 39.43 -1.44 4.29
CA PHE A 648 38.34 -1.28 3.34
C PHE A 648 38.76 -0.44 2.15
N ARG A 649 38.42 -0.91 0.94
CA ARG A 649 38.72 -0.17 -0.29
C ARG A 649 37.58 -0.27 -1.28
N VAL A 650 37.35 0.81 -2.02
CA VAL A 650 36.37 0.84 -3.10
C VAL A 650 36.88 1.74 -4.22
N GLU A 651 36.74 1.27 -5.46
CA GLU A 651 36.98 2.08 -6.63
C GLU A 651 35.77 1.91 -7.52
N ALA A 652 35.16 3.03 -7.92
CA ALA A 652 33.91 2.97 -8.68
C ALA A 652 33.79 4.00 -9.79
N ALA A 653 32.85 3.76 -10.72
CA ALA A 653 32.52 4.64 -11.82
C ALA A 653 31.03 4.97 -11.73
N ARG A 654 30.72 6.28 -11.71
CA ARG A 654 29.36 6.81 -11.56
C ARG A 654 28.59 6.78 -12.89
N GLY B 11 18.59 -34.04 -28.70
CA GLY B 11 17.79 -34.92 -27.85
C GLY B 11 16.58 -35.51 -28.56
N ALA B 12 16.27 -36.81 -28.25
CA ALA B 12 15.15 -37.57 -28.79
C ALA B 12 14.09 -37.82 -27.71
N TYR B 13 12.91 -37.19 -27.88
CA TYR B 13 11.74 -37.20 -26.99
C TYR B 13 10.76 -38.31 -27.30
N VAL B 14 10.66 -39.29 -26.40
CA VAL B 14 9.74 -40.43 -26.59
C VAL B 14 8.35 -40.12 -26.07
N LEU B 15 7.36 -40.54 -26.88
CA LEU B 15 5.92 -40.47 -26.63
C LEU B 15 5.39 -41.89 -26.71
N ASP B 16 4.81 -42.39 -25.60
CA ASP B 16 4.35 -43.77 -25.51
C ASP B 16 3.17 -43.99 -24.54
N ASP B 17 2.30 -44.94 -24.88
CA ASP B 17 1.14 -45.32 -24.07
C ASP B 17 1.28 -46.76 -23.59
N SER B 18 2.47 -47.37 -23.76
CA SER B 18 2.72 -48.76 -23.40
C SER B 18 2.72 -49.02 -21.91
N ASP B 19 3.21 -48.05 -21.12
CA ASP B 19 3.22 -48.19 -19.67
C ASP B 19 1.95 -47.62 -19.03
N GLY B 20 0.98 -47.29 -19.87
CA GLY B 20 -0.29 -46.74 -19.41
C GLY B 20 -0.43 -45.25 -19.66
N LEU B 21 -1.44 -44.64 -19.04
CA LEU B 21 -1.74 -43.23 -19.26
C LEU B 21 -1.59 -42.34 -18.03
N GLY B 22 -1.54 -41.03 -18.29
CA GLY B 22 -1.48 -40.00 -17.26
C GLY B 22 -2.87 -39.72 -16.72
N ARG B 23 -3.11 -38.48 -16.29
CA ARG B 23 -4.40 -38.09 -15.72
C ARG B 23 -5.41 -37.76 -16.82
N GLU B 24 -6.72 -37.87 -16.48
CA GLU B 24 -7.80 -37.52 -17.38
C GLU B 24 -7.87 -36.00 -17.49
N PHE B 25 -7.88 -35.49 -18.75
CA PHE B 25 -7.99 -34.06 -19.06
C PHE B 25 -9.43 -33.61 -18.83
N ASP B 26 -9.61 -32.49 -18.10
CA ASP B 26 -10.94 -32.01 -17.73
C ASP B 26 -11.46 -30.82 -18.53
N GLY B 27 -10.59 -30.14 -19.29
CA GLY B 27 -11.03 -29.04 -20.14
C GLY B 27 -10.45 -27.68 -19.85
N ILE B 28 -10.54 -26.79 -20.86
CA ILE B 28 -10.11 -25.40 -20.74
C ILE B 28 -11.35 -24.52 -20.69
N GLY B 29 -11.37 -23.55 -19.77
CA GLY B 29 -12.49 -22.64 -19.64
C GLY B 29 -12.13 -21.19 -19.38
N ALA B 30 -13.18 -20.36 -19.16
CA ALA B 30 -13.06 -18.94 -18.85
C ALA B 30 -14.17 -18.48 -17.89
N VAL B 31 -13.94 -17.37 -17.19
CA VAL B 31 -14.87 -16.81 -16.21
C VAL B 31 -15.63 -15.60 -16.73
N SER B 32 -16.96 -15.60 -16.54
CA SER B 32 -17.76 -14.41 -16.76
C SER B 32 -18.26 -14.04 -15.37
N GLY B 33 -17.79 -12.89 -14.88
CA GLY B 33 -18.14 -12.43 -13.55
C GLY B 33 -16.92 -12.04 -12.76
N GLY B 34 -17.15 -11.61 -11.53
CA GLY B 34 -16.11 -11.11 -10.63
C GLY B 34 -15.29 -9.99 -11.23
N GLY B 35 -15.93 -8.89 -11.67
CA GLY B 35 -17.37 -8.63 -11.59
C GLY B 35 -17.85 -7.73 -12.69
N ALA B 36 -19.00 -8.06 -13.32
CA ALA B 36 -19.61 -7.32 -14.43
C ALA B 36 -18.65 -7.21 -15.64
N THR B 37 -17.90 -8.32 -15.92
CA THR B 37 -16.93 -8.37 -17.02
C THR B 37 -17.59 -8.47 -18.38
N SER B 38 -18.83 -9.00 -18.42
CA SER B 38 -19.57 -9.16 -19.65
C SER B 38 -20.63 -8.06 -19.85
N ARG B 39 -20.59 -7.01 -19.00
CA ARG B 39 -21.57 -5.92 -18.94
C ARG B 39 -21.94 -5.27 -20.28
N LEU B 40 -20.94 -4.91 -21.09
CA LEU B 40 -21.15 -4.19 -22.36
C LEU B 40 -21.39 -5.10 -23.58
N LEU B 41 -21.39 -6.43 -23.39
CA LEU B 41 -21.61 -7.33 -24.52
C LEU B 41 -23.07 -7.40 -24.92
N VAL B 42 -23.97 -7.37 -23.93
CA VAL B 42 -25.41 -7.56 -24.11
C VAL B 42 -26.07 -6.60 -25.11
N ASN B 43 -25.58 -5.35 -25.19
CA ASN B 43 -26.16 -4.34 -26.07
C ASN B 43 -25.40 -4.16 -27.41
N TYR B 44 -24.61 -5.17 -27.82
CA TYR B 44 -23.96 -5.14 -29.13
C TYR B 44 -25.03 -5.38 -30.17
N PRO B 45 -24.99 -4.65 -31.30
CA PRO B 45 -25.94 -4.91 -32.37
C PRO B 45 -25.62 -6.22 -33.07
N GLU B 46 -26.62 -6.81 -33.72
CA GLU B 46 -26.37 -8.01 -34.50
C GLU B 46 -25.79 -7.53 -35.81
N PRO B 47 -24.95 -8.31 -36.51
CA PRO B 47 -24.56 -9.71 -36.25
C PRO B 47 -23.37 -9.84 -35.30
N TYR B 48 -22.77 -8.71 -34.93
CA TYR B 48 -21.54 -8.66 -34.14
C TYR B 48 -21.62 -9.39 -32.82
N ARG B 49 -22.72 -9.20 -32.07
CA ARG B 49 -22.89 -9.90 -30.80
C ARG B 49 -22.79 -11.44 -30.98
N SER B 50 -23.50 -11.97 -32.00
CA SER B 50 -23.52 -13.39 -32.33
C SER B 50 -22.17 -13.89 -32.86
N GLU B 51 -21.44 -13.01 -33.58
CA GLU B 51 -20.10 -13.32 -34.10
C GLU B 51 -19.13 -13.52 -32.94
N ILE B 52 -19.15 -12.57 -31.97
CA ILE B 52 -18.32 -12.61 -30.77
C ILE B 52 -18.56 -13.93 -30.04
N LEU B 53 -19.84 -14.29 -29.84
CA LEU B 53 -20.22 -15.52 -29.16
C LEU B 53 -19.67 -16.77 -29.85
N ASP B 54 -19.63 -16.75 -31.20
CA ASP B 54 -19.06 -17.83 -32.01
C ASP B 54 -17.56 -17.98 -31.82
N TYR B 55 -16.82 -16.85 -31.84
CA TYR B 55 -15.38 -16.86 -31.60
C TYR B 55 -15.06 -17.49 -30.25
N LEU B 56 -15.97 -17.35 -29.28
CA LEU B 56 -15.80 -17.87 -27.94
C LEU B 56 -16.25 -19.32 -27.77
N PHE B 57 -17.44 -19.66 -28.29
CA PHE B 57 -18.07 -20.93 -27.99
C PHE B 57 -18.29 -21.90 -29.13
N LYS B 58 -18.34 -21.42 -30.39
CA LYS B 58 -18.56 -22.31 -31.53
C LYS B 58 -17.41 -23.30 -31.70
N PRO B 59 -17.76 -24.60 -31.68
CA PRO B 59 -16.75 -25.66 -31.85
C PRO B 59 -16.08 -25.61 -33.22
N ASN B 60 -14.77 -25.94 -33.26
CA ASN B 60 -13.96 -25.94 -34.48
C ASN B 60 -14.07 -24.60 -35.25
N PHE B 61 -13.96 -23.49 -34.49
CA PHE B 61 -14.05 -22.14 -35.04
C PHE B 61 -13.02 -21.21 -34.39
N GLY B 62 -13.25 -20.85 -33.13
CA GLY B 62 -12.37 -19.97 -32.38
C GLY B 62 -11.84 -20.62 -31.12
N ALA B 63 -12.00 -19.94 -29.98
CA ALA B 63 -11.54 -20.44 -28.67
C ALA B 63 -12.17 -21.76 -28.31
N SER B 64 -13.36 -22.08 -28.91
CA SER B 64 -14.06 -23.36 -28.77
C SER B 64 -13.96 -23.89 -27.32
N LEU B 65 -14.30 -23.04 -26.33
CA LEU B 65 -14.16 -23.34 -24.89
C LEU B 65 -14.96 -24.54 -24.41
N HIS B 66 -14.33 -25.36 -23.52
CA HIS B 66 -14.92 -26.58 -22.94
C HIS B 66 -15.73 -26.28 -21.67
N ILE B 67 -15.37 -25.21 -20.97
CA ILE B 67 -15.96 -24.82 -19.69
C ILE B 67 -16.34 -23.33 -19.63
N LEU B 68 -17.50 -23.01 -19.05
CA LEU B 68 -17.92 -21.63 -18.77
C LEU B 68 -18.23 -21.53 -17.28
N LYS B 69 -17.49 -20.67 -16.58
CA LYS B 69 -17.69 -20.44 -15.14
C LYS B 69 -18.32 -19.06 -14.96
N VAL B 70 -19.45 -19.01 -14.22
CA VAL B 70 -20.17 -17.74 -14.01
C VAL B 70 -20.26 -17.37 -12.54
N GLU B 71 -20.33 -16.05 -12.25
CA GLU B 71 -20.54 -15.57 -10.89
C GLU B 71 -22.02 -15.71 -10.57
N ILE B 72 -22.34 -16.18 -9.35
CA ILE B 72 -23.71 -16.20 -8.83
C ILE B 72 -23.85 -14.81 -8.14
N GLY B 73 -24.41 -13.83 -8.87
CA GLY B 73 -24.57 -12.45 -8.41
C GLY B 73 -25.07 -12.33 -6.98
N GLY B 74 -24.43 -11.46 -6.20
CA GLY B 74 -24.80 -11.27 -4.80
C GLY B 74 -25.10 -9.85 -4.41
N ASP B 75 -25.24 -8.94 -5.42
CA ASP B 75 -25.54 -7.49 -5.31
C ASP B 75 -24.34 -6.61 -4.88
N GLY B 76 -23.21 -7.24 -4.57
CA GLY B 76 -22.02 -6.51 -4.16
C GLY B 76 -21.07 -6.22 -5.30
N GLN B 77 -20.13 -5.26 -5.08
CA GLN B 77 -19.09 -4.90 -6.04
C GLN B 77 -18.10 -6.06 -6.08
N THR B 78 -17.80 -6.60 -7.29
CA THR B 78 -16.97 -7.80 -7.34
C THR B 78 -15.76 -7.72 -8.30
N THR B 79 -15.29 -6.48 -8.68
CA THR B 79 -14.05 -6.08 -9.39
C THR B 79 -14.27 -4.94 -10.40
N ASP B 80 -15.26 -5.07 -11.31
CA ASP B 80 -15.54 -4.05 -12.33
C ASP B 80 -17.01 -3.62 -12.31
N GLY B 81 -17.65 -3.88 -11.19
CA GLY B 81 -19.06 -3.55 -10.99
C GLY B 81 -19.79 -4.52 -10.10
N THR B 82 -21.10 -4.30 -9.93
CA THR B 82 -21.95 -5.17 -9.13
C THR B 82 -22.74 -6.10 -10.08
N GLU B 83 -23.14 -7.30 -9.60
CA GLU B 83 -23.96 -8.23 -10.37
C GLU B 83 -25.22 -8.58 -9.58
N PRO B 84 -26.42 -8.50 -10.24
CA PRO B 84 -27.69 -8.68 -9.52
C PRO B 84 -27.94 -10.09 -9.03
N SER B 85 -28.47 -10.19 -7.80
CA SER B 85 -28.80 -11.44 -7.17
C SER B 85 -30.20 -11.89 -7.55
N HIS B 86 -30.46 -13.21 -7.44
CA HIS B 86 -31.79 -13.77 -7.68
C HIS B 86 -32.71 -13.48 -6.49
N MET B 87 -32.14 -13.12 -5.34
CA MET B 87 -32.86 -12.81 -4.11
C MET B 87 -32.32 -11.52 -3.48
N HIS B 88 -32.84 -10.35 -3.90
CA HIS B 88 -32.43 -9.05 -3.34
C HIS B 88 -32.80 -8.96 -1.86
N TYR B 89 -34.01 -9.50 -1.54
CA TYR B 89 -34.67 -9.58 -0.21
C TYR B 89 -35.05 -11.04 0.10
N GLU B 90 -35.29 -11.35 1.39
CA GLU B 90 -35.63 -12.73 1.83
C GLU B 90 -36.84 -13.35 1.13
N LEU B 91 -37.84 -12.50 0.80
CA LEU B 91 -39.09 -12.90 0.16
C LEU B 91 -39.07 -12.59 -1.35
N ASP B 92 -37.89 -12.24 -1.87
CA ASP B 92 -37.71 -11.91 -3.27
C ASP B 92 -37.03 -13.06 -4.00
N GLU B 93 -37.64 -13.51 -5.13
CA GLU B 93 -37.07 -14.52 -6.03
C GLU B 93 -37.32 -14.10 -7.48
N ASN B 94 -36.24 -13.99 -8.27
CA ASN B 94 -36.31 -13.58 -9.68
C ASN B 94 -35.15 -14.22 -10.41
N TYR B 95 -35.45 -15.07 -11.39
CA TYR B 95 -34.41 -15.80 -12.09
C TYR B 95 -34.12 -15.23 -13.48
N PHE B 96 -34.38 -13.93 -13.67
CA PHE B 96 -34.22 -13.27 -14.97
C PHE B 96 -33.44 -11.94 -14.91
N ARG B 97 -32.68 -11.72 -13.82
CA ARG B 97 -31.87 -10.51 -13.70
C ARG B 97 -30.49 -10.77 -14.29
N GLY B 98 -29.84 -9.71 -14.73
CA GLY B 98 -28.48 -9.82 -15.24
C GLY B 98 -28.32 -10.47 -16.59
N TYR B 99 -27.10 -10.93 -16.86
CA TYR B 99 -26.74 -11.46 -18.17
C TYR B 99 -26.10 -12.83 -18.15
N GLU B 100 -25.89 -13.42 -16.96
CA GLU B 100 -25.26 -14.74 -16.89
C GLU B 100 -26.16 -15.86 -17.40
N TRP B 101 -27.49 -15.74 -17.18
CA TRP B 101 -28.45 -16.74 -17.68
C TRP B 101 -28.38 -16.75 -19.20
N TRP B 102 -28.47 -15.56 -19.81
CA TRP B 102 -28.41 -15.37 -21.26
C TRP B 102 -27.10 -15.92 -21.82
N LEU B 103 -25.98 -15.60 -21.17
CA LEU B 103 -24.67 -16.03 -21.64
C LEU B 103 -24.56 -17.55 -21.65
N MET B 104 -24.99 -18.20 -20.55
CA MET B 104 -24.96 -19.66 -20.43
C MET B 104 -25.81 -20.31 -21.53
N LYS B 105 -26.99 -19.73 -21.82
CA LYS B 105 -27.87 -20.25 -22.86
C LYS B 105 -27.25 -20.11 -24.25
N GLU B 106 -26.55 -18.98 -24.50
CA GLU B 106 -25.90 -18.71 -25.78
C GLU B 106 -24.74 -19.68 -26.00
N ALA B 107 -24.00 -19.95 -24.91
CA ALA B 107 -22.86 -20.87 -24.93
C ALA B 107 -23.37 -22.27 -25.21
N LYS B 108 -24.46 -22.67 -24.52
CA LYS B 108 -25.03 -24.00 -24.64
C LYS B 108 -25.63 -24.25 -26.02
N LYS B 109 -26.21 -23.21 -26.67
CA LYS B 109 -26.74 -23.32 -28.02
C LYS B 109 -25.65 -23.70 -29.03
N ARG B 110 -24.44 -23.14 -28.86
CA ARG B 110 -23.29 -23.37 -29.74
C ARG B 110 -22.62 -24.68 -29.42
N ASN B 111 -22.46 -24.96 -28.13
CA ASN B 111 -21.82 -26.17 -27.68
C ASN B 111 -22.62 -26.80 -26.54
N PRO B 112 -23.49 -27.77 -26.89
CA PRO B 112 -24.30 -28.44 -25.86
C PRO B 112 -23.51 -29.25 -24.84
N ASP B 113 -22.27 -29.60 -25.17
CA ASP B 113 -21.37 -30.35 -24.28
C ASP B 113 -20.51 -29.44 -23.41
N ILE B 114 -20.80 -28.13 -23.40
CA ILE B 114 -20.05 -27.21 -22.58
C ILE B 114 -20.30 -27.51 -21.10
N ILE B 115 -19.27 -27.37 -20.25
CA ILE B 115 -19.37 -27.60 -18.81
C ILE B 115 -19.74 -26.28 -18.13
N LEU B 116 -20.73 -26.30 -17.24
CA LEU B 116 -21.18 -25.10 -16.53
C LEU B 116 -20.83 -25.11 -15.05
N MET B 117 -20.26 -23.98 -14.57
CA MET B 117 -19.89 -23.79 -13.18
C MET B 117 -20.42 -22.48 -12.64
N GLY B 118 -20.83 -22.51 -11.37
CA GLY B 118 -21.32 -21.34 -10.64
C GLY B 118 -20.54 -21.13 -9.36
N LEU B 119 -20.34 -19.86 -8.98
CA LEU B 119 -19.58 -19.52 -7.77
C LEU B 119 -19.95 -18.14 -7.23
N PRO B 120 -20.32 -18.02 -5.93
CA PRO B 120 -20.61 -16.70 -5.37
C PRO B 120 -19.34 -15.93 -4.96
N TRP B 121 -19.35 -14.61 -5.22
CA TRP B 121 -18.30 -13.68 -4.78
C TRP B 121 -18.90 -12.94 -3.56
N SER B 122 -20.10 -12.34 -3.74
CA SER B 122 -20.82 -11.62 -2.69
C SER B 122 -22.15 -12.30 -2.40
N PHE B 123 -22.80 -11.88 -1.30
CA PHE B 123 -24.10 -12.39 -0.91
C PHE B 123 -24.98 -11.24 -0.50
N PRO B 124 -26.31 -11.30 -0.71
CA PRO B 124 -27.19 -10.23 -0.24
C PRO B 124 -27.16 -10.13 1.28
N GLY B 125 -27.38 -8.93 1.79
CA GLY B 125 -27.34 -8.61 3.21
C GLY B 125 -28.18 -9.46 4.15
N TRP B 126 -29.48 -9.61 3.83
CA TRP B 126 -30.49 -10.31 4.64
C TRP B 126 -30.03 -11.68 5.17
N LEU B 127 -29.26 -12.40 4.34
CA LEU B 127 -28.71 -13.73 4.54
C LEU B 127 -27.79 -13.83 5.78
N GLY B 128 -27.13 -12.71 6.11
CA GLY B 128 -26.20 -12.60 7.23
C GLY B 128 -26.85 -12.47 8.59
N LYS B 129 -28.15 -12.15 8.59
CA LYS B 129 -29.00 -12.00 9.77
C LYS B 129 -28.41 -11.08 10.85
N GLY B 130 -27.89 -9.94 10.41
CA GLY B 130 -27.29 -8.95 11.29
C GLY B 130 -25.78 -8.88 11.24
N PHE B 131 -25.13 -9.86 10.58
CA PHE B 131 -23.67 -9.91 10.48
C PHE B 131 -23.22 -9.93 9.04
N SER B 132 -21.98 -9.50 8.82
CA SER B 132 -21.34 -9.52 7.53
C SER B 132 -20.56 -10.84 7.44
N TRP B 133 -21.30 -11.97 7.52
CA TRP B 133 -20.76 -13.33 7.44
C TRP B 133 -21.80 -14.25 6.78
N PRO B 134 -21.41 -15.08 5.78
CA PRO B 134 -22.40 -15.95 5.13
C PRO B 134 -22.73 -17.25 5.86
N TYR B 135 -21.86 -17.68 6.79
CA TYR B 135 -22.04 -18.93 7.53
C TYR B 135 -22.81 -18.77 8.87
N VAL B 136 -23.68 -17.74 8.94
CA VAL B 136 -24.52 -17.43 10.11
C VAL B 136 -25.54 -18.58 10.31
N ASN B 137 -26.37 -18.85 9.27
CA ASN B 137 -27.29 -20.00 9.26
C ASN B 137 -26.89 -20.82 8.06
N LEU B 138 -26.16 -21.94 8.30
CA LEU B 138 -25.63 -22.80 7.23
C LEU B 138 -26.69 -23.28 6.27
N GLN B 139 -27.89 -23.59 6.78
CA GLN B 139 -29.04 -24.03 5.98
C GLN B 139 -29.55 -22.96 5.02
N LEU B 140 -29.85 -21.73 5.54
CA LEU B 140 -30.38 -20.61 4.76
C LEU B 140 -29.47 -20.22 3.58
N THR B 141 -28.15 -20.28 3.81
CA THR B 141 -27.14 -19.98 2.80
C THR B 141 -27.13 -21.09 1.73
N ALA B 142 -27.16 -22.38 2.15
CA ALA B 142 -27.20 -23.50 1.23
C ALA B 142 -28.49 -23.49 0.39
N TYR B 143 -29.66 -23.14 1.00
CA TYR B 143 -30.95 -23.05 0.29
C TYR B 143 -30.91 -21.91 -0.72
N TYR B 144 -30.29 -20.75 -0.36
CA TYR B 144 -30.13 -19.61 -1.25
C TYR B 144 -29.38 -20.05 -2.53
N VAL B 145 -28.24 -20.77 -2.36
CA VAL B 145 -27.37 -21.25 -3.44
C VAL B 145 -28.03 -22.33 -4.31
N VAL B 146 -28.51 -23.41 -3.67
CA VAL B 146 -29.12 -24.54 -4.37
C VAL B 146 -30.33 -24.06 -5.18
N ARG B 147 -31.12 -23.09 -4.66
CA ARG B 147 -32.26 -22.48 -5.36
C ARG B 147 -31.84 -21.89 -6.73
N TRP B 148 -30.63 -21.26 -6.80
CA TRP B 148 -30.06 -20.70 -8.03
C TRP B 148 -29.88 -21.82 -9.05
N ILE B 149 -29.24 -22.94 -8.62
CA ILE B 149 -28.95 -24.13 -9.42
C ILE B 149 -30.24 -24.75 -9.97
N LEU B 150 -31.31 -24.79 -9.15
CA LEU B 150 -32.63 -25.30 -9.54
C LEU B 150 -33.31 -24.31 -10.49
N GLY B 151 -33.09 -23.01 -10.24
CA GLY B 151 -33.62 -21.93 -11.05
C GLY B 151 -33.06 -22.00 -12.45
N ALA B 152 -31.74 -22.33 -12.53
CA ALA B 152 -30.99 -22.50 -13.78
C ALA B 152 -31.62 -23.58 -14.66
N LYS B 153 -32.11 -24.66 -14.03
CA LYS B 153 -32.78 -25.74 -14.76
C LYS B 153 -34.25 -25.45 -15.04
N HIS B 154 -35.04 -25.05 -14.03
CA HIS B 154 -36.49 -24.80 -14.16
C HIS B 154 -36.90 -23.66 -15.07
N TYR B 155 -36.07 -22.61 -15.15
CA TYR B 155 -36.39 -21.42 -15.94
C TYR B 155 -35.59 -21.26 -17.21
N HIS B 156 -34.44 -21.97 -17.33
CA HIS B 156 -33.55 -21.82 -18.50
C HIS B 156 -33.09 -23.13 -19.13
N ASP B 157 -33.48 -24.28 -18.52
CA ASP B 157 -33.12 -25.62 -18.96
C ASP B 157 -31.59 -25.79 -19.00
N LEU B 158 -30.94 -25.30 -17.95
CA LEU B 158 -29.49 -25.38 -17.83
C LEU B 158 -29.10 -26.36 -16.72
N ASP B 159 -28.16 -27.26 -17.02
CA ASP B 159 -27.62 -28.17 -16.01
C ASP B 159 -26.32 -27.62 -15.48
N ILE B 160 -26.29 -27.20 -14.20
CA ILE B 160 -25.06 -26.72 -13.59
C ILE B 160 -24.25 -27.96 -13.18
N ASP B 161 -23.01 -28.06 -13.68
CA ASP B 161 -22.17 -29.23 -13.43
C ASP B 161 -21.35 -29.13 -12.13
N TYR B 162 -20.86 -27.92 -11.81
CA TYR B 162 -20.04 -27.69 -10.63
C TYR B 162 -20.51 -26.49 -9.81
N ILE B 163 -20.39 -26.60 -8.48
CA ILE B 163 -20.70 -25.52 -7.54
C ILE B 163 -19.51 -25.24 -6.61
N GLY B 164 -19.21 -23.96 -6.41
CA GLY B 164 -18.12 -23.53 -5.54
C GLY B 164 -18.60 -23.08 -4.17
N ILE B 165 -17.67 -22.61 -3.34
CA ILE B 165 -18.00 -22.20 -1.98
C ILE B 165 -18.13 -20.67 -1.85
N TRP B 166 -17.00 -19.96 -1.64
CA TRP B 166 -16.94 -18.51 -1.52
C TRP B 166 -15.62 -18.01 -2.10
N ASN B 167 -15.70 -17.35 -3.28
CA ASN B 167 -14.54 -16.91 -4.07
C ASN B 167 -13.47 -16.19 -3.27
N GLU B 168 -12.28 -16.81 -3.19
CA GLU B 168 -11.09 -16.25 -2.52
C GLU B 168 -11.35 -15.82 -1.10
N ARG B 169 -12.28 -16.51 -0.44
CA ARG B 169 -12.65 -16.21 0.93
C ARG B 169 -12.66 -17.52 1.75
N PRO B 170 -12.67 -17.44 3.11
CA PRO B 170 -12.64 -18.67 3.92
C PRO B 170 -13.80 -19.62 3.66
N PHE B 171 -13.55 -20.93 3.80
CA PHE B 171 -14.58 -21.93 3.63
C PHE B 171 -14.99 -22.42 5.00
N ASP B 172 -16.17 -23.05 5.11
CA ASP B 172 -16.65 -23.68 6.34
C ASP B 172 -16.89 -25.13 5.97
N ALA B 173 -16.14 -26.04 6.62
CA ALA B 173 -16.23 -27.49 6.38
C ALA B 173 -17.65 -27.99 6.62
N ASN B 174 -18.35 -27.40 7.59
CA ASN B 174 -19.72 -27.74 7.92
C ASN B 174 -20.72 -27.18 6.92
N TYR B 175 -20.37 -26.05 6.24
CA TYR B 175 -21.20 -25.50 5.17
C TYR B 175 -21.02 -26.41 3.97
N ILE B 176 -19.77 -26.84 3.68
CA ILE B 176 -19.44 -27.74 2.56
C ILE B 176 -20.18 -29.05 2.72
N LYS B 177 -20.36 -29.51 3.96
CA LYS B 177 -21.07 -30.73 4.28
C LYS B 177 -22.60 -30.53 4.10
N GLU B 178 -23.11 -29.37 4.58
CA GLU B 178 -24.51 -28.96 4.47
C GLU B 178 -24.85 -28.80 3.00
N LEU B 179 -23.93 -28.23 2.20
CA LEU B 179 -24.15 -28.03 0.78
C LEU B 179 -24.37 -29.33 0.06
N ARG B 180 -23.55 -30.35 0.36
CA ARG B 180 -23.71 -31.68 -0.24
C ARG B 180 -25.08 -32.24 0.09
N LYS B 181 -25.45 -32.18 1.39
CA LYS B 181 -26.73 -32.66 1.90
C LYS B 181 -27.87 -31.99 1.16
N MET B 182 -27.83 -30.64 1.10
CA MET B 182 -28.82 -29.78 0.47
C MET B 182 -29.07 -30.15 -0.99
N LEU B 183 -27.98 -30.28 -1.78
CA LEU B 183 -28.00 -30.62 -3.21
C LEU B 183 -28.66 -31.94 -3.40
N ASP B 184 -28.21 -32.96 -2.63
CA ASP B 184 -28.74 -34.31 -2.70
C ASP B 184 -30.24 -34.34 -2.37
N TYR B 185 -30.63 -33.64 -1.29
CA TYR B 185 -32.02 -33.51 -0.86
C TYR B 185 -32.93 -32.92 -1.93
N GLN B 186 -32.38 -31.99 -2.72
CA GLN B 186 -33.11 -31.31 -3.79
C GLN B 186 -33.00 -32.05 -5.13
N GLY B 187 -32.50 -33.29 -5.10
CA GLY B 187 -32.35 -34.14 -6.29
C GLY B 187 -31.23 -33.72 -7.24
N LEU B 188 -30.25 -33.01 -6.73
CA LEU B 188 -29.12 -32.54 -7.53
C LEU B 188 -27.84 -33.32 -7.20
N GLN B 189 -27.95 -34.66 -7.12
CA GLN B 189 -26.82 -35.53 -6.78
C GLN B 189 -25.73 -35.45 -7.81
N ARG B 190 -26.10 -35.14 -9.07
CA ARG B 190 -25.16 -35.05 -10.17
C ARG B 190 -24.21 -33.84 -10.08
N VAL B 191 -24.63 -32.78 -9.38
CA VAL B 191 -23.86 -31.55 -9.19
C VAL B 191 -22.63 -31.86 -8.33
N ARG B 192 -21.42 -31.53 -8.83
CA ARG B 192 -20.16 -31.74 -8.10
C ARG B 192 -19.68 -30.48 -7.38
N ILE B 193 -18.94 -30.65 -6.27
CA ILE B 193 -18.41 -29.56 -5.45
C ILE B 193 -16.92 -29.34 -5.68
N ILE B 194 -16.53 -28.08 -5.91
CA ILE B 194 -15.14 -27.65 -6.07
C ILE B 194 -14.79 -26.70 -4.91
N ALA B 195 -13.65 -26.94 -4.28
CA ALA B 195 -13.20 -26.12 -3.17
C ALA B 195 -11.68 -25.82 -3.21
N SER B 196 -11.21 -24.68 -2.67
CA SER B 196 -12.06 -23.65 -2.04
C SER B 196 -11.99 -22.34 -2.82
N ASP B 197 -11.50 -22.42 -4.09
CA ASP B 197 -11.31 -21.28 -4.98
C ASP B 197 -10.45 -20.20 -4.30
N ASN B 198 -9.34 -20.65 -3.72
CA ASN B 198 -8.38 -19.80 -3.03
C ASN B 198 -6.98 -20.42 -3.21
N LEU B 199 -6.26 -20.72 -2.11
CA LEU B 199 -4.94 -21.34 -2.21
C LEU B 199 -5.04 -22.85 -2.00
N TRP B 200 -3.90 -23.59 -2.16
CA TRP B 200 -3.87 -25.03 -1.95
C TRP B 200 -4.23 -25.37 -0.53
N GLU B 201 -3.85 -24.48 0.39
CA GLU B 201 -4.15 -24.64 1.80
C GLU B 201 -5.13 -23.55 2.29
N PRO B 202 -5.94 -23.82 3.33
CA PRO B 202 -5.97 -25.04 4.16
C PRO B 202 -6.84 -26.17 3.62
N ILE B 203 -7.43 -26.03 2.41
CA ILE B 203 -8.31 -27.07 1.88
C ILE B 203 -7.63 -28.44 1.75
N SER B 204 -6.41 -28.50 1.18
CA SER B 204 -5.68 -29.74 0.93
C SER B 204 -5.44 -30.56 2.19
N SER B 205 -4.91 -29.92 3.25
CA SER B 205 -4.66 -30.59 4.52
C SER B 205 -5.96 -30.98 5.22
N SER B 206 -7.02 -30.15 5.11
CA SER B 206 -8.33 -30.41 5.71
C SER B 206 -8.93 -31.70 5.15
N LEU B 207 -8.73 -31.93 3.84
CA LEU B 207 -9.21 -33.15 3.17
C LEU B 207 -8.48 -34.40 3.67
N LEU B 208 -7.20 -34.26 4.07
CA LEU B 208 -6.41 -35.39 4.56
C LEU B 208 -6.74 -35.72 5.99
N LEU B 209 -7.22 -34.73 6.74
CA LEU B 209 -7.54 -34.91 8.16
C LEU B 209 -9.00 -35.26 8.42
N ASP B 210 -9.88 -35.04 7.44
CA ASP B 210 -11.30 -35.29 7.60
C ASP B 210 -11.86 -36.15 6.48
N GLN B 211 -12.12 -37.44 6.77
CA GLN B 211 -12.68 -38.41 5.83
C GLN B 211 -14.03 -37.93 5.26
N GLU B 212 -14.90 -37.39 6.12
CA GLU B 212 -16.22 -36.90 5.71
C GLU B 212 -16.13 -35.74 4.71
N LEU B 213 -15.19 -34.81 4.93
CA LEU B 213 -14.98 -33.69 4.04
C LEU B 213 -14.38 -34.19 2.74
N TRP B 214 -13.43 -35.13 2.83
CA TRP B 214 -12.81 -35.73 1.67
C TRP B 214 -13.86 -36.31 0.74
N LYS B 215 -14.85 -37.01 1.30
CA LYS B 215 -15.91 -37.62 0.50
C LYS B 215 -16.76 -36.62 -0.29
N VAL B 216 -17.04 -35.42 0.28
CA VAL B 216 -17.95 -34.44 -0.34
C VAL B 216 -17.29 -33.49 -1.34
N VAL B 217 -15.95 -33.36 -1.31
CA VAL B 217 -15.23 -32.46 -2.23
C VAL B 217 -14.75 -33.26 -3.45
N ASP B 218 -15.19 -32.87 -4.65
CA ASP B 218 -14.81 -33.59 -5.86
C ASP B 218 -13.53 -33.08 -6.51
N VAL B 219 -13.33 -31.75 -6.47
CA VAL B 219 -12.19 -31.09 -7.11
C VAL B 219 -11.56 -30.06 -6.19
N ILE B 220 -10.21 -29.99 -6.18
CA ILE B 220 -9.46 -28.94 -5.47
C ILE B 220 -9.16 -27.86 -6.51
N GLY B 221 -9.80 -26.70 -6.35
CA GLY B 221 -9.62 -25.57 -7.25
C GLY B 221 -8.79 -24.47 -6.62
N ALA B 222 -7.61 -24.20 -7.20
CA ALA B 222 -6.70 -23.18 -6.70
C ALA B 222 -6.56 -22.02 -7.68
N HIS B 223 -6.27 -20.82 -7.16
CA HIS B 223 -6.15 -19.63 -7.99
C HIS B 223 -4.70 -19.22 -8.17
N TYR B 224 -4.35 -18.78 -9.40
CA TYR B 224 -3.02 -18.26 -9.80
C TYR B 224 -1.87 -19.07 -9.16
N PRO B 225 -1.80 -20.41 -9.40
CA PRO B 225 -0.81 -21.26 -8.72
C PRO B 225 0.63 -21.16 -9.21
N GLY B 226 0.82 -20.51 -10.35
CA GLY B 226 2.13 -20.40 -10.99
C GLY B 226 2.65 -21.74 -11.45
N THR B 227 1.75 -22.56 -12.03
CA THR B 227 1.96 -23.90 -12.62
C THR B 227 2.27 -25.00 -11.60
N TYR B 228 2.40 -24.67 -10.30
CA TYR B 228 2.72 -25.67 -9.27
C TYR B 228 1.61 -25.96 -8.31
N THR B 229 1.66 -27.17 -7.72
CA THR B 229 0.75 -27.63 -6.67
C THR B 229 1.56 -27.90 -5.39
N VAL B 230 0.94 -28.53 -4.39
CA VAL B 230 1.58 -28.86 -3.11
C VAL B 230 1.47 -30.37 -2.86
N TRP B 231 2.29 -30.91 -1.95
CA TRP B 231 2.28 -32.33 -1.65
C TRP B 231 0.93 -32.85 -1.22
N ASN B 232 0.27 -32.15 -0.29
CA ASN B 232 -1.04 -32.55 0.22
C ASN B 232 -2.10 -32.66 -0.86
N ALA B 233 -2.03 -31.83 -1.91
CA ALA B 233 -2.99 -31.88 -3.00
C ALA B 233 -2.80 -33.10 -3.90
N LYS B 234 -1.53 -33.44 -4.23
CA LYS B 234 -1.19 -34.63 -5.04
C LYS B 234 -1.72 -35.86 -4.30
N MET B 235 -1.42 -35.91 -2.99
CA MET B 235 -1.76 -37.00 -2.09
C MET B 235 -3.22 -37.21 -1.88
N SER B 236 -4.05 -36.16 -1.99
CA SER B 236 -5.49 -36.27 -1.80
C SER B 236 -6.11 -37.19 -2.82
N GLY B 237 -5.47 -37.32 -3.98
CA GLY B 237 -5.98 -38.14 -5.07
C GLY B 237 -7.14 -37.48 -5.79
N LYS B 238 -7.41 -36.20 -5.48
CA LYS B 238 -8.48 -35.44 -6.12
C LYS B 238 -7.98 -34.79 -7.38
N LYS B 239 -8.92 -34.45 -8.25
CA LYS B 239 -8.64 -33.70 -9.47
C LYS B 239 -8.17 -32.32 -9.00
N LEU B 240 -7.14 -31.79 -9.66
CA LEU B 240 -6.61 -30.47 -9.30
C LEU B 240 -6.80 -29.54 -10.48
N TRP B 241 -7.47 -28.41 -10.25
CA TRP B 241 -7.72 -27.45 -11.31
C TRP B 241 -7.16 -26.10 -10.95
N SER B 242 -6.71 -25.34 -11.95
CA SER B 242 -6.33 -23.95 -11.75
C SER B 242 -7.68 -23.27 -12.06
N SER B 243 -8.57 -23.19 -11.02
CA SER B 243 -9.95 -22.70 -11.19
C SER B 243 -10.06 -21.19 -11.51
N GLU B 244 -8.94 -20.45 -11.43
CA GLU B 244 -8.83 -19.05 -11.86
C GLU B 244 -7.38 -18.73 -12.15
N ASP B 245 -7.09 -18.29 -13.37
CA ASP B 245 -5.74 -17.96 -13.82
C ASP B 245 -5.79 -16.82 -14.85
N PHE B 246 -4.64 -16.50 -15.49
CA PHE B 246 -4.49 -15.49 -16.54
C PHE B 246 -4.55 -14.04 -16.00
N SER B 247 -5.71 -13.35 -16.10
CA SER B 247 -5.93 -11.97 -15.61
C SER B 247 -4.87 -10.97 -16.13
N THR B 248 -4.34 -11.21 -17.33
CA THR B 248 -3.31 -10.34 -17.93
C THR B 248 -3.86 -9.69 -19.20
N ILE B 249 -3.40 -8.47 -19.56
CA ILE B 249 -3.82 -7.77 -20.80
C ILE B 249 -3.65 -8.67 -22.01
N ASN B 250 -4.68 -8.76 -22.86
CA ASN B 250 -4.71 -9.66 -24.01
C ASN B 250 -3.80 -9.24 -25.18
N SER B 251 -2.61 -8.72 -24.86
CA SER B 251 -1.57 -8.40 -25.83
C SER B 251 -0.86 -9.72 -26.18
N ASN B 252 0.25 -9.65 -26.93
CA ASN B 252 1.05 -10.83 -27.27
C ASN B 252 1.69 -11.42 -25.98
N VAL B 253 1.99 -10.54 -25.00
CA VAL B 253 2.55 -10.92 -23.69
C VAL B 253 1.53 -11.76 -22.94
N GLY B 254 0.29 -11.29 -22.90
CA GLY B 254 -0.83 -12.00 -22.29
C GLY B 254 -1.03 -13.36 -22.95
N ALA B 255 -0.94 -13.40 -24.30
CA ALA B 255 -1.08 -14.64 -25.07
C ALA B 255 0.03 -15.66 -24.74
N GLY B 256 1.25 -15.17 -24.51
CA GLY B 256 2.40 -16.00 -24.14
C GLY B 256 2.22 -16.64 -22.79
N CYS B 257 1.77 -15.84 -21.82
CA CYS B 257 1.47 -16.24 -20.44
C CYS B 257 0.47 -17.40 -20.47
N TRP B 258 -0.64 -17.23 -21.23
CA TRP B 258 -1.70 -18.21 -21.40
C TRP B 258 -1.17 -19.48 -22.05
N SER B 259 -0.37 -19.34 -23.12
CA SER B 259 0.24 -20.46 -23.82
C SER B 259 1.07 -21.33 -22.88
N ARG B 260 1.98 -20.68 -22.12
CA ARG B 260 2.90 -21.37 -21.22
C ARG B 260 2.19 -22.10 -20.08
N ILE B 261 1.23 -21.42 -19.42
CA ILE B 261 0.53 -22.03 -18.28
C ILE B 261 -0.39 -23.17 -18.72
N LEU B 262 -0.98 -23.07 -19.93
CA LEU B 262 -1.86 -24.13 -20.43
C LEU B 262 -1.15 -25.48 -20.45
N ASN B 263 0.12 -25.49 -20.91
CA ASN B 263 0.94 -26.69 -20.93
C ASN B 263 1.49 -27.04 -19.52
N GLN B 264 2.18 -26.08 -18.91
CA GLN B 264 2.92 -26.30 -17.68
C GLN B 264 2.06 -26.48 -16.41
N ASN B 265 0.75 -26.10 -16.41
CA ASN B 265 -0.09 -26.35 -15.24
C ASN B 265 -0.22 -27.86 -15.02
N TYR B 266 -0.28 -28.63 -16.13
CA TYR B 266 -0.33 -30.08 -16.00
C TYR B 266 1.05 -30.64 -15.75
N ILE B 267 2.03 -30.26 -16.59
CA ILE B 267 3.40 -30.75 -16.46
C ILE B 267 3.95 -30.55 -15.04
N ASN B 268 3.88 -29.32 -14.52
CA ASN B 268 4.45 -28.97 -13.23
C ASN B 268 3.54 -29.18 -12.03
N GLY B 269 2.24 -29.02 -12.21
CA GLY B 269 1.32 -29.11 -11.09
C GLY B 269 0.20 -30.14 -11.14
N ASN B 270 0.23 -31.08 -12.11
CA ASN B 270 -0.79 -32.16 -12.26
C ASN B 270 -2.20 -31.58 -12.39
N MET B 271 -2.30 -30.34 -12.88
CA MET B 271 -3.59 -29.67 -13.02
C MET B 271 -4.21 -30.06 -14.36
N THR B 272 -5.42 -30.64 -14.30
CA THR B 272 -6.11 -31.18 -15.47
C THR B 272 -7.16 -30.21 -16.08
N SER B 273 -7.25 -29.00 -15.52
CA SER B 273 -8.08 -27.92 -16.05
C SER B 273 -7.52 -26.55 -15.67
N THR B 274 -7.60 -25.58 -16.62
CA THR B 274 -7.21 -24.18 -16.42
C THR B 274 -8.35 -23.31 -16.89
N ILE B 275 -8.78 -22.36 -16.02
CA ILE B 275 -9.90 -21.43 -16.29
C ILE B 275 -9.40 -19.97 -16.24
N ALA B 276 -9.54 -19.24 -17.35
CA ALA B 276 -9.08 -17.87 -17.43
C ALA B 276 -10.05 -16.83 -16.92
N TRP B 277 -9.55 -15.87 -16.10
CA TRP B 277 -10.33 -14.69 -15.77
C TRP B 277 -9.72 -13.63 -16.71
N ASN B 278 -10.51 -13.05 -17.65
CA ASN B 278 -11.94 -13.30 -17.83
C ASN B 278 -12.26 -13.72 -19.28
N LEU B 279 -13.52 -14.09 -19.53
CA LEU B 279 -14.02 -14.55 -20.83
C LEU B 279 -13.79 -13.57 -21.98
N VAL B 280 -14.27 -12.34 -21.79
CA VAL B 280 -14.18 -11.27 -22.80
C VAL B 280 -14.19 -9.96 -22.07
N ALA B 281 -13.31 -9.04 -22.48
CA ALA B 281 -13.28 -7.72 -21.85
C ALA B 281 -14.42 -6.82 -22.39
N SER B 282 -15.61 -6.95 -21.76
CA SER B 282 -16.79 -6.15 -22.10
C SER B 282 -17.12 -5.21 -20.93
N TYR B 283 -16.13 -4.45 -20.47
CA TYR B 283 -16.26 -3.46 -19.39
C TYR B 283 -15.31 -2.30 -19.71
N TYR B 284 -15.68 -1.06 -19.32
CA TYR B 284 -14.86 0.13 -19.57
C TYR B 284 -13.39 -0.14 -19.22
N GLU B 285 -12.49 0.05 -20.19
CA GLU B 285 -11.05 -0.23 -20.06
C GLU B 285 -10.38 0.47 -18.87
N GLU B 286 -10.91 1.63 -18.48
CA GLU B 286 -10.38 2.43 -17.37
C GLU B 286 -10.82 1.88 -15.99
N LEU B 287 -11.68 0.85 -15.98
CA LEU B 287 -12.06 0.15 -14.75
C LEU B 287 -10.88 -0.82 -14.43
N PRO B 288 -10.75 -1.33 -13.16
CA PRO B 288 -9.61 -2.21 -12.83
C PRO B 288 -9.38 -3.39 -13.77
N TYR B 289 -8.12 -3.67 -14.12
CA TYR B 289 -7.71 -4.79 -15.00
C TYR B 289 -8.31 -4.72 -16.40
N GLY B 290 -8.41 -3.51 -16.96
CA GLY B 290 -8.97 -3.32 -18.30
C GLY B 290 -8.30 -4.20 -19.36
N ARG B 291 -9.09 -4.68 -20.36
CA ARG B 291 -8.62 -5.55 -21.46
C ARG B 291 -7.93 -6.88 -21.00
N SER B 292 -8.39 -7.46 -19.88
CA SER B 292 -7.83 -8.73 -19.39
C SER B 292 -8.75 -9.96 -19.68
N GLY B 293 -9.36 -9.97 -20.86
CA GLY B 293 -10.18 -11.07 -21.34
C GLY B 293 -9.54 -11.79 -22.49
N LEU B 294 -10.05 -12.98 -22.89
CA LEU B 294 -9.45 -13.70 -24.01
C LEU B 294 -9.54 -12.91 -25.32
N MET B 295 -10.54 -12.03 -25.41
CA MET B 295 -10.73 -11.08 -26.50
C MET B 295 -11.35 -9.79 -25.96
N THR B 296 -11.52 -8.78 -26.84
CA THR B 296 -12.06 -7.47 -26.46
C THR B 296 -13.36 -7.12 -27.18
N ALA B 297 -14.37 -6.65 -26.41
CA ALA B 297 -15.66 -6.21 -26.94
C ALA B 297 -16.23 -5.12 -26.00
N GLN B 298 -15.59 -3.95 -25.99
CA GLN B 298 -15.95 -2.86 -25.09
C GLN B 298 -16.60 -1.65 -25.77
N GLU B 299 -17.14 -1.82 -26.98
CA GLU B 299 -17.77 -0.72 -27.72
C GLU B 299 -19.11 -1.13 -28.35
N PRO B 300 -20.18 -1.40 -27.56
CA PRO B 300 -21.46 -1.79 -28.17
C PRO B 300 -22.06 -0.73 -29.06
N TRP B 301 -21.74 0.54 -28.79
CA TRP B 301 -22.19 1.69 -29.56
C TRP B 301 -21.61 1.71 -30.96
N SER B 302 -20.44 1.10 -31.18
CA SER B 302 -19.80 1.06 -32.49
C SER B 302 -19.85 -0.30 -33.19
N GLY B 303 -19.88 -1.38 -32.39
CA GLY B 303 -19.89 -2.73 -32.90
C GLY B 303 -18.48 -3.28 -33.05
N HIS B 304 -17.47 -2.43 -32.77
CA HIS B 304 -16.07 -2.79 -32.86
C HIS B 304 -15.66 -3.79 -31.78
N TYR B 305 -15.02 -4.89 -32.23
CA TYR B 305 -14.47 -5.91 -31.34
C TYR B 305 -13.11 -6.38 -31.86
N VAL B 306 -12.30 -6.98 -30.99
CA VAL B 306 -10.96 -7.45 -31.34
C VAL B 306 -10.80 -8.91 -31.00
N VAL B 307 -10.49 -9.75 -32.01
CA VAL B 307 -10.22 -11.17 -31.78
C VAL B 307 -8.75 -11.26 -31.38
N ALA B 308 -8.49 -11.07 -30.09
CA ALA B 308 -7.14 -11.04 -29.54
C ALA B 308 -6.40 -12.37 -29.63
N SER B 309 -5.04 -12.33 -29.58
CA SER B 309 -4.12 -13.47 -29.64
C SER B 309 -4.53 -14.63 -28.71
N PRO B 310 -4.95 -14.41 -27.41
CA PRO B 310 -5.29 -15.55 -26.56
C PRO B 310 -6.36 -16.49 -27.13
N ILE B 311 -7.24 -15.97 -28.01
CA ILE B 311 -8.27 -16.76 -28.69
C ILE B 311 -7.62 -17.91 -29.45
N TRP B 312 -6.53 -17.61 -30.19
CA TRP B 312 -5.84 -18.61 -31.00
C TRP B 312 -4.93 -19.49 -30.20
N VAL B 313 -4.38 -18.97 -29.10
CA VAL B 313 -3.58 -19.77 -28.19
C VAL B 313 -4.51 -20.88 -27.61
N SER B 314 -5.77 -20.49 -27.25
CA SER B 314 -6.78 -21.41 -26.74
C SER B 314 -7.05 -22.52 -27.75
N ALA B 315 -7.33 -22.14 -29.02
CA ALA B 315 -7.62 -23.04 -30.14
C ALA B 315 -6.61 -24.18 -30.27
N HIS B 316 -5.30 -23.87 -30.09
CA HIS B 316 -4.22 -24.86 -30.16
C HIS B 316 -4.46 -26.08 -29.27
N THR B 317 -5.23 -25.91 -28.19
CA THR B 317 -5.58 -27.00 -27.29
C THR B 317 -7.04 -27.41 -27.48
N THR B 318 -7.97 -26.46 -27.30
CA THR B 318 -9.42 -26.71 -27.31
C THR B 318 -9.98 -27.36 -28.57
N GLN B 319 -9.45 -27.02 -29.76
CA GLN B 319 -9.94 -27.61 -31.01
C GLN B 319 -9.46 -29.04 -31.22
N PHE B 320 -8.45 -29.46 -30.45
CA PHE B 320 -7.83 -30.76 -30.66
C PHE B 320 -7.84 -31.68 -29.44
N THR B 321 -8.56 -31.27 -28.38
CA THR B 321 -8.74 -32.03 -27.15
C THR B 321 -10.18 -31.85 -26.70
N GLN B 322 -10.66 -32.74 -25.84
CA GLN B 322 -11.97 -32.65 -25.26
C GLN B 322 -11.94 -33.24 -23.86
N PRO B 323 -12.73 -32.69 -22.91
CA PRO B 323 -12.80 -33.31 -21.57
C PRO B 323 -13.11 -34.81 -21.72
N GLY B 324 -12.32 -35.65 -21.07
CA GLY B 324 -12.48 -37.08 -21.19
C GLY B 324 -11.30 -37.74 -21.86
N TRP B 325 -10.52 -36.96 -22.63
CA TRP B 325 -9.27 -37.44 -23.22
C TRP B 325 -8.29 -37.64 -22.04
N TYR B 326 -7.20 -38.36 -22.27
CA TYR B 326 -6.20 -38.60 -21.25
C TYR B 326 -4.85 -38.07 -21.66
N TYR B 327 -4.12 -37.49 -20.71
CA TYR B 327 -2.75 -37.07 -20.94
C TYR B 327 -1.92 -38.36 -20.97
N LEU B 328 -0.80 -38.35 -21.70
CA LEU B 328 0.10 -39.50 -21.74
C LEU B 328 1.01 -39.37 -20.52
N LYS B 329 1.69 -40.48 -20.17
CA LYS B 329 2.67 -40.45 -19.10
C LYS B 329 3.89 -39.64 -19.59
N THR B 330 4.09 -39.61 -20.92
CA THR B 330 5.22 -38.96 -21.58
C THR B 330 5.00 -37.49 -21.92
N VAL B 331 5.16 -36.61 -20.95
CA VAL B 331 5.07 -35.16 -21.16
C VAL B 331 6.28 -34.54 -20.45
N GLY B 332 6.71 -33.33 -20.84
CA GLY B 332 7.84 -32.71 -20.16
C GLY B 332 8.35 -31.42 -20.74
N HIS B 333 9.55 -31.02 -20.28
CA HIS B 333 10.20 -29.80 -20.74
C HIS B 333 11.19 -30.07 -21.87
N LEU B 334 11.55 -29.03 -22.64
CA LEU B 334 12.50 -29.13 -23.74
C LEU B 334 13.91 -28.76 -23.31
N GLU B 335 14.91 -29.39 -23.96
CA GLU B 335 16.35 -29.23 -23.72
C GLU B 335 16.82 -27.78 -23.62
N LYS B 336 16.40 -26.93 -24.55
CA LYS B 336 16.79 -25.53 -24.53
C LYS B 336 15.66 -24.57 -24.10
N GLY B 337 14.66 -25.09 -23.40
CA GLY B 337 13.52 -24.28 -22.93
C GLY B 337 12.22 -24.57 -23.68
N GLY B 338 11.11 -24.44 -22.98
CA GLY B 338 9.79 -24.73 -23.52
C GLY B 338 9.30 -26.08 -23.04
N SER B 339 8.12 -26.49 -23.49
CA SER B 339 7.51 -27.73 -23.03
C SER B 339 6.64 -28.38 -24.08
N TYR B 340 6.24 -29.63 -23.82
CA TYR B 340 5.36 -30.39 -24.69
C TYR B 340 4.41 -31.24 -23.86
N VAL B 341 3.14 -31.30 -24.29
CA VAL B 341 2.12 -32.18 -23.70
C VAL B 341 1.59 -33.05 -24.84
N ALA B 342 1.08 -34.23 -24.51
CA ALA B 342 0.49 -35.12 -25.50
C ALA B 342 -0.72 -35.83 -24.91
N LEU B 343 -1.82 -35.94 -25.68
CA LEU B 343 -3.08 -36.53 -25.24
C LEU B 343 -3.68 -37.53 -26.22
N THR B 344 -4.56 -38.40 -25.72
CA THR B 344 -5.27 -39.41 -26.52
C THR B 344 -6.70 -39.60 -26.02
N ASP B 345 -7.59 -39.99 -26.95
CA ASP B 345 -9.00 -40.28 -26.67
C ASP B 345 -9.20 -41.77 -26.53
N GLY B 346 -8.13 -42.53 -26.81
CA GLY B 346 -8.15 -43.98 -26.76
C GLY B 346 -8.90 -44.61 -27.91
N LEU B 347 -9.14 -43.82 -28.97
CA LEU B 347 -9.82 -44.31 -30.17
C LEU B 347 -8.87 -44.22 -31.38
N GLY B 348 -7.58 -44.06 -31.09
CA GLY B 348 -6.53 -43.95 -32.10
C GLY B 348 -6.02 -42.54 -32.32
N ASN B 349 -6.72 -41.53 -31.78
CA ASN B 349 -6.30 -40.15 -31.95
C ASN B 349 -5.20 -39.74 -31.00
N LEU B 350 -4.37 -38.79 -31.45
CA LEU B 350 -3.27 -38.26 -30.67
C LEU B 350 -3.10 -36.77 -30.96
N THR B 351 -2.87 -35.97 -29.91
CA THR B 351 -2.63 -34.53 -30.01
C THR B 351 -1.35 -34.18 -29.26
N ILE B 352 -0.49 -33.37 -29.88
CA ILE B 352 0.81 -32.95 -29.33
C ILE B 352 0.85 -31.42 -29.37
N ILE B 353 1.03 -30.81 -28.20
CA ILE B 353 1.06 -29.35 -28.09
C ILE B 353 2.43 -28.93 -27.57
N ILE B 354 3.14 -28.09 -28.35
CA ILE B 354 4.49 -27.63 -28.01
C ILE B 354 4.52 -26.11 -27.91
N GLU B 355 5.17 -25.58 -26.85
CA GLU B 355 5.33 -24.12 -26.67
C GLU B 355 6.78 -23.76 -26.35
N THR B 356 7.24 -22.59 -26.83
CA THR B 356 8.61 -22.12 -26.59
C THR B 356 8.59 -20.64 -26.13
N MET B 357 7.64 -20.32 -25.24
CA MET B 357 7.45 -18.97 -24.72
C MET B 357 8.64 -18.43 -23.95
N SER B 358 9.25 -17.35 -24.46
CA SER B 358 10.38 -16.69 -23.82
C SER B 358 9.90 -16.04 -22.51
N HIS B 359 10.79 -15.95 -21.52
CA HIS B 359 10.47 -15.34 -20.23
C HIS B 359 9.94 -13.92 -20.37
N GLN B 360 10.59 -13.12 -21.23
CA GLN B 360 10.24 -11.71 -21.44
C GLN B 360 8.86 -11.50 -22.05
N HIS B 361 8.37 -12.47 -22.84
CA HIS B 361 7.08 -12.36 -23.55
C HIS B 361 5.99 -13.31 -23.07
N SER B 362 6.05 -13.70 -21.78
CA SER B 362 5.05 -14.61 -21.22
C SER B 362 4.79 -14.39 -19.73
N MET B 363 5.09 -13.18 -19.20
CA MET B 363 4.87 -12.86 -17.79
C MET B 363 3.40 -12.58 -17.51
N CYS B 364 2.85 -13.28 -16.51
CA CYS B 364 1.47 -13.09 -16.07
C CYS B 364 1.50 -12.08 -14.95
N ILE B 365 0.32 -11.60 -14.49
CA ILE B 365 0.24 -10.64 -13.37
C ILE B 365 0.61 -11.34 -12.05
N ARG B 366 0.18 -12.61 -11.88
CA ARG B 366 0.42 -13.41 -10.66
C ARG B 366 0.92 -14.80 -11.07
N PRO B 367 1.91 -15.38 -10.35
CA PRO B 367 2.70 -14.80 -9.26
C PRO B 367 3.99 -14.21 -9.87
N TYR B 368 5.12 -14.28 -9.14
CA TYR B 368 6.43 -13.83 -9.64
C TYR B 368 7.00 -14.94 -10.56
N LEU B 369 7.44 -14.59 -11.78
CA LEU B 369 8.09 -15.56 -12.67
C LEU B 369 9.62 -15.39 -12.69
N PRO B 370 10.37 -16.41 -12.23
CA PRO B 370 11.84 -16.30 -12.23
C PRO B 370 12.43 -16.54 -13.61
N TYR B 371 13.50 -15.79 -13.97
CA TYR B 371 14.13 -15.91 -15.30
C TYR B 371 14.46 -17.35 -15.70
N TYR B 372 14.32 -17.62 -17.00
CA TYR B 372 14.68 -18.86 -17.68
C TYR B 372 15.03 -18.53 -19.13
N ASN B 373 16.06 -19.18 -19.66
CA ASN B 373 16.50 -18.92 -21.03
C ASN B 373 15.77 -19.84 -22.00
N VAL B 374 15.52 -19.33 -23.21
CA VAL B 374 14.93 -20.06 -24.33
C VAL B 374 15.76 -19.71 -25.53
N SER B 375 16.42 -20.73 -26.09
CA SER B 375 17.29 -20.62 -27.27
C SER B 375 16.91 -21.65 -28.34
N HIS B 376 17.25 -21.37 -29.60
CA HIS B 376 16.96 -22.21 -30.77
C HIS B 376 17.35 -23.67 -30.51
N GLN B 377 16.50 -24.60 -30.97
CA GLN B 377 16.72 -26.05 -30.79
C GLN B 377 16.01 -26.92 -31.83
N LEU B 378 16.45 -28.19 -31.93
CA LEU B 378 15.85 -29.21 -32.78
C LEU B 378 15.31 -30.29 -31.85
N ALA B 379 14.03 -30.64 -31.97
CA ALA B 379 13.51 -31.66 -31.09
C ALA B 379 12.95 -32.84 -31.87
N THR B 380 13.54 -34.02 -31.66
CA THR B 380 13.12 -35.24 -32.35
C THR B 380 12.11 -35.98 -31.50
N PHE B 381 10.99 -36.38 -32.11
CA PHE B 381 9.92 -37.08 -31.41
C PHE B 381 9.70 -38.46 -31.97
N THR B 382 9.78 -39.49 -31.09
CA THR B 382 9.57 -40.87 -31.49
C THR B 382 8.34 -41.44 -30.81
N LEU B 383 7.47 -42.05 -31.61
CA LEU B 383 6.21 -42.64 -31.19
C LEU B 383 6.37 -44.13 -30.95
N LYS B 384 6.43 -44.51 -29.67
CA LYS B 384 6.50 -45.91 -29.25
C LYS B 384 5.05 -46.36 -28.96
N GLY B 385 4.89 -47.63 -28.56
CA GLY B 385 3.58 -48.22 -28.27
C GLY B 385 2.62 -48.14 -29.44
N SER B 386 1.32 -47.95 -29.14
CA SER B 386 0.23 -47.87 -30.13
C SER B 386 0.28 -46.63 -30.99
N LEU B 387 1.09 -45.64 -30.58
CA LEU B 387 1.27 -44.39 -31.31
C LEU B 387 2.13 -44.61 -32.55
N ARG B 388 2.85 -45.75 -32.64
CA ARG B 388 3.72 -46.07 -33.76
C ARG B 388 2.94 -46.45 -35.03
N GLU B 389 1.65 -46.79 -34.90
CA GLU B 389 0.76 -47.11 -36.01
C GLU B 389 0.34 -45.85 -36.83
N ILE B 390 0.55 -44.64 -36.26
CA ILE B 390 0.22 -43.34 -36.87
C ILE B 390 1.28 -42.99 -37.92
N GLN B 391 0.85 -42.69 -39.17
CA GLN B 391 1.74 -42.31 -40.26
C GLN B 391 1.50 -40.88 -40.83
N GLU B 392 0.38 -40.24 -40.44
CA GLU B 392 -0.03 -38.90 -40.91
C GLU B 392 -0.51 -38.00 -39.76
N LEU B 393 0.09 -36.81 -39.64
CA LEU B 393 -0.27 -35.82 -38.62
C LEU B 393 -0.53 -34.46 -39.24
N GLN B 394 -1.59 -33.78 -38.78
CA GLN B 394 -1.94 -32.43 -39.17
C GLN B 394 -1.12 -31.46 -38.33
N VAL B 395 -0.71 -30.32 -38.91
CA VAL B 395 0.15 -29.36 -38.22
C VAL B 395 -0.46 -27.96 -38.16
N TRP B 396 -0.48 -27.37 -36.97
CA TRP B 396 -0.96 -26.01 -36.74
C TRP B 396 0.13 -25.21 -36.05
N TYR B 397 0.28 -23.94 -36.47
CA TYR B 397 1.36 -23.07 -36.02
C TYR B 397 0.93 -21.64 -35.66
N THR B 398 1.57 -21.10 -34.61
CA THR B 398 1.42 -19.73 -34.15
C THR B 398 2.77 -19.13 -33.76
N LYS B 399 2.98 -17.84 -34.08
CA LYS B 399 4.15 -17.06 -33.69
C LYS B 399 3.69 -15.73 -33.10
N LEU B 400 4.00 -15.51 -31.83
CA LEU B 400 3.64 -14.27 -31.16
C LEU B 400 4.82 -13.34 -31.18
N GLY B 401 4.52 -12.06 -31.32
CA GLY B 401 5.51 -11.00 -31.37
C GLY B 401 4.99 -9.73 -32.02
N THR B 402 5.87 -9.05 -32.75
CA THR B 402 5.57 -7.80 -33.48
C THR B 402 4.60 -8.08 -34.66
N PRO B 403 3.83 -7.07 -35.18
CA PRO B 403 2.91 -7.35 -36.30
C PRO B 403 3.56 -7.95 -37.54
N GLN B 404 4.84 -7.60 -37.79
CA GLN B 404 5.66 -8.11 -38.91
C GLN B 404 5.84 -9.65 -38.80
N GLN B 405 6.07 -10.17 -37.57
CA GLN B 405 6.24 -11.59 -37.27
C GLN B 405 5.06 -12.01 -36.37
N ARG B 406 3.88 -12.06 -36.97
CA ARG B 406 2.64 -12.37 -36.26
C ARG B 406 1.76 -13.29 -37.15
N LEU B 407 1.79 -14.60 -36.87
CA LEU B 407 1.04 -15.61 -37.61
C LEU B 407 0.16 -16.35 -36.64
N HIS B 408 -1.16 -16.14 -36.69
CA HIS B 408 -2.04 -16.80 -35.74
C HIS B 408 -2.78 -18.01 -36.32
N PHE B 409 -2.64 -19.19 -35.65
CA PHE B 409 -3.34 -20.45 -35.96
C PHE B 409 -3.31 -20.82 -37.44
N LYS B 410 -2.12 -20.76 -38.04
CA LYS B 410 -1.91 -21.08 -39.45
C LYS B 410 -1.63 -22.55 -39.61
N GLN B 411 -2.37 -23.21 -40.51
CA GLN B 411 -2.17 -24.63 -40.77
C GLN B 411 -0.97 -24.81 -41.70
N LEU B 412 -0.06 -25.73 -41.34
CA LEU B 412 1.13 -26.05 -42.14
C LEU B 412 0.97 -27.39 -42.88
N ASP B 413 2.00 -27.76 -43.64
CA ASP B 413 2.01 -29.00 -44.42
C ASP B 413 1.95 -30.23 -43.54
N THR B 414 1.12 -31.20 -43.95
CA THR B 414 0.89 -32.46 -43.28
C THR B 414 2.18 -33.29 -43.19
N LEU B 415 2.44 -33.86 -42.01
CA LEU B 415 3.62 -34.67 -41.76
C LEU B 415 3.43 -36.13 -42.09
N TRP B 416 4.42 -36.73 -42.74
CA TRP B 416 4.37 -38.14 -43.13
C TRP B 416 5.47 -38.94 -42.45
N LEU B 417 5.06 -39.96 -41.69
CA LEU B 417 5.94 -40.85 -40.92
C LEU B 417 5.87 -42.29 -41.47
N LEU B 418 5.79 -42.36 -42.81
CA LEU B 418 5.68 -43.58 -43.62
C LEU B 418 6.92 -44.48 -43.57
N ASP B 419 8.10 -43.94 -43.23
CA ASP B 419 9.36 -44.69 -43.17
C ASP B 419 9.44 -45.76 -42.05
N GLY B 420 8.31 -46.07 -41.43
CA GLY B 420 8.19 -47.04 -40.35
C GLY B 420 8.92 -46.69 -39.06
N SER B 421 9.74 -45.62 -39.09
CA SER B 421 10.53 -45.15 -37.96
C SER B 421 9.66 -44.70 -36.80
N GLY B 422 8.51 -44.10 -37.11
CA GLY B 422 7.60 -43.53 -36.13
C GLY B 422 8.26 -42.35 -35.46
N SER B 423 9.11 -41.64 -36.21
CA SER B 423 9.87 -40.53 -35.70
C SER B 423 9.92 -39.34 -36.68
N PHE B 424 10.03 -38.13 -36.11
CA PHE B 424 10.10 -36.84 -36.81
C PHE B 424 10.88 -35.82 -35.98
N THR B 425 11.35 -34.73 -36.61
CA THR B 425 12.11 -33.67 -35.95
C THR B 425 11.53 -32.31 -36.32
N LEU B 426 11.60 -31.35 -35.40
CA LEU B 426 11.12 -30.00 -35.63
C LEU B 426 12.22 -28.97 -35.34
N GLU B 427 12.18 -27.86 -36.07
CA GLU B 427 13.10 -26.74 -35.90
C GLU B 427 12.35 -25.72 -35.05
N LEU B 428 12.81 -25.49 -33.80
CA LEU B 428 12.13 -24.61 -32.85
C LEU B 428 12.88 -23.34 -32.47
N GLU B 429 12.20 -22.18 -32.64
CA GLU B 429 12.68 -20.84 -32.26
C GLU B 429 11.93 -20.44 -30.97
N GLU B 430 12.00 -19.14 -30.60
CA GLU B 430 11.32 -18.62 -29.42
C GLU B 430 9.87 -18.25 -29.75
N ASP B 431 9.00 -18.14 -28.71
CA ASP B 431 7.59 -17.74 -28.73
C ASP B 431 6.72 -18.40 -29.85
N GLU B 432 6.91 -19.72 -30.07
CA GLU B 432 6.15 -20.50 -31.06
C GLU B 432 5.30 -21.59 -30.40
N ILE B 433 4.15 -21.90 -31.03
CA ILE B 433 3.24 -22.99 -30.63
C ILE B 433 3.04 -23.91 -31.82
N PHE B 434 3.13 -25.20 -31.60
CA PHE B 434 2.85 -26.21 -32.60
C PHE B 434 1.84 -27.16 -32.06
N THR B 435 0.80 -27.47 -32.86
CA THR B 435 -0.14 -28.52 -32.50
C THR B 435 -0.03 -29.57 -33.58
N LEU B 436 0.29 -30.80 -33.17
CA LEU B 436 0.44 -31.94 -34.06
C LEU B 436 -0.63 -32.93 -33.66
N THR B 437 -1.63 -33.12 -34.53
CA THR B 437 -2.78 -33.95 -34.24
C THR B 437 -3.20 -34.82 -35.41
N THR B 438 -3.88 -35.92 -35.10
CA THR B 438 -4.42 -36.81 -36.11
C THR B 438 -5.73 -36.19 -36.64
N LEU B 439 -6.44 -35.42 -35.78
CA LEU B 439 -7.72 -34.79 -36.11
C LEU B 439 -7.69 -33.86 -37.34
N THR B 440 -8.71 -33.99 -38.18
CA THR B 440 -8.85 -33.25 -39.44
C THR B 440 -9.76 -32.01 -39.31
N THR B 441 -10.49 -31.91 -38.20
CA THR B 441 -11.52 -30.91 -37.88
C THR B 441 -11.06 -29.48 -37.56
N GLY B 442 -9.75 -29.23 -37.54
CA GLY B 442 -9.21 -27.90 -37.23
C GLY B 442 -9.72 -26.82 -38.18
N ARG B 443 -9.92 -25.59 -37.67
CA ARG B 443 -10.40 -24.47 -38.48
C ARG B 443 -10.13 -23.13 -37.86
N LYS B 444 -9.49 -22.21 -38.61
CA LYS B 444 -9.36 -20.85 -38.11
C LYS B 444 -10.62 -20.12 -38.57
N GLY B 445 -11.57 -19.99 -37.67
CA GLY B 445 -12.84 -19.31 -37.93
C GLY B 445 -12.64 -17.86 -38.34
N SER B 446 -13.50 -17.39 -39.26
CA SER B 446 -13.41 -16.02 -39.75
C SER B 446 -14.73 -15.37 -40.07
N TYR B 447 -14.85 -14.11 -39.68
CA TYR B 447 -15.96 -13.23 -39.99
C TYR B 447 -15.37 -11.95 -40.55
N PRO B 448 -16.10 -11.23 -41.42
CA PRO B 448 -15.59 -9.95 -41.94
C PRO B 448 -15.21 -8.98 -40.83
N PRO B 449 -14.28 -8.04 -41.11
CA PRO B 449 -13.85 -7.11 -40.06
C PRO B 449 -14.99 -6.29 -39.48
N PRO B 450 -15.02 -6.13 -38.15
CA PRO B 450 -16.10 -5.32 -37.54
C PRO B 450 -15.79 -3.83 -37.67
N PRO B 451 -16.81 -2.96 -37.45
CA PRO B 451 -16.57 -1.50 -37.56
C PRO B 451 -15.36 -0.98 -36.79
N SER B 452 -14.81 0.16 -37.23
CA SER B 452 -13.66 0.79 -36.58
C SER B 452 -14.02 1.22 -35.17
N SER B 453 -13.01 1.39 -34.31
CA SER B 453 -13.25 1.87 -32.96
C SER B 453 -13.69 3.34 -33.03
N LYS B 454 -14.61 3.72 -32.14
CA LYS B 454 -15.13 5.08 -32.04
C LYS B 454 -15.41 5.38 -30.57
N PRO B 455 -15.16 6.62 -30.11
CA PRO B 455 -15.45 6.96 -28.71
C PRO B 455 -16.93 6.89 -28.40
N PHE B 456 -17.27 6.85 -27.11
CA PHE B 456 -18.65 6.88 -26.65
C PHE B 456 -19.32 8.16 -27.18
N PRO B 457 -20.57 8.05 -27.70
CA PRO B 457 -21.30 9.22 -28.22
C PRO B 457 -21.24 10.49 -27.36
N THR B 458 -20.86 11.63 -27.97
CA THR B 458 -20.74 12.94 -27.31
C THR B 458 -22.08 13.55 -26.92
N ASN B 459 -23.17 13.04 -27.50
CA ASN B 459 -24.55 13.42 -27.20
C ASN B 459 -25.31 12.13 -27.00
N TYR B 460 -25.79 11.91 -25.78
CA TYR B 460 -26.44 10.65 -25.42
C TYR B 460 -27.65 10.86 -24.53
N LYS B 461 -28.69 10.07 -24.77
CA LYS B 461 -29.90 10.13 -23.98
C LYS B 461 -30.56 8.77 -23.82
N ASP B 462 -31.18 8.56 -22.66
CA ASP B 462 -31.95 7.36 -22.37
C ASP B 462 -33.13 7.78 -21.52
N ASP B 463 -34.33 7.55 -22.06
CA ASP B 463 -35.57 7.89 -21.37
C ASP B 463 -36.13 6.67 -20.65
N PHE B 464 -35.43 5.51 -20.74
CA PHE B 464 -35.79 4.24 -20.12
C PHE B 464 -37.21 3.77 -20.46
N ASN B 465 -37.80 4.32 -21.54
CA ASN B 465 -39.13 3.96 -21.95
C ASN B 465 -39.11 2.69 -22.76
N VAL B 466 -38.90 1.58 -22.04
CA VAL B 466 -38.85 0.22 -22.57
C VAL B 466 -39.87 -0.54 -21.77
N GLU B 467 -40.94 -0.96 -22.44
CA GLU B 467 -42.03 -1.61 -21.76
C GLU B 467 -41.67 -3.01 -21.29
N TYR B 468 -41.14 -3.84 -22.19
CA TYR B 468 -40.75 -5.19 -21.81
C TYR B 468 -39.30 -5.43 -22.20
N PRO B 469 -38.36 -4.91 -21.37
CA PRO B 469 -36.93 -5.03 -21.70
C PRO B 469 -36.44 -6.46 -21.70
N LEU B 470 -35.43 -6.72 -22.54
CA LEU B 470 -34.82 -8.03 -22.64
C LEU B 470 -33.90 -8.27 -21.46
N PHE B 471 -33.21 -7.22 -20.99
CA PHE B 471 -32.32 -7.28 -19.84
C PHE B 471 -32.83 -6.40 -18.70
N SER B 472 -32.49 -6.78 -17.44
CA SER B 472 -32.95 -6.11 -16.21
C SER B 472 -32.48 -4.65 -16.03
N GLU B 473 -31.40 -4.23 -16.71
CA GLU B 473 -30.90 -2.87 -16.59
C GLU B 473 -30.65 -2.22 -17.94
N ALA B 474 -30.81 -0.87 -17.98
CA ALA B 474 -30.53 -0.03 -19.13
C ALA B 474 -29.07 -0.19 -19.59
N PRO B 475 -28.81 -0.11 -20.93
CA PRO B 475 -27.45 -0.32 -21.43
C PRO B 475 -26.46 0.76 -21.02
N ASN B 476 -25.17 0.37 -20.98
CA ASN B 476 -24.03 1.24 -20.71
C ASN B 476 -23.92 1.76 -19.26
N PHE B 477 -24.96 1.60 -18.43
CA PHE B 477 -24.88 1.98 -17.02
C PHE B 477 -24.21 0.84 -16.24
N ALA B 478 -22.98 1.08 -15.79
CA ALA B 478 -22.22 0.10 -15.04
C ALA B 478 -22.27 0.42 -13.55
N ASP B 479 -23.08 -0.35 -12.80
CA ASP B 479 -23.23 -0.15 -11.35
C ASP B 479 -21.95 -0.47 -10.62
N GLN B 480 -21.49 0.45 -9.75
CA GLN B 480 -20.25 0.27 -9.01
C GLN B 480 -20.50 0.07 -7.49
N THR B 481 -21.70 0.47 -7.01
CA THR B 481 -22.24 0.22 -5.67
C THR B 481 -23.74 0.32 -5.81
N GLY B 482 -24.45 -0.66 -5.25
CA GLY B 482 -25.88 -0.75 -5.38
C GLY B 482 -26.25 -1.43 -6.69
N VAL B 483 -27.55 -1.55 -6.95
CA VAL B 483 -28.10 -2.21 -8.14
C VAL B 483 -29.21 -1.35 -8.72
N PHE B 484 -29.11 -1.01 -10.02
CA PHE B 484 -30.08 -0.18 -10.74
C PHE B 484 -30.82 -1.01 -11.78
N GLU B 485 -32.15 -0.89 -11.79
CA GLU B 485 -32.98 -1.70 -12.67
C GLU B 485 -34.07 -0.91 -13.37
N TYR B 486 -34.56 -1.45 -14.48
CA TYR B 486 -35.71 -0.86 -15.16
C TYR B 486 -36.87 -0.99 -14.18
N TYR B 487 -37.73 0.05 -14.13
CA TYR B 487 -38.88 0.07 -13.22
C TYR B 487 -40.09 0.68 -13.90
N MET B 488 -41.26 0.08 -13.66
CA MET B 488 -42.49 0.61 -14.20
C MET B 488 -43.43 1.05 -13.09
N ASN B 489 -43.86 2.29 -13.14
CA ASN B 489 -44.81 2.83 -12.17
C ASN B 489 -46.07 3.24 -12.94
N ASN B 490 -47.10 2.37 -12.93
CA ASN B 490 -48.37 2.62 -13.62
C ASN B 490 -49.15 3.79 -13.04
N GLU B 491 -49.05 3.97 -11.69
CA GLU B 491 -49.71 5.04 -10.92
C GLU B 491 -49.32 6.47 -11.36
N ASP B 492 -48.29 6.60 -12.21
CA ASP B 492 -47.82 7.86 -12.76
C ASP B 492 -47.75 7.77 -14.29
N ARG B 493 -48.30 8.78 -14.98
CA ARG B 493 -48.28 8.86 -16.43
C ARG B 493 -47.06 9.63 -16.96
N GLU B 494 -46.64 10.66 -16.23
CA GLU B 494 -45.50 11.51 -16.58
C GLU B 494 -44.15 10.78 -16.40
N HIS B 495 -44.10 9.79 -15.50
CA HIS B 495 -42.89 9.02 -15.23
C HIS B 495 -43.23 7.56 -15.07
N ARG B 496 -43.82 6.97 -16.12
CA ARG B 496 -44.24 5.58 -16.10
C ARG B 496 -43.09 4.58 -16.15
N PHE B 497 -42.04 4.88 -16.93
CA PHE B 497 -40.88 4.00 -17.09
C PHE B 497 -39.63 4.70 -16.64
N THR B 498 -39.02 4.20 -15.56
CA THR B 498 -37.83 4.83 -14.96
C THR B 498 -36.74 3.79 -14.69
N LEU B 499 -35.63 4.27 -14.09
CA LEU B 499 -34.52 3.45 -13.62
C LEU B 499 -34.52 3.61 -12.09
N ARG B 500 -34.51 2.50 -11.36
CA ARG B 500 -34.59 2.52 -9.91
C ARG B 500 -33.43 1.80 -9.20
N GLN B 501 -32.87 2.43 -8.13
CA GLN B 501 -31.85 1.78 -7.30
C GLN B 501 -32.66 0.91 -6.33
N VAL B 502 -32.41 -0.40 -6.31
CA VAL B 502 -33.23 -1.36 -5.58
C VAL B 502 -32.63 -1.93 -4.29
N LEU B 503 -31.37 -1.63 -3.94
CA LEU B 503 -30.81 -2.16 -2.70
C LEU B 503 -31.27 -1.33 -1.50
N ASN B 504 -31.74 -2.01 -0.45
CA ASN B 504 -32.18 -1.32 0.75
C ASN B 504 -31.26 -1.62 1.94
N GLN B 505 -30.18 -2.42 1.69
CA GLN B 505 -29.16 -2.74 2.69
C GLN B 505 -27.85 -3.19 2.06
N ARG B 506 -26.74 -2.91 2.75
CA ARG B 506 -25.39 -3.25 2.30
C ARG B 506 -25.25 -4.77 2.23
N PRO B 507 -24.80 -5.34 1.10
CA PRO B 507 -24.66 -6.80 1.02
C PRO B 507 -23.44 -7.33 1.80
N ILE B 508 -23.31 -8.66 1.96
CA ILE B 508 -22.14 -9.32 2.55
C ILE B 508 -21.09 -9.12 1.45
N THR B 509 -20.34 -8.03 1.59
CA THR B 509 -19.36 -7.49 0.65
C THR B 509 -18.14 -8.35 0.37
N TRP B 510 -17.80 -8.48 -0.93
CA TRP B 510 -16.58 -9.19 -1.34
C TRP B 510 -15.49 -8.11 -1.40
N ALA B 511 -15.80 -6.98 -2.07
CA ALA B 511 -14.91 -5.83 -2.17
C ALA B 511 -15.27 -4.77 -1.12
N ALA B 512 -14.61 -3.59 -1.18
CA ALA B 512 -14.91 -2.48 -0.29
C ALA B 512 -15.89 -1.57 -1.01
N ASP B 513 -17.19 -1.93 -1.05
CA ASP B 513 -18.23 -1.13 -1.72
C ASP B 513 -18.32 0.26 -1.10
N ALA B 514 -18.72 1.27 -1.86
CA ALA B 514 -18.92 2.63 -1.34
C ALA B 514 -20.08 2.63 -0.34
N SER B 515 -20.23 3.72 0.43
CA SER B 515 -21.35 3.82 1.36
C SER B 515 -22.58 4.49 0.71
N SER B 516 -22.38 5.00 -0.51
CA SER B 516 -23.41 5.59 -1.37
C SER B 516 -23.49 4.73 -2.63
N THR B 517 -24.68 4.61 -3.24
CA THR B 517 -24.81 3.84 -4.48
C THR B 517 -24.38 4.71 -5.66
N ILE B 518 -23.91 4.08 -6.75
CA ILE B 518 -23.42 4.80 -7.92
C ILE B 518 -23.35 3.91 -9.16
N SER B 519 -23.75 4.47 -10.30
CA SER B 519 -23.64 3.83 -11.62
C SER B 519 -22.94 4.82 -12.58
N VAL B 520 -21.84 4.36 -13.22
CA VAL B 520 -21.07 5.19 -14.16
C VAL B 520 -21.40 4.88 -15.62
N ILE B 521 -21.23 5.87 -16.51
CA ILE B 521 -21.53 5.74 -17.94
C ILE B 521 -20.70 6.71 -18.79
N GLY B 522 -20.42 6.29 -20.03
CA GLY B 522 -19.79 7.14 -21.03
C GLY B 522 -18.34 6.91 -21.38
N ASP B 523 -17.61 8.02 -21.51
CA ASP B 523 -16.22 8.05 -21.89
C ASP B 523 -15.38 8.65 -20.77
N HIS B 524 -14.48 7.85 -20.21
CA HIS B 524 -13.60 8.28 -19.12
C HIS B 524 -12.72 9.49 -19.52
N HIS B 525 -12.50 9.69 -20.83
CA HIS B 525 -11.70 10.81 -21.32
C HIS B 525 -12.41 12.16 -21.26
N TRP B 526 -13.76 12.16 -21.15
CA TRP B 526 -14.57 13.37 -21.10
C TRP B 526 -14.07 14.33 -20.04
N THR B 527 -14.01 15.63 -20.38
CA THR B 527 -13.53 16.64 -19.43
C THR B 527 -14.54 17.79 -19.29
N ASN B 528 -15.17 18.24 -20.39
CA ASN B 528 -16.20 19.27 -20.32
C ASN B 528 -17.52 18.59 -20.64
N MET B 529 -18.49 18.70 -19.73
CA MET B 529 -19.76 17.99 -19.91
C MET B 529 -20.95 18.64 -19.23
N THR B 530 -22.15 18.30 -19.72
CA THR B 530 -23.42 18.72 -19.13
C THR B 530 -24.28 17.50 -18.94
N VAL B 531 -24.60 17.19 -17.68
CA VAL B 531 -25.42 16.04 -17.32
C VAL B 531 -26.78 16.51 -16.83
N GLN B 532 -27.84 15.86 -17.30
CA GLN B 532 -29.20 16.16 -16.88
C GLN B 532 -29.97 14.88 -16.59
N CYS B 533 -30.81 14.92 -15.54
CA CYS B 533 -31.62 13.77 -15.15
C CYS B 533 -32.76 14.20 -14.23
N ASP B 534 -33.92 13.58 -14.39
CA ASP B 534 -35.06 13.77 -13.50
C ASP B 534 -34.83 12.79 -12.36
N VAL B 535 -34.96 13.27 -11.12
CA VAL B 535 -34.71 12.46 -9.93
C VAL B 535 -35.91 12.43 -9.01
N TYR B 536 -36.03 11.37 -8.19
CA TYR B 536 -37.14 11.14 -7.27
C TYR B 536 -36.66 10.43 -6.00
N ILE B 537 -36.72 11.13 -4.86
CA ILE B 537 -36.27 10.61 -3.57
C ILE B 537 -37.43 9.89 -2.91
N GLU B 538 -37.28 8.59 -2.62
CA GLU B 538 -38.36 7.81 -2.01
C GLU B 538 -38.39 7.90 -0.49
N THR B 539 -37.23 8.14 0.16
CA THR B 539 -37.15 8.20 1.62
C THR B 539 -37.41 9.59 2.21
N PRO B 540 -38.49 9.74 3.01
CA PRO B 540 -38.78 11.04 3.63
C PRO B 540 -37.72 11.48 4.62
N ARG B 541 -37.45 12.80 4.66
CA ARG B 541 -36.51 13.47 5.57
C ARG B 541 -35.02 13.17 5.35
N SER B 542 -34.65 11.88 5.34
CA SER B 542 -33.25 11.42 5.27
C SER B 542 -32.71 11.14 3.87
N GLY B 543 -33.60 11.00 2.90
CA GLY B 543 -33.22 10.64 1.53
C GLY B 543 -32.36 11.63 0.78
N GLY B 544 -31.54 11.12 -0.12
CA GLY B 544 -30.66 11.92 -0.95
C GLY B 544 -30.24 11.24 -2.23
N VAL B 545 -30.05 12.03 -3.29
CA VAL B 545 -29.64 11.56 -4.62
C VAL B 545 -28.59 12.50 -5.21
N PHE B 546 -27.89 12.06 -6.27
CA PHE B 546 -26.92 12.89 -6.95
C PHE B 546 -26.79 12.56 -8.43
N ILE B 547 -26.19 13.51 -9.17
CA ILE B 547 -25.73 13.39 -10.55
C ILE B 547 -24.27 13.86 -10.50
N ALA B 548 -23.41 13.30 -11.34
CA ALA B 548 -22.00 13.62 -11.28
C ALA B 548 -21.30 13.61 -12.63
N GLY B 549 -20.16 14.26 -12.69
CA GLY B 549 -19.28 14.33 -13.86
C GLY B 549 -17.83 14.25 -13.45
N ARG B 550 -16.95 13.81 -14.39
CA ARG B 550 -15.50 13.66 -14.18
C ARG B 550 -15.15 12.59 -13.12
N VAL B 551 -15.98 11.52 -13.02
CA VAL B 551 -15.76 10.42 -12.07
C VAL B 551 -14.62 9.52 -12.58
N ASN B 552 -13.45 9.61 -11.93
CA ASN B 552 -12.18 9.00 -12.32
C ASN B 552 -11.91 7.51 -11.98
N LYS B 553 -12.40 7.00 -10.82
CA LYS B 553 -12.13 5.63 -10.36
C LYS B 553 -13.37 4.77 -10.20
N GLY B 554 -13.23 3.48 -10.45
CA GLY B 554 -14.34 2.54 -10.28
C GLY B 554 -13.89 1.25 -9.65
N GLY B 555 -14.64 0.18 -9.96
CA GLY B 555 -14.38 -1.18 -9.49
C GLY B 555 -14.07 -1.34 -8.01
N ILE B 556 -12.91 -1.95 -7.68
CA ILE B 556 -12.46 -2.18 -6.29
C ILE B 556 -12.04 -0.89 -5.56
N LEU B 557 -11.74 0.17 -6.34
CA LEU B 557 -11.28 1.46 -5.84
C LEU B 557 -12.38 2.54 -5.95
N ILE B 558 -13.66 2.09 -5.96
CA ILE B 558 -14.83 2.97 -6.09
C ILE B 558 -14.97 3.90 -4.88
N ARG B 559 -14.42 3.49 -3.73
CA ARG B 559 -14.46 4.26 -2.50
C ARG B 559 -13.62 5.56 -2.62
N SER B 560 -12.53 5.52 -3.42
CA SER B 560 -11.58 6.60 -3.65
C SER B 560 -12.02 7.60 -4.75
N ALA B 561 -13.08 7.27 -5.52
CA ALA B 561 -13.63 8.06 -6.64
C ALA B 561 -13.84 9.55 -6.37
N THR B 562 -13.36 10.40 -7.32
CA THR B 562 -13.43 11.87 -7.30
C THR B 562 -13.99 12.42 -8.63
N GLY B 563 -14.67 13.54 -8.54
CA GLY B 563 -15.26 14.24 -9.67
C GLY B 563 -16.04 15.44 -9.17
N VAL B 564 -17.19 15.72 -9.77
CA VAL B 564 -18.04 16.83 -9.35
C VAL B 564 -19.41 16.23 -9.12
N PHE B 565 -19.78 16.11 -7.84
CA PHE B 565 -21.03 15.49 -7.41
C PHE B 565 -22.00 16.56 -6.93
N PHE B 566 -23.19 16.57 -7.53
CA PHE B 566 -24.28 17.48 -7.21
C PHE B 566 -25.38 16.71 -6.48
N TRP B 567 -25.43 16.89 -5.14
CA TRP B 567 -26.39 16.21 -4.26
C TRP B 567 -27.52 17.11 -3.82
N ILE B 568 -28.72 16.53 -3.63
CA ILE B 568 -29.94 17.17 -3.14
C ILE B 568 -30.63 16.22 -2.16
N PHE B 569 -30.90 16.72 -0.95
CA PHE B 569 -31.49 15.94 0.15
C PHE B 569 -32.91 16.36 0.49
N ALA B 570 -33.73 15.37 0.88
CA ALA B 570 -35.14 15.55 1.22
C ALA B 570 -35.39 16.43 2.46
N ASN B 571 -34.33 16.96 3.07
CA ASN B 571 -34.45 17.87 4.21
C ASN B 571 -34.37 19.35 3.76
N GLY B 572 -34.42 19.58 2.44
CA GLY B 572 -34.35 20.89 1.83
C GLY B 572 -32.95 21.47 1.77
N SER B 573 -31.98 20.66 1.30
CA SER B 573 -30.61 21.09 1.19
C SER B 573 -29.92 20.54 -0.05
N TYR B 574 -28.75 21.08 -0.37
CA TYR B 574 -27.89 20.61 -1.46
C TYR B 574 -26.43 20.70 -1.05
N ARG B 575 -25.57 19.99 -1.79
CA ARG B 575 -24.13 19.95 -1.55
C ARG B 575 -23.44 19.58 -2.85
N VAL B 576 -22.30 20.20 -3.11
CA VAL B 576 -21.44 19.91 -4.26
C VAL B 576 -20.12 19.41 -3.70
N THR B 577 -19.73 18.19 -4.04
CA THR B 577 -18.49 17.63 -3.51
C THR B 577 -17.47 17.28 -4.60
N ALA B 578 -16.19 17.15 -4.19
CA ALA B 578 -15.10 16.75 -5.08
C ALA B 578 -14.94 15.23 -5.07
N ASP B 579 -15.55 14.54 -4.09
CA ASP B 579 -15.43 13.11 -3.87
C ASP B 579 -16.76 12.42 -3.60
N LEU B 580 -16.84 11.13 -3.96
CA LEU B 580 -18.02 10.30 -3.73
C LEU B 580 -18.30 10.21 -2.23
N GLY B 581 -17.21 10.22 -1.43
CA GLY B 581 -17.26 10.16 0.03
C GLY B 581 -17.79 11.42 0.68
N GLY B 582 -17.82 12.50 -0.08
CA GLY B 582 -18.30 13.80 0.37
C GLY B 582 -17.48 14.48 1.45
N TRP B 583 -16.19 14.13 1.57
CA TRP B 583 -15.27 14.70 2.56
C TRP B 583 -14.85 16.11 2.12
N ILE B 584 -14.85 16.38 0.80
CA ILE B 584 -14.41 17.66 0.23
C ILE B 584 -15.57 18.43 -0.39
N THR B 585 -15.94 19.57 0.22
CA THR B 585 -17.04 20.40 -0.25
C THR B 585 -16.62 21.55 -1.19
N TYR B 586 -17.25 21.61 -2.38
CA TYR B 586 -17.07 22.66 -3.37
C TYR B 586 -18.09 23.77 -3.12
N ALA B 587 -19.33 23.39 -2.72
CA ALA B 587 -20.45 24.30 -2.43
C ALA B 587 -21.54 23.58 -1.65
N SER B 588 -22.37 24.33 -0.92
CA SER B 588 -23.47 23.79 -0.13
C SER B 588 -24.47 24.88 0.22
N GLY B 589 -25.69 24.46 0.55
CA GLY B 589 -26.74 25.39 0.92
C GLY B 589 -28.12 24.79 0.99
N HIS B 590 -29.14 25.66 0.92
CA HIS B 590 -30.54 25.26 0.99
C HIS B 590 -31.16 25.18 -0.38
N ALA B 591 -32.23 24.39 -0.51
CA ALA B 591 -32.96 24.18 -1.76
C ALA B 591 -34.39 23.74 -1.46
N ASP B 592 -35.33 24.05 -2.36
CA ASP B 592 -36.72 23.65 -2.20
C ASP B 592 -36.89 22.19 -2.65
N VAL B 593 -36.43 21.26 -1.81
CA VAL B 593 -36.44 19.83 -2.13
C VAL B 593 -37.06 19.05 -0.98
N THR B 594 -37.97 18.12 -1.32
CA THR B 594 -38.62 17.20 -0.39
C THR B 594 -38.65 15.79 -1.00
N ALA B 595 -39.09 14.79 -0.22
CA ALA B 595 -39.20 13.44 -0.75
C ALA B 595 -40.50 13.30 -1.55
N LYS B 596 -40.59 12.22 -2.33
CA LYS B 596 -41.73 11.84 -3.15
C LYS B 596 -42.19 12.96 -4.10
N ARG B 597 -41.20 13.63 -4.70
CA ARG B 597 -41.42 14.70 -5.66
C ARG B 597 -40.35 14.62 -6.73
N TRP B 598 -40.76 14.75 -8.01
CA TRP B 598 -39.88 14.72 -9.17
C TRP B 598 -39.19 16.06 -9.40
N TYR B 599 -37.85 16.05 -9.53
CA TYR B 599 -37.07 17.26 -9.83
C TYR B 599 -36.14 17.02 -11.01
N THR B 600 -35.86 18.05 -11.81
CA THR B 600 -34.90 17.95 -12.92
C THR B 600 -33.58 18.55 -12.48
N LEU B 601 -32.53 17.74 -12.48
CA LEU B 601 -31.21 18.20 -12.11
C LEU B 601 -30.33 18.42 -13.33
N THR B 602 -29.62 19.57 -13.38
CA THR B 602 -28.66 19.87 -14.43
C THR B 602 -27.31 20.22 -13.81
N LEU B 603 -26.24 19.57 -14.30
CA LEU B 603 -24.88 19.82 -13.84
C LEU B 603 -24.00 20.13 -15.06
N GLY B 604 -23.40 21.31 -15.05
CA GLY B 604 -22.51 21.74 -16.12
C GLY B 604 -21.10 21.92 -15.62
N ILE B 605 -20.13 21.30 -16.32
CA ILE B 605 -18.72 21.39 -15.94
C ILE B 605 -17.87 21.82 -17.14
N LYS B 606 -17.11 22.90 -16.98
CA LYS B 606 -16.24 23.43 -18.02
C LYS B 606 -15.00 24.07 -17.40
N GLY B 607 -13.84 23.51 -17.72
CA GLY B 607 -12.57 23.98 -17.19
C GLY B 607 -12.55 23.96 -15.68
N TYR B 608 -12.21 25.12 -15.08
CA TYR B 608 -12.12 25.30 -13.64
C TYR B 608 -13.47 25.57 -12.98
N PHE B 609 -14.57 25.65 -13.75
CA PHE B 609 -15.86 26.05 -13.18
C PHE B 609 -17.04 25.16 -13.47
N ALA B 610 -17.97 25.13 -12.50
CA ALA B 610 -19.19 24.34 -12.58
C ALA B 610 -20.41 25.11 -12.08
N PHE B 611 -21.59 24.68 -12.53
CA PHE B 611 -22.87 25.25 -12.14
C PHE B 611 -23.91 24.12 -12.04
N GLY B 612 -24.96 24.36 -11.29
CA GLY B 612 -26.05 23.41 -11.12
C GLY B 612 -27.41 24.05 -11.22
N MET B 613 -28.37 23.32 -11.82
CA MET B 613 -29.74 23.79 -11.97
C MET B 613 -30.77 22.86 -11.37
N LEU B 614 -31.82 23.45 -10.80
CA LEU B 614 -32.95 22.73 -10.24
C LEU B 614 -34.18 23.20 -10.97
N ASN B 615 -34.84 22.30 -11.71
CA ASN B 615 -36.03 22.60 -12.51
C ASN B 615 -35.81 23.77 -13.47
N GLY B 616 -34.65 23.79 -14.12
CA GLY B 616 -34.25 24.84 -15.06
C GLY B 616 -33.82 26.16 -14.45
N THR B 617 -33.88 26.28 -13.11
CA THR B 617 -33.48 27.50 -12.39
C THR B 617 -32.10 27.30 -11.74
N ILE B 618 -31.21 28.30 -11.89
CA ILE B 618 -29.87 28.26 -11.31
C ILE B 618 -29.91 28.12 -9.80
N LEU B 619 -29.23 27.11 -9.27
CA LEU B 619 -29.12 26.91 -7.84
C LEU B 619 -27.77 27.42 -7.37
N TRP B 620 -26.73 27.14 -8.16
CA TRP B 620 -25.35 27.55 -7.89
C TRP B 620 -24.60 27.72 -9.20
N LYS B 621 -23.66 28.67 -9.23
CA LYS B 621 -22.96 29.05 -10.43
C LYS B 621 -21.53 29.46 -10.13
N ASN B 622 -20.65 29.33 -11.14
CA ASN B 622 -19.23 29.69 -11.08
C ASN B 622 -18.50 29.13 -9.87
N VAL B 623 -18.78 27.87 -9.53
CA VAL B 623 -18.10 27.24 -8.42
C VAL B 623 -16.80 26.64 -8.94
N ARG B 624 -15.67 27.06 -8.34
CA ARG B 624 -14.35 26.61 -8.74
C ARG B 624 -14.14 25.14 -8.39
N VAL B 625 -13.74 24.35 -9.39
CA VAL B 625 -13.47 22.91 -9.27
C VAL B 625 -12.04 22.62 -9.70
N LYS B 626 -11.50 21.44 -9.34
CA LYS B 626 -10.16 21.03 -9.73
C LYS B 626 -10.11 20.86 -11.25
N TYR B 627 -9.03 21.36 -11.84
CA TYR B 627 -8.81 21.28 -13.27
C TYR B 627 -7.31 21.29 -13.57
N PRO B 628 -6.80 20.45 -14.50
CA PRO B 628 -7.53 19.48 -15.33
C PRO B 628 -8.08 18.28 -14.57
N GLY B 629 -9.11 17.70 -15.15
CA GLY B 629 -9.79 16.55 -14.62
C GLY B 629 -10.65 15.92 -15.69
N HIS B 630 -10.83 14.60 -15.61
CA HIS B 630 -11.62 13.85 -16.57
C HIS B 630 -12.20 12.59 -15.96
N GLY B 631 -13.31 12.13 -16.51
CA GLY B 631 -13.97 10.93 -16.03
C GLY B 631 -15.39 10.79 -16.54
N TRP B 632 -16.07 9.72 -16.12
CA TRP B 632 -17.43 9.39 -16.53
C TRP B 632 -18.48 10.30 -15.90
N ALA B 633 -19.71 10.18 -16.42
CA ALA B 633 -20.91 10.78 -15.86
C ALA B 633 -21.45 9.69 -14.92
N ALA B 634 -22.26 10.08 -13.91
CA ALA B 634 -22.81 9.12 -12.95
C ALA B 634 -24.10 9.59 -12.29
N ILE B 635 -24.83 8.64 -11.71
CA ILE B 635 -26.06 8.86 -10.94
C ILE B 635 -25.93 7.98 -9.68
N GLY B 636 -26.66 8.33 -8.63
CA GLY B 636 -26.65 7.52 -7.41
C GLY B 636 -27.51 8.03 -6.28
N THR B 637 -27.41 7.36 -5.12
CA THR B 637 -28.19 7.66 -3.92
C THR B 637 -27.27 7.82 -2.71
N HIS B 638 -27.69 8.60 -1.72
CA HIS B 638 -26.90 8.86 -0.51
C HIS B 638 -26.50 7.57 0.26
N THR B 639 -27.44 6.64 0.50
CA THR B 639 -27.14 5.35 1.14
C THR B 639 -27.79 4.24 0.34
N PHE B 640 -27.90 3.01 0.90
CA PHE B 640 -28.61 1.90 0.26
C PHE B 640 -30.10 2.17 0.53
N GLU B 641 -30.71 2.94 -0.39
CA GLU B 641 -32.09 3.43 -0.32
C GLU B 641 -32.76 3.44 -1.71
N PHE B 642 -34.10 3.36 -1.75
CA PHE B 642 -34.82 3.42 -3.01
C PHE B 642 -34.87 4.85 -3.57
N ALA B 643 -34.69 4.97 -4.89
CA ALA B 643 -34.77 6.23 -5.64
C ALA B 643 -34.98 5.95 -7.11
N GLN B 644 -35.59 6.90 -7.84
CA GLN B 644 -35.86 6.74 -9.27
C GLN B 644 -35.22 7.83 -10.12
N PHE B 645 -34.90 7.49 -11.36
CA PHE B 645 -34.25 8.37 -12.32
C PHE B 645 -34.96 8.27 -13.64
N ASP B 646 -35.07 9.39 -14.37
CA ASP B 646 -35.76 9.40 -15.66
C ASP B 646 -35.17 10.46 -16.58
N ASN B 647 -35.36 10.27 -17.91
CA ASN B 647 -34.95 11.21 -18.96
C ASN B 647 -33.50 11.67 -18.79
N PHE B 648 -32.58 10.70 -18.83
CA PHE B 648 -31.15 10.94 -18.67
C PHE B 648 -30.55 11.51 -19.95
N ARG B 649 -29.74 12.57 -19.81
CA ARG B 649 -29.06 13.20 -20.95
C ARG B 649 -27.64 13.61 -20.57
N VAL B 650 -26.73 13.48 -21.52
CA VAL B 650 -25.35 13.92 -21.37
C VAL B 650 -24.83 14.44 -22.71
N GLU B 651 -24.14 15.58 -22.67
CA GLU B 651 -23.42 16.12 -23.81
C GLU B 651 -22.03 16.45 -23.31
N ALA B 652 -21.01 15.90 -23.97
CA ALA B 652 -19.64 16.07 -23.52
C ALA B 652 -18.60 16.30 -24.62
N ALA B 653 -17.42 16.80 -24.21
CA ALA B 653 -16.27 17.02 -25.08
C ALA B 653 -15.08 16.26 -24.48
N ARG B 654 -14.46 15.41 -25.31
CA ARG B 654 -13.34 14.54 -24.95
C ARG B 654 -12.01 15.30 -24.94
N SER C 4 -11.01 -28.02 30.35
CA SER C 4 -12.07 -28.50 31.24
C SER C 4 -13.14 -27.42 31.40
N LEU C 5 -12.88 -26.43 32.29
CA LEU C 5 -13.73 -25.28 32.56
C LEU C 5 -13.11 -24.03 31.92
N PRO C 6 -11.76 -23.79 31.97
CA PRO C 6 -11.22 -22.61 31.27
C PRO C 6 -11.31 -22.78 29.75
N CYS C 7 -11.48 -24.04 29.30
CA CYS C 7 -11.66 -24.39 27.90
C CYS C 7 -13.03 -23.88 27.43
N ASP C 8 -14.07 -24.03 28.27
CA ASP C 8 -15.42 -23.56 27.95
C ASP C 8 -15.47 -22.05 27.88
N ILE C 9 -14.87 -21.36 28.87
CA ILE C 9 -14.83 -19.89 28.94
C ILE C 9 -14.00 -19.31 27.79
N CYS C 10 -12.79 -19.88 27.52
CA CYS C 10 -11.90 -19.46 26.43
C CYS C 10 -12.67 -19.42 25.10
N LYS C 11 -13.38 -20.53 24.79
CA LYS C 11 -14.19 -20.70 23.60
C LYS C 11 -15.28 -19.64 23.47
N THR C 12 -15.90 -19.23 24.61
CA THR C 12 -16.95 -18.21 24.68
C THR C 12 -16.37 -16.78 24.41
N VAL C 13 -15.12 -16.53 24.85
CA VAL C 13 -14.41 -15.25 24.65
C VAL C 13 -14.13 -15.07 23.14
N VAL C 14 -13.50 -16.09 22.51
CA VAL C 14 -13.18 -16.11 21.08
C VAL C 14 -14.45 -15.84 20.27
N THR C 15 -15.56 -16.50 20.64
CA THR C 15 -16.90 -16.34 20.03
C THR C 15 -17.34 -14.87 20.03
N GLU C 16 -17.29 -14.23 21.21
CA GLU C 16 -17.69 -12.83 21.35
C GLU C 16 -16.83 -11.92 20.47
N ALA C 17 -15.50 -12.11 20.52
CA ALA C 17 -14.52 -11.35 19.72
C ALA C 17 -14.78 -11.51 18.23
N GLY C 18 -15.15 -12.72 17.83
CA GLY C 18 -15.51 -13.03 16.46
C GLY C 18 -16.75 -12.26 16.06
N ASN C 19 -17.79 -12.37 16.88
CA ASN C 19 -19.07 -11.69 16.69
C ASN C 19 -18.90 -10.16 16.57
N LEU C 20 -17.84 -9.60 17.21
CA LEU C 20 -17.56 -8.17 17.12
C LEU C 20 -17.13 -7.80 15.72
N LEU C 21 -16.12 -8.51 15.17
CA LEU C 21 -15.65 -8.28 13.80
C LEU C 21 -16.72 -8.67 12.78
N LYS C 22 -17.62 -9.59 13.14
CA LYS C 22 -18.66 -10.03 12.24
C LYS C 22 -19.83 -9.07 12.18
N ASP C 23 -19.94 -8.11 13.13
CA ASP C 23 -21.01 -7.12 13.13
C ASP C 23 -21.07 -6.40 11.77
N ASN C 24 -22.29 -6.04 11.34
CA ASN C 24 -22.51 -5.32 10.10
C ASN C 24 -21.63 -4.07 10.00
N ALA C 25 -21.75 -3.17 11.02
CA ALA C 25 -21.06 -1.89 11.18
C ALA C 25 -19.53 -1.91 11.08
N THR C 26 -18.90 -3.03 11.50
CA THR C 26 -17.46 -3.24 11.57
C THR C 26 -16.70 -2.88 10.26
N GLN C 27 -17.02 -3.47 9.08
CA GLN C 27 -16.28 -3.18 7.83
C GLN C 27 -16.17 -1.68 7.52
N GLU C 28 -17.36 -1.02 7.42
CA GLU C 28 -17.49 0.40 7.15
C GLU C 28 -16.73 1.25 8.18
N GLU C 29 -16.86 0.93 9.49
CA GLU C 29 -16.18 1.61 10.60
C GLU C 29 -14.65 1.55 10.47
N ILE C 30 -14.11 0.38 10.02
CA ILE C 30 -12.68 0.18 9.83
C ILE C 30 -12.17 0.93 8.59
N LEU C 31 -12.93 0.84 7.47
CA LEU C 31 -12.54 1.55 6.25
C LEU C 31 -12.42 3.04 6.53
N HIS C 32 -13.45 3.64 7.17
CA HIS C 32 -13.49 5.05 7.54
C HIS C 32 -12.33 5.47 8.45
N TYR C 33 -11.93 4.61 9.39
CA TYR C 33 -10.80 4.90 10.25
C TYR C 33 -9.52 4.95 9.40
N LEU C 34 -9.33 3.89 8.59
CA LEU C 34 -8.14 3.71 7.76
C LEU C 34 -7.99 4.71 6.59
N GLU C 35 -9.10 5.22 6.05
CA GLU C 35 -9.08 6.21 4.98
C GLU C 35 -8.75 7.57 5.57
N LYS C 36 -9.18 7.80 6.83
CA LYS C 36 -8.93 9.05 7.54
C LYS C 36 -7.49 9.09 7.97
N THR C 37 -6.90 7.92 8.33
CA THR C 37 -5.46 7.88 8.68
C THR C 37 -4.62 8.15 7.43
N CYS C 38 -5.17 7.89 6.22
CA CYS C 38 -4.53 8.17 4.94
C CYS C 38 -4.27 9.63 4.70
N GLU C 39 -5.15 10.48 5.23
CA GLU C 39 -5.02 11.93 5.11
C GLU C 39 -3.94 12.37 6.07
N TRP C 40 -3.70 11.63 7.18
CA TRP C 40 -2.63 11.99 8.11
C TRP C 40 -1.28 11.54 7.59
N ILE C 41 -1.20 10.31 7.03
CA ILE C 41 0.02 9.71 6.50
C ILE C 41 0.57 10.47 5.28
N HIS C 42 -0.29 10.88 4.32
CA HIS C 42 0.23 11.61 3.17
C HIS C 42 -0.62 12.82 2.68
N ASP C 43 0.01 13.72 1.89
CA ASP C 43 -0.51 15.00 1.40
C ASP C 43 -1.65 14.93 0.37
N SER C 44 -1.78 16.04 -0.43
CA SER C 44 -2.77 16.30 -1.49
C SER C 44 -2.68 15.30 -2.67
N SER C 45 -1.45 15.09 -3.22
CA SER C 45 -1.15 14.20 -4.33
C SER C 45 -1.31 12.69 -4.03
N LEU C 46 -0.57 12.17 -3.03
CA LEU C 46 -0.53 10.75 -2.67
C LEU C 46 -1.65 10.26 -1.73
N SER C 47 -2.77 11.03 -1.60
CA SER C 47 -3.90 10.62 -0.75
C SER C 47 -4.67 9.45 -1.41
N ALA C 48 -4.54 9.30 -2.77
CA ALA C 48 -5.14 8.24 -3.58
C ALA C 48 -4.48 6.87 -3.35
N SER C 49 -3.10 6.77 -3.45
CA SER C 49 -2.31 5.53 -3.23
C SER C 49 -2.71 4.86 -1.93
N CYS C 50 -2.56 5.57 -0.81
CA CYS C 50 -2.92 5.10 0.51
C CYS C 50 -4.35 4.57 0.52
N LYS C 51 -5.33 5.44 0.20
CA LYS C 51 -6.74 5.09 0.18
C LYS C 51 -7.03 3.87 -0.66
N GLU C 52 -6.39 3.75 -1.85
CA GLU C 52 -6.54 2.62 -2.79
C GLU C 52 -6.07 1.30 -2.13
N VAL C 53 -4.86 1.30 -1.53
CA VAL C 53 -4.28 0.16 -0.82
C VAL C 53 -5.27 -0.36 0.25
N VAL C 54 -5.85 0.57 1.04
CA VAL C 54 -6.84 0.27 2.08
C VAL C 54 -8.10 -0.43 1.48
N ASP C 55 -8.70 0.17 0.46
CA ASP C 55 -9.90 -0.35 -0.17
C ASP C 55 -9.63 -1.61 -1.03
N SER C 56 -8.35 -2.01 -1.15
CA SER C 56 -7.93 -3.18 -1.91
C SER C 56 -7.64 -4.37 -1.05
N TYR C 57 -7.16 -4.15 0.17
CA TYR C 57 -6.76 -5.28 1.01
C TYR C 57 -7.51 -5.40 2.31
N LEU C 58 -8.09 -4.30 2.85
CA LEU C 58 -8.83 -4.40 4.12
C LEU C 58 -9.88 -5.48 4.13
N PRO C 59 -10.75 -5.63 3.09
CA PRO C 59 -11.77 -6.70 3.18
C PRO C 59 -11.13 -8.06 3.39
N VAL C 60 -10.18 -8.40 2.50
CA VAL C 60 -9.45 -9.65 2.50
C VAL C 60 -8.78 -9.91 3.83
N ILE C 61 -8.18 -8.88 4.46
CA ILE C 61 -7.53 -9.02 5.77
C ILE C 61 -8.58 -9.30 6.86
N LEU C 62 -9.56 -8.39 7.02
CA LEU C 62 -10.63 -8.54 8.02
C LEU C 62 -11.36 -9.90 7.93
N ASP C 63 -11.81 -10.29 6.72
CA ASP C 63 -12.51 -11.58 6.47
C ASP C 63 -11.64 -12.79 6.80
N MET C 64 -10.32 -12.64 6.60
CA MET C 64 -9.32 -13.66 6.89
C MET C 64 -9.24 -13.91 8.37
N ILE C 65 -9.23 -12.82 9.18
CA ILE C 65 -9.22 -12.87 10.66
C ILE C 65 -10.52 -13.50 11.17
N LYS C 66 -11.69 -13.06 10.64
CA LYS C 66 -13.01 -13.62 10.97
C LYS C 66 -13.00 -15.16 10.76
N GLY C 67 -12.23 -15.61 9.76
CA GLY C 67 -12.03 -17.02 9.42
C GLY C 67 -11.43 -17.80 10.58
N GLU C 68 -10.37 -17.24 11.23
CA GLU C 68 -9.71 -17.86 12.37
C GLU C 68 -10.51 -17.79 13.64
N MET C 69 -11.25 -16.69 13.86
CA MET C 69 -12.13 -16.49 15.01
C MET C 69 -13.33 -17.45 14.94
N SER C 70 -13.64 -17.94 13.73
CA SER C 70 -14.75 -18.86 13.51
C SER C 70 -14.51 -20.26 14.06
N ASN C 71 -13.24 -20.65 14.33
CA ASN C 71 -12.93 -21.94 14.94
C ASN C 71 -12.40 -21.68 16.38
N PRO C 72 -13.30 -21.52 17.39
CA PRO C 72 -12.82 -21.18 18.75
C PRO C 72 -11.98 -22.26 19.43
N GLY C 73 -12.29 -23.52 19.14
CA GLY C 73 -11.55 -24.65 19.67
C GLY C 73 -10.08 -24.56 19.30
N GLU C 74 -9.82 -24.35 18.00
CA GLU C 74 -8.48 -24.23 17.42
C GLU C 74 -7.67 -23.09 18.05
N VAL C 75 -8.32 -21.92 18.27
CA VAL C 75 -7.69 -20.73 18.87
C VAL C 75 -7.17 -21.08 20.27
N CYS C 76 -8.07 -21.62 21.10
CA CYS C 76 -7.79 -22.02 22.47
C CYS C 76 -6.68 -23.06 22.57
N SER C 77 -6.62 -24.00 21.60
CA SER C 77 -5.60 -25.07 21.51
C SER C 77 -4.20 -24.51 21.35
N ALA C 78 -4.09 -23.40 20.58
CA ALA C 78 -2.86 -22.67 20.31
C ALA C 78 -2.47 -21.83 21.53
N LEU C 79 -3.47 -21.31 22.26
CA LEU C 79 -3.25 -20.53 23.47
C LEU C 79 -3.02 -21.39 24.72
N ASN C 80 -3.00 -22.74 24.55
CA ASN C 80 -2.78 -23.78 25.57
C ASN C 80 -3.80 -23.68 26.73
N LEU C 81 -5.07 -23.53 26.35
CA LEU C 81 -6.22 -23.44 27.26
C LEU C 81 -7.21 -24.56 26.92
N CYS C 82 -6.95 -25.27 25.79
CA CYS C 82 -7.69 -26.42 25.24
C CYS C 82 -6.70 -27.35 24.51
N GLN C 83 -6.98 -28.68 24.52
CA GLN C 83 -6.27 -29.80 23.87
C GLN C 83 -6.61 -31.11 24.59
N SER D 4 -17.03 -11.86 37.42
CA SER D 4 -16.85 -12.71 38.60
C SER D 4 -15.79 -13.77 38.30
N LEU D 5 -16.19 -14.87 37.64
CA LEU D 5 -15.34 -15.98 37.21
C LEU D 5 -15.06 -15.87 35.71
N PRO D 6 -16.02 -15.51 34.81
CA PRO D 6 -15.67 -15.38 33.38
C PRO D 6 -14.80 -14.16 33.15
N CYS D 7 -14.82 -13.20 34.09
CA CYS D 7 -14.02 -11.99 34.03
C CYS D 7 -12.55 -12.33 34.26
N ASP D 8 -12.28 -13.29 35.16
CA ASP D 8 -10.94 -13.73 35.47
C ASP D 8 -10.34 -14.53 34.30
N ILE D 9 -11.13 -15.44 33.69
CA ILE D 9 -10.69 -16.25 32.54
C ILE D 9 -10.50 -15.38 31.29
N CYS D 10 -11.48 -14.50 30.99
CA CYS D 10 -11.43 -13.58 29.85
C CYS D 10 -10.10 -12.84 29.84
N LYS D 11 -9.76 -12.21 30.98
CA LYS D 11 -8.55 -11.44 31.20
C LYS D 11 -7.29 -12.25 30.88
N THR D 12 -7.27 -13.54 31.27
CA THR D 12 -6.14 -14.44 31.01
C THR D 12 -6.01 -14.84 29.54
N VAL D 13 -7.14 -14.91 28.81
CA VAL D 13 -7.15 -15.25 27.38
C VAL D 13 -6.43 -14.12 26.59
N VAL D 14 -6.87 -12.86 26.80
CA VAL D 14 -6.36 -11.62 26.21
C VAL D 14 -4.83 -11.50 26.46
N THR D 15 -4.40 -11.95 27.64
CA THR D 15 -3.01 -11.95 28.08
C THR D 15 -2.17 -12.96 27.33
N GLU D 16 -2.70 -14.17 27.12
CA GLU D 16 -2.00 -15.22 26.37
C GLU D 16 -1.81 -14.81 24.91
N ALA D 17 -2.88 -14.34 24.27
CA ALA D 17 -2.85 -13.86 22.89
C ALA D 17 -1.90 -12.66 22.78
N GLY D 18 -2.07 -11.68 23.67
CA GLY D 18 -1.21 -10.50 23.75
C GLY D 18 0.27 -10.84 23.85
N ASN D 19 0.60 -11.80 24.73
CA ASN D 19 1.97 -12.27 24.92
C ASN D 19 2.48 -13.04 23.71
N LEU D 20 1.57 -13.72 22.97
CA LEU D 20 1.92 -14.49 21.78
C LEU D 20 2.45 -13.57 20.67
N LEU D 21 1.78 -12.41 20.44
CA LEU D 21 2.19 -11.38 19.47
C LEU D 21 3.45 -10.67 19.94
N LYS D 22 3.61 -10.63 21.28
CA LYS D 22 4.74 -9.99 21.91
C LYS D 22 6.01 -10.84 21.84
N ASP D 23 5.92 -12.14 21.47
CA ASP D 23 7.11 -12.98 21.32
C ASP D 23 8.10 -12.33 20.37
N ASN D 24 9.41 -12.51 20.63
CA ASN D 24 10.48 -11.97 19.79
C ASN D 24 10.28 -12.35 18.32
N ALA D 25 10.16 -13.67 18.05
CA ALA D 25 10.00 -14.30 16.73
C ALA D 25 8.83 -13.78 15.86
N THR D 26 7.73 -13.35 16.50
CA THR D 26 6.49 -12.87 15.88
C THR D 26 6.69 -11.82 14.76
N GLN D 27 7.36 -10.65 15.03
CA GLN D 27 7.54 -9.60 14.00
C GLN D 27 8.14 -10.15 12.70
N GLU D 28 9.35 -10.74 12.81
CA GLU D 28 10.08 -11.33 11.69
C GLU D 28 9.25 -12.37 10.95
N GLU D 29 8.51 -13.23 11.71
CA GLU D 29 7.65 -14.26 11.14
C GLU D 29 6.57 -13.64 10.24
N ILE D 30 5.91 -12.60 10.75
CA ILE D 30 4.85 -11.91 10.00
C ILE D 30 5.40 -11.20 8.77
N LEU D 31 6.57 -10.54 8.93
CA LEU D 31 7.25 -9.85 7.85
C LEU D 31 7.46 -10.81 6.73
N HIS D 32 8.13 -11.93 7.00
CA HIS D 32 8.42 -12.97 6.01
C HIS D 32 7.20 -13.46 5.29
N TYR D 33 6.11 -13.75 6.04
CA TYR D 33 4.86 -14.21 5.45
C TYR D 33 4.30 -13.21 4.41
N LEU D 34 4.14 -11.95 4.80
CA LEU D 34 3.62 -10.91 3.94
C LEU D 34 4.55 -10.58 2.77
N GLU D 35 5.87 -10.57 3.02
CA GLU D 35 6.88 -10.33 1.99
C GLU D 35 6.79 -11.45 0.95
N LYS D 36 6.53 -12.70 1.40
CA LYS D 36 6.34 -13.85 0.53
C LYS D 36 5.09 -13.64 -0.30
N THR D 37 3.89 -13.39 0.32
CA THR D 37 2.58 -13.20 -0.36
C THR D 37 2.62 -12.13 -1.45
N CYS D 38 3.62 -11.25 -1.36
CA CYS D 38 3.92 -10.19 -2.31
C CYS D 38 4.39 -10.70 -3.65
N GLU D 39 4.96 -11.90 -3.66
CA GLU D 39 5.40 -12.57 -4.87
C GLU D 39 4.18 -13.25 -5.50
N TRP D 40 3.16 -13.60 -4.70
CA TRP D 40 1.94 -14.20 -5.25
C TRP D 40 1.07 -13.10 -5.87
N ILE D 41 0.90 -11.98 -5.15
CA ILE D 41 0.06 -10.84 -5.54
C ILE D 41 0.58 -10.14 -6.81
N HIS D 42 1.91 -9.95 -6.91
CA HIS D 42 2.50 -9.26 -8.04
C HIS D 42 3.66 -9.96 -8.73
N ASP D 43 3.84 -9.63 -10.00
CA ASP D 43 4.85 -10.12 -10.93
C ASP D 43 6.28 -9.61 -10.64
N SER D 44 7.18 -9.73 -11.66
CA SER D 44 8.59 -9.34 -11.66
C SER D 44 8.82 -7.83 -11.37
N SER D 45 8.04 -6.95 -12.06
CA SER D 45 8.12 -5.49 -11.94
C SER D 45 7.63 -4.92 -10.59
N LEU D 46 6.35 -5.18 -10.25
CA LEU D 46 5.67 -4.65 -9.07
C LEU D 46 5.91 -5.43 -7.74
N SER D 47 6.92 -6.32 -7.68
CA SER D 47 7.28 -7.06 -6.45
C SER D 47 7.85 -6.11 -5.37
N ALA D 48 8.44 -4.97 -5.80
CA ALA D 48 9.01 -3.92 -4.95
C ALA D 48 7.95 -3.10 -4.18
N SER D 49 6.92 -2.55 -4.89
CA SER D 49 5.80 -1.76 -4.31
C SER D 49 5.19 -2.48 -3.11
N CYS D 50 4.67 -3.71 -3.34
CA CYS D 50 4.07 -4.54 -2.33
C CYS D 50 5.02 -4.70 -1.14
N LYS D 51 6.24 -5.25 -1.39
CA LYS D 51 7.24 -5.47 -0.35
C LYS D 51 7.56 -4.22 0.45
N GLU D 52 7.71 -3.06 -0.23
CA GLU D 52 7.98 -1.75 0.40
C GLU D 52 6.86 -1.33 1.36
N VAL D 53 5.58 -1.44 0.93
CA VAL D 53 4.38 -1.11 1.73
C VAL D 53 4.40 -1.93 3.04
N VAL D 54 4.65 -3.25 2.89
CA VAL D 54 4.75 -4.22 3.97
C VAL D 54 5.77 -3.72 5.02
N ASP D 55 7.04 -3.55 4.61
CA ASP D 55 8.17 -3.12 5.44
C ASP D 55 7.98 -1.75 6.06
N SER D 56 6.94 -1.01 5.61
CA SER D 56 6.66 0.33 6.12
C SER D 56 5.59 0.40 7.19
N TYR D 57 4.51 -0.38 7.02
CA TYR D 57 3.35 -0.26 7.90
C TYR D 57 3.11 -1.39 8.87
N LEU D 58 3.52 -2.63 8.56
CA LEU D 58 3.37 -3.76 9.48
C LEU D 58 3.88 -3.39 10.88
N PRO D 59 5.09 -2.77 11.01
CA PRO D 59 5.59 -2.39 12.35
C PRO D 59 4.59 -1.62 13.20
N VAL D 60 4.11 -0.49 12.66
CA VAL D 60 3.14 0.40 13.24
C VAL D 60 1.84 -0.30 13.58
N ILE D 61 1.30 -1.11 12.63
CA ILE D 61 0.03 -1.83 12.80
C ILE D 61 0.11 -2.87 13.89
N LEU D 62 1.07 -3.81 13.76
CA LEU D 62 1.27 -4.89 14.73
C LEU D 62 1.45 -4.32 16.15
N ASP D 63 2.40 -3.38 16.35
CA ASP D 63 2.67 -2.76 17.65
C ASP D 63 1.48 -2.02 18.22
N MET D 64 0.58 -1.57 17.35
CA MET D 64 -0.61 -0.85 17.77
C MET D 64 -1.63 -1.80 18.40
N ILE D 65 -1.76 -3.01 17.81
CA ILE D 65 -2.64 -4.09 18.29
C ILE D 65 -2.16 -4.57 19.65
N LYS D 66 -0.82 -4.78 19.78
CA LYS D 66 -0.11 -5.17 21.00
C LYS D 66 -0.42 -4.21 22.15
N GLY D 67 -0.74 -2.96 21.80
CA GLY D 67 -1.16 -1.94 22.74
C GLY D 67 -2.50 -2.25 23.34
N GLU D 68 -3.51 -2.53 22.49
CA GLU D 68 -4.88 -2.85 22.94
C GLU D 68 -4.96 -4.14 23.74
N MET D 69 -4.14 -5.14 23.38
CA MET D 69 -4.06 -6.42 24.07
C MET D 69 -3.43 -6.24 25.44
N SER D 70 -2.68 -5.13 25.63
CA SER D 70 -2.00 -4.84 26.89
C SER D 70 -2.95 -4.38 28.00
N ASN D 71 -4.20 -3.98 27.67
CA ASN D 71 -5.20 -3.64 28.69
C ASN D 71 -6.30 -4.72 28.65
N PRO D 72 -6.12 -5.88 29.36
CA PRO D 72 -7.11 -6.97 29.27
C PRO D 72 -8.48 -6.64 29.85
N GLY D 73 -8.50 -5.81 30.89
CA GLY D 73 -9.74 -5.38 31.52
C GLY D 73 -10.65 -4.68 30.51
N GLU D 74 -10.06 -3.71 29.78
CA GLU D 74 -10.74 -2.92 28.76
C GLU D 74 -11.31 -3.78 27.63
N VAL D 75 -10.55 -4.80 27.17
CA VAL D 75 -10.96 -5.73 26.11
C VAL D 75 -12.22 -6.48 26.56
N CYS D 76 -12.17 -7.04 27.77
CA CYS D 76 -13.25 -7.79 28.41
C CYS D 76 -14.53 -6.97 28.61
N SER D 77 -14.37 -5.68 28.91
CA SER D 77 -15.46 -4.73 29.11
C SER D 77 -16.28 -4.53 27.83
N ALA D 78 -15.56 -4.49 26.68
CA ALA D 78 -16.12 -4.36 25.34
C ALA D 78 -16.77 -5.66 24.90
N LEU D 79 -16.21 -6.81 25.35
CA LEU D 79 -16.71 -8.16 25.06
C LEU D 79 -17.91 -8.58 25.94
N ASN D 80 -18.28 -7.69 26.88
CA ASN D 80 -19.38 -7.84 27.85
C ASN D 80 -19.19 -9.07 28.75
N LEU D 81 -17.99 -9.24 29.29
CA LEU D 81 -17.61 -10.31 30.22
C LEU D 81 -17.11 -9.65 31.52
N CYS D 82 -16.86 -8.31 31.46
CA CYS D 82 -16.40 -7.45 32.56
C CYS D 82 -17.07 -6.07 32.42
N GLN D 83 -17.32 -5.39 33.58
CA GLN D 83 -17.90 -4.03 33.77
C GLN D 83 -18.48 -3.91 35.18
C1 NAG E . -7.59 28.06 21.59
C2 NAG E . -8.19 28.85 22.74
C3 NAG E . -9.60 29.31 22.34
C4 NAG E . -9.58 30.04 20.99
C5 NAG E . -8.87 29.16 19.94
C6 NAG E . -8.68 29.82 18.59
C7 NAG E . -7.59 28.06 25.00
C8 NAG E . -7.70 26.93 25.96
N2 NAG E . -8.27 27.92 23.85
O3 NAG E . -10.06 30.15 23.38
O4 NAG E . -10.92 30.25 20.57
O5 NAG E . -7.56 28.83 20.40
O6 NAG E . -8.13 28.89 17.66
O7 NAG E . -6.92 29.07 25.24
C1 NAG E . -11.44 31.58 20.32
C2 NAG E . -11.49 32.46 21.57
C3 NAG E . -12.18 33.77 21.19
C4 NAG E . -11.50 34.43 20.00
C5 NAG E . -11.38 33.46 18.83
C6 NAG E . -10.57 33.98 17.68
C7 NAG E . -12.04 32.11 23.98
C8 NAG E . -12.83 31.27 24.94
N2 NAG E . -12.19 31.80 22.67
O3 NAG E . -12.19 34.67 22.29
O4 NAG E . -12.25 35.58 19.61
O5 NAG E . -10.73 32.26 19.28
O6 NAG E . -10.38 32.97 16.69
O7 NAG E . -11.28 33.00 24.36
C1 NAG F . 13.01 44.85 24.98
C2 NAG F . 12.89 45.68 26.26
C3 NAG F . 14.26 46.02 26.83
C4 NAG F . 15.18 44.79 26.87
C5 NAG F . 15.16 44.02 25.55
C6 NAG F . 15.90 42.69 25.62
C7 NAG F . 12.44 47.87 25.16
C8 NAG F . 11.49 49.03 25.10
N2 NAG F . 12.11 46.88 26.02
O3 NAG F . 14.03 46.48 28.16
O4 NAG F . 16.51 45.17 27.18
O5 NAG F . 13.81 43.70 25.21
O6 NAG F . 15.72 42.04 26.88
O7 NAG F . 13.45 47.83 24.46
C1 NAG F . 17.00 44.76 28.45
C2 NAG F . 18.51 44.98 28.54
C3 NAG F . 18.97 44.51 29.92
C4 NAG F . 18.20 45.20 31.03
C5 NAG F . 16.70 45.04 30.81
C6 NAG F . 15.85 45.84 31.75
C7 NAG F . 19.43 44.73 26.28
C8 NAG F . 20.20 43.83 25.35
N2 NAG F . 19.20 44.23 27.50
O3 NAG F . 20.37 44.76 30.06
O4 NAG F . 18.55 44.61 32.28
O5 NAG F . 16.37 45.52 29.49
O6 NAG F . 14.51 45.94 31.28
O7 NAG F . 19.04 45.84 25.94
C1 NAG G . 29.87 0.25 -16.77
C2 NAG G . 29.92 1.49 -17.67
C3 NAG G . 29.09 1.21 -18.92
C4 NAG G . 29.54 -0.09 -19.59
C5 NAG G . 29.52 -1.24 -18.58
C6 NAG G . 30.04 -2.55 -19.14
C7 NAG G . 30.10 3.49 -16.24
C8 NAG G . 29.37 4.65 -15.64
N2 NAG G . 29.36 2.62 -16.93
O3 NAG G . 29.21 2.29 -19.83
O4 NAG G . 28.70 -0.36 -20.70
O5 NAG G . 30.35 -0.90 -17.46
O6 NAG G . 31.19 -2.37 -19.96
O7 NAG G . 31.32 3.36 -16.12
C1 NAG G . 29.32 -0.52 -21.97
C2 NAG G . 28.28 -1.00 -22.97
C3 NAG G . 28.93 -1.21 -24.33
C4 NAG G . 29.69 0.05 -24.78
C5 NAG G . 30.62 0.54 -23.67
C6 NAG G . 31.26 1.89 -23.96
C7 NAG G . 26.47 -2.39 -22.01
C8 NAG G . 26.07 -3.78 -21.61
N2 NAG G . 27.72 -2.26 -22.48
O3 NAG G . 27.92 -1.53 -25.28
O4 NAG G . 30.46 -0.25 -25.94
O5 NAG G . 29.90 0.70 -22.44
O6 NAG G . 30.42 2.97 -23.55
O7 NAG G . 25.70 -1.43 -21.92
C1 BMA G . 30.10 0.36 -27.18
C2 BMA G . 31.36 0.69 -27.98
C3 BMA G . 30.98 1.38 -29.29
C4 BMA G . 29.94 0.57 -30.06
C5 BMA G . 28.76 0.17 -29.17
C6 BMA G . 27.79 -0.79 -29.81
O2 BMA G . 32.12 -0.48 -28.22
O3 BMA G . 32.14 1.60 -30.09
O4 BMA G . 29.45 1.36 -31.15
O5 BMA G . 29.24 -0.48 -27.98
O6 BMA G . 26.74 -1.16 -28.94
C1 NAG H . 2.33 -35.14 -10.63
C2 NAG H . 2.36 -36.66 -10.60
C3 NAG H . 3.79 -37.14 -10.37
C4 NAG H . 4.79 -36.46 -11.32
C5 NAG H . 4.59 -34.95 -11.31
C6 NAG H . 5.43 -34.20 -12.32
C7 NAG H . 0.38 -37.72 -9.58
C8 NAG H . -0.43 -37.86 -8.33
N2 NAG H . 1.52 -37.02 -9.47
O3 NAG H . 3.78 -38.55 -10.59
O4 NAG H . 6.11 -36.74 -10.83
O5 NAG H . 3.23 -34.64 -11.60
O6 NAG H . 5.23 -32.79 -12.21
O7 NAG H . 0.02 -38.22 -10.65
C1 NAG H . 7.11 -37.41 -11.63
C2 NAG H . 6.76 -38.87 -11.91
C3 NAG H . 8.02 -39.48 -12.54
C4 NAG H . 8.39 -38.72 -13.82
C5 NAG H . 8.55 -37.23 -13.56
C6 NAG H . 8.67 -36.41 -14.82
C7 NAG H . 5.62 -40.73 -10.70
C8 NAG H . 5.32 -41.31 -9.35
N2 NAG H . 6.39 -39.62 -10.70
O3 NAG H . 7.82 -40.86 -12.84
O4 NAG H . 9.60 -39.28 -14.33
O5 NAG H . 7.41 -36.72 -12.84
O6 NAG H . 8.69 -35.02 -14.52
O7 NAG H . 5.20 -41.24 -11.73
C1 NAG I . -10.68 -39.79 -33.65
C2 NAG I . -11.04 -41.25 -33.91
C3 NAG I . -12.30 -41.38 -34.78
C4 NAG I . -13.42 -40.47 -34.28
C5 NAG I . -12.91 -39.04 -34.02
C6 NAG I . -13.95 -38.14 -33.37
C7 NAG I . -9.36 -41.69 -35.70
C8 NAG I . -8.20 -42.55 -36.10
N2 NAG I . -9.93 -41.98 -34.52
O3 NAG I . -12.74 -42.73 -34.68
O4 NAG I . -14.50 -40.45 -35.21
O5 NAG I . -11.81 -39.11 -33.11
O6 NAG I . -14.70 -38.82 -32.37
O7 NAG I . -9.76 -40.77 -36.42
C1 NAG I . -15.71 -41.04 -34.79
C2 NAG I . -16.85 -40.68 -35.73
C3 NAG I . -18.12 -41.33 -35.16
C4 NAG I . -17.95 -42.83 -34.98
C5 NAG I . -16.68 -43.12 -34.16
C6 NAG I . -16.31 -44.58 -34.07
C7 NAG I . -16.37 -38.48 -36.70
C8 NAG I . -16.72 -37.02 -36.69
N2 NAG I . -17.00 -39.24 -35.81
O3 NAG I . -19.23 -41.07 -36.03
O4 NAG I . -19.10 -43.36 -34.31
O5 NAG I . -15.57 -42.46 -34.76
O6 NAG I . -15.01 -44.72 -33.51
O7 NAG I . -15.53 -38.93 -37.48
C1 NAG J . -12.73 22.33 -21.84
C2 NAG J . -11.90 22.33 -23.13
C3 NAG J . -10.62 23.15 -22.86
C4 NAG J . -10.96 24.54 -22.32
C5 NAG J . -11.86 24.41 -21.08
C6 NAG J . -12.33 25.74 -20.52
C7 NAG J . -12.25 20.20 -24.32
C8 NAG J . -11.69 18.84 -24.61
N2 NAG J . -11.54 20.96 -23.47
O3 NAG J . -9.88 23.28 -24.07
O4 NAG J . -9.76 25.23 -21.99
O5 NAG J . -13.04 23.66 -21.44
O6 NAG J . -12.70 26.65 -21.55
O7 NAG J . -13.30 20.59 -24.83
C1 NAG J . -9.56 26.50 -22.60
C2 NAG J . -8.31 27.12 -21.97
C3 NAG J . -8.07 28.51 -22.60
C4 NAG J . -8.03 28.43 -24.12
C5 NAG J . -9.23 27.66 -24.68
C6 NAG J . -9.12 27.34 -26.15
C7 NAG J . -7.87 26.53 -19.63
C8 NAG J . -8.20 26.84 -18.20
N2 NAG J . -8.53 27.26 -20.54
O3 NAG J . -6.85 29.03 -22.09
O4 NAG J . -8.04 29.76 -24.65
O5 NAG J . -9.37 26.39 -24.00
O6 NAG J . -8.36 26.17 -26.40
O7 NAG J . -7.07 25.66 -19.94
C1 BMA J . -6.87 30.24 -25.32
C2 BMA J . -7.28 31.10 -26.52
C3 BMA J . -6.03 31.58 -27.25
C4 BMA J . -5.02 32.25 -26.30
C5 BMA J . -4.77 31.38 -25.06
C6 BMA J . -3.95 32.07 -24.00
O2 BMA J . -8.06 32.21 -26.08
O3 BMA J . -6.37 32.47 -28.32
O4 BMA J . -3.79 32.47 -26.99
O5 BMA J . -6.02 31.00 -24.45
O6 BMA J . -3.78 31.24 -22.85
C1 NAG K . -9.25 34.02 -5.70
C2 NAG K . -10.07 33.49 -6.87
C3 NAG K . -9.98 34.48 -8.03
C4 NAG K . -10.45 35.87 -7.59
C5 NAG K . -9.68 36.34 -6.35
C6 NAG K . -10.21 37.63 -5.75
C7 NAG K . -10.15 31.04 -6.94
C8 NAG K . -9.53 29.80 -7.52
N2 NAG K . -9.56 32.19 -7.27
O3 NAG K . -10.77 34.03 -9.13
O4 NAG K . -10.27 36.80 -8.66
O5 NAG K . -9.73 35.33 -5.32
O6 NAG K . -11.32 37.45 -4.88
O7 NAG K . -11.13 30.99 -6.21
CA CA L . 43.30 -1.52 10.52
C1 NAG M . 20.83 -18.23 -23.55
C2 NAG M . 21.97 -17.33 -23.08
C3 NAG M . 22.86 -16.96 -24.26
C4 NAG M . 23.38 -18.22 -24.96
C5 NAG M . 22.21 -19.13 -25.35
C6 NAG M . 22.64 -20.47 -25.91
C7 NAG M . 21.35 -15.94 -21.13
C8 NAG M . 20.83 -14.61 -20.68
N2 NAG M . 21.42 -16.12 -22.45
O3 NAG M . 23.97 -16.18 -23.82
O4 NAG M . 24.13 -17.86 -26.12
O5 NAG M . 21.37 -19.40 -24.21
O6 NAG M . 23.01 -21.43 -24.91
O7 NAG M . 21.70 -16.81 -20.33
CA CA N . -39.51 8.04 -18.86
#